data_6NQB
#
_entry.id   6NQB
#
_cell.length_a   1
_cell.length_b   1
_cell.length_c   1
_cell.angle_alpha   90.00
_cell.angle_beta   90.00
_cell.angle_gamma   90.00
#
_symmetry.space_group_name_H-M   'P 1'
#
loop_
_entity.id
_entity.type
_entity.pdbx_description
1 polymer '30S ribosomal protein S3'
2 polymer '30S ribosomal protein S10'
3 polymer '30S ribosomal protein S14'
4 polymer '30S ribosomal protein S19'
5 polymer '16S RIBOSOMAL RNA'
6 polymer '30S ribosomal protein S4'
7 polymer '30S ribosomal protein S5'
8 polymer '30S ribosomal protein S6'
9 polymer '30S ribosomal protein S8'
10 polymer '30S ribosomal protein S12'
11 polymer '30S ribosomal protein S15'
12 polymer '30S RIBOSOMAL PROTEIN bS16'
13 polymer '30S ribosomal protein S17'
14 polymer '30S ribosomal protein S18'
15 polymer '30S ribosomal protein S20'
16 polymer '30S ribosomal protein S2'
17 non-polymer 'MAGNESIUM ION'
#
loop_
_entity_poly.entity_id
_entity_poly.type
_entity_poly.pdbx_seq_one_letter_code
_entity_poly.pdbx_strand_id
1 'polypeptide(L)'
;GQKVHPNGIRLGIVKPWNSTWFANTKEFADNLDSDFKVRQYLTKELAKASVSRIVIERPAKSIRVTIHTARPGIVIGKKG
EDVEKLRKVVADIAGVPAQINIAEVRKPELDAKLVADSITSQLERRVMFRRAMKRAVQNAMRLGAKGIKVEVSGRLGGAE
IARTEWYREGRVPLHTLRADIDYNTSEAHTTYGVIGVKVWIFKGEI
;
C
2 'polypeptide(L)'
;RIRIRLKAFDHRLIDQATAEIVETAKRTGAQVRGPIPLPTRKERFTVLISPHVNKDARDQYEIRTHLRLVDIVEPTEKTV
DALMRLDLAAGVDVQISL
;
J
3 'polypeptide(L)'
;AKQSMKAREVKRVALADKYFAKRAELKAIISDVNASDERWNAVLKLQTLPRDSSPSRQRNRCRQTGRPHGFLRKFGLSRI
KVREAAMRGEIPGLKKASW
;
N
4 'polypeptide(L)' GPFIDLHLLKKVEKAVESGDKKPLRTWSRRSTIFPNMIGLTIAVHNGRQHVPVFVTDEMVGHKLGEFAPTRTYR S
5 'polyribonucleotide'
;AAAUUGAAGAGUUUGAUCAUGGCUCAGAUUGAACGCUGGCGGCAGGCCUAACACAUGCAAGUCGAACGGUAACAGGAAGA
AGCUUGCUUCUUUGCUGACGAGUGGCGGACGGGUGAGUAAUGUCUGGGAAACUGCCUGAUGGAGGGGGAUAACUACUGGA
AACGGUAGCUAAUACCGCAUAACGUCGCAAGACCAAAGAGGGGGACCUUCGGGCCUCUUGCCAUCGGAUGUGCCCAGAUG
GGAUUAGCUAGUAGGUGGGGUAACGGCUCACCUAGGCGACGAUCCCUAGCUGGUCUGAGAGGAUGACCAGCCACACUGGA
ACUGAGACACGGUCCAGACUCCUACGGGAGGCAGCAGUGGGGAAUAUUGCACAAUGGGCGCAAGCCUGAUGCAGCCAUGC
CGCGUGUAUGAAGAAGGCCUUCGGGUUGUAAAGUACUUUCAGCGGGGAGGAAGGGAGUAAAGUUAAUACCUUUGCUCAUU
GACGUUACCCGCAGAAGAAGCACCGGCUAACUCCGUGCCAGCAGCCGCGGUAAUACGGAGGGUGCAAGCGUUAAUCGGAA
UUACUGGGCGUAAAGCGCACGCAGGCGGUUUGUUAAGUCAGAUGUGAAAUCCCCGGGCUCAACCUGGGAACUGCAUCUGA
UACUGGCAAGCUUGAGUCUCGUAGAGGGGGGUAGAAUUCCAGGUGUAGCGGUGAAAUGCGUAGAGAUCUGGAGGAAUACC
GGUGGCGAAGGCGGCCCCCUGGACGAAGACUGACGCUCAGGUGCGAAAGCGUGGGGAGCAAACAGGAUUAGAUACCCUGG
UAGUCCACGCCGUAAACGAUGUCGACUUGGAGGUUGUGCCCUUGAGGCGUGGCUUCCGGAGCUAACGCGUUAAGUCGACC
GCCUGGGGAGUACGGCCGCAAGGUUAAAACUCAAAUGAAUUGACGGGGGCCCGCACAAGCGGUGGAGCAUGUGGUUUAAU
UCGAUGCAACGCGAAGAACCUUACCUGGUCUUGACAUCCACGGAAGUUUUCAGAGAUGAGAAUGUGCCUUCGGGAACCGU
GAGACAGGUGCUGCAUGGCUGUCGUCAGCUCGUGUUGUGAAAUGUUGGGUUAAGUCCCGCAACGAGCGCAACCCUUAUCC
UUUGUUGCCAGCGGUCCGGCCGGGAACUCAAAGGAGACUGCCAGUGAUAAACUGGAGGAAGGUGGGGAUGACGUCAAGUC
AUCAUGGCCCUUACGACCAGGGCUACACACGUGCUACAAUGGCGCAUACAAAGAGAAGCGACCUCGCGAGAGCAAGCGGA
CCUCAUAAAGUGCGUCGUAGUCCGGAUUGGAGUCUGCAACUCGACUCCAUGAAGUCGGAAUCGCUAGUAAUCGUGGAUCA
GAAUGCCACGGUGAAUACGUUCCCGGGCCUUGUACACACCGCCCGUCACACCAUGGGAGUGGGUUGCAAAAGAAGUAGGU
AGCUUAACCUUCGGGAGGGCGCUUACCACUUUGUGAUUCAUGACUGGGGUGAAGUCGUAACAAGGUAACCGUAGGGGAAC
CUGCGGUUGGAUCACCUCCUUA
;
A
6 'polypeptide(L)'
;ARYLGPKLKLSRREGTDLFLKSGVRAIDTKCKIEQAPGQHGARKPRLSDYGVQLREKQKVRRIYGVLERQFRNYYKEAAR
LKGNTGENLLALLEGRLDNVVYRMGFGATRAEARQLVSHKAIMVNGRVVNIASYQVSPNDVVSIREKAKKQSRVKAALEL
AEQREKPTWLEVDAGKMEGTFKRKPERSDLSADINEHLIVELYSK
;
D
7 'polypeptide(L)'
;ELQEKLIAVNRVSKTVKGGRIFSFTALTVVGDGNGRVGFGYGKAREVPAAIQKAMEKARRNMINVALNNGTLQHPVKGVH
TGSRVFMQPASEGTGIIAGGAMRAVLEVAGVHNVLAKAYGSTNPINVVRATIDGLENMNSPEMVAAKRG
;
E
8 'polypeptide(L)'
;MRHYEIVFMVHPDQSEQVPGMIERYTAAITGAEGKIHRLEDWGRRQLAYPINKLHKAHYVLMNVEAPQEVIDELETTFRF
NDAVIRSMVMRTK
;
F
9 'polypeptide(L)'
;SMQDPIADMLTRIRNGQAANKAAVTMPSSKLKVAIANVLKEEGFIEDFKVEGDTKPELELTLKYFQGKAVVESIQRVSRP
GLRIYKRKDELPKVMAGLGIAVVSTSKGVMTDRAARQAGLGGEIICYVA
;
H
10 'polypeptide(L)'
;ATVNQLVRKPRARKVAKSNVPALEACPQKRGVCTRVYTTTPKKPNSALRKVCRVRLTNGFEVTSYIGGEGHNLQEHSVIL
IRGGRVKDLPGVRYHTVRGALDCSGVKDRKQARSKYGVKRPKA
;
L
11 'polypeptide(L)'
;LSTEATAKIVSEFGRDANDTGSTEVQVALLTAQINHLQGHFAEHKKDHHSRRGLLRMVSQRRKLLDYLKRKDVARYTRLI
ERLGLR
;
O
12 'polypeptide(L)' MVTIRLARHGAKKRPFYQVVVADSRNARNGRFIERVGFFNPIASEKEEGTRLDLDRIAHWVGQGATISDRVAALIKEVN P
13 'polypeptide(L)' KIRTLQGRVVSDKMEKSIVVAIERFVKHPIYGKFIKRTTKLHVHDENNECGIGDVVEIRECRPLSKTKSWTLVRVVEKA Q
14 'polypeptide(L)' YKDIATLKNYITESGKIVPSRITGTRAKYQRQLARAIKRARYLSLLPYTDRH R
15 'polypeptide(L)'
;NIKSAKKRAIQSEKARKHNASRRSMMRTFIKKVYAAIEAGDKAAAQKAFNEMQPIVDRQAAKGLIHKNKAARHKANLTAQ
INKLA
;
T
16 'polypeptide(L)'
;LKAGVHFGHQTRYWNPKMKPFIFGARNKVHIINLEKTVPMFNEALAELNKIASRKGKILFVGTKRAASEAVKDAALSCDQ
FFVNHRWLGGMLTNWKTVRQSIKRLKDLETQSQDGTFDKLTKKEALMRTRELEKLENSLGGIKDMGGLPDALFVIDADHE
HIAIKEANNLGIPVFAIVDTNSDPDGVDFVIPGNDDAIRAVTLYLGAVAATVREGRS
;
B
#
# COMPACT_ATOMS: atom_id res chain seq x y z
N GLY A 1 28.38 -28.10 -12.74
CA GLY A 1 29.02 -27.57 -11.56
C GLY A 1 29.74 -28.62 -10.75
N GLN A 2 28.97 -29.40 -9.99
CA GLN A 2 29.51 -30.41 -9.09
C GLN A 2 28.57 -31.62 -9.02
N LYS A 3 28.73 -32.56 -9.96
CA LYS A 3 27.80 -33.68 -10.05
C LYS A 3 28.51 -34.89 -10.62
N VAL A 4 27.84 -36.04 -10.55
CA VAL A 4 28.15 -37.16 -11.42
C VAL A 4 26.92 -37.44 -12.25
N HIS A 5 27.13 -38.10 -13.37
CA HIS A 5 26.05 -38.48 -14.26
C HIS A 5 25.27 -39.60 -13.61
N PRO A 6 23.95 -39.48 -13.42
CA PRO A 6 23.22 -40.46 -12.58
C PRO A 6 23.02 -41.81 -13.24
N ASN A 7 23.33 -41.94 -14.53
CA ASN A 7 23.48 -43.25 -15.14
C ASN A 7 24.82 -43.89 -14.82
N GLY A 8 25.90 -43.13 -14.96
CA GLY A 8 27.26 -43.62 -14.87
C GLY A 8 27.64 -44.23 -13.54
N ILE A 9 27.03 -43.75 -12.46
CA ILE A 9 27.25 -44.38 -11.17
C ILE A 9 26.36 -45.61 -10.99
N ARG A 10 25.26 -45.70 -11.72
CA ARG A 10 24.26 -46.73 -11.45
C ARG A 10 24.28 -47.87 -12.45
N LEU A 11 25.18 -47.88 -13.42
CA LEU A 11 25.31 -49.04 -14.30
C LEU A 11 25.93 -50.21 -13.54
N GLY A 12 26.79 -49.90 -12.57
CA GLY A 12 27.25 -50.90 -11.62
C GLY A 12 26.24 -51.25 -10.54
N ILE A 13 25.09 -50.58 -10.54
CA ILE A 13 24.01 -50.78 -9.59
C ILE A 13 22.86 -51.31 -10.46
N VAL A 14 21.68 -51.52 -9.87
CA VAL A 14 20.58 -52.26 -10.52
C VAL A 14 20.04 -51.61 -11.79
N LYS A 15 20.37 -50.36 -12.07
CA LYS A 15 20.09 -49.79 -13.39
C LYS A 15 20.93 -50.50 -14.44
N PRO A 16 20.34 -51.13 -15.44
CA PRO A 16 21.12 -51.97 -16.36
C PRO A 16 21.72 -51.20 -17.51
N TRP A 17 22.68 -51.85 -18.17
CA TRP A 17 23.33 -51.30 -19.36
C TRP A 17 22.34 -51.13 -20.48
N ASN A 18 22.31 -49.95 -21.08
CA ASN A 18 21.46 -49.74 -22.25
C ASN A 18 22.15 -50.16 -23.55
N SER A 19 23.35 -50.75 -23.45
CA SER A 19 23.97 -51.50 -24.54
C SER A 19 25.02 -52.41 -23.91
N THR A 20 25.04 -53.68 -24.29
CA THR A 20 26.00 -54.60 -23.71
C THR A 20 26.40 -55.68 -24.71
N TRP A 21 27.48 -55.42 -25.43
CA TRP A 21 28.12 -56.41 -26.30
C TRP A 21 29.37 -56.92 -25.61
N PHE A 22 29.97 -57.95 -26.19
CA PHE A 22 31.26 -58.41 -25.69
C PHE A 22 32.16 -58.82 -26.85
N ALA A 23 33.45 -58.56 -26.67
CA ALA A 23 34.48 -58.97 -27.61
C ALA A 23 35.80 -59.04 -26.86
N ASN A 24 36.89 -59.08 -27.61
CA ASN A 24 38.22 -59.10 -27.05
C ASN A 24 39.08 -58.01 -27.68
N THR A 25 40.38 -58.07 -27.40
CA THR A 25 41.22 -56.87 -27.25
C THR A 25 41.30 -56.02 -28.51
N LYS A 26 41.63 -56.64 -29.65
CA LYS A 26 41.89 -55.87 -30.86
C LYS A 26 40.60 -55.27 -31.42
N GLU A 27 39.54 -56.06 -31.46
CA GLU A 27 38.25 -55.59 -31.94
C GLU A 27 37.42 -54.91 -30.86
N PHE A 28 38.00 -54.68 -29.68
CA PHE A 28 37.26 -54.08 -28.58
C PHE A 28 36.99 -52.60 -28.83
N ALA A 29 37.79 -51.98 -29.70
CA ALA A 29 37.57 -50.58 -30.05
C ALA A 29 36.81 -50.44 -31.36
N ASP A 30 36.73 -51.51 -32.15
CA ASP A 30 36.08 -51.42 -33.45
C ASP A 30 34.61 -51.82 -33.37
N ASN A 31 34.19 -52.38 -32.24
CA ASN A 31 32.82 -52.84 -32.11
C ASN A 31 31.89 -51.72 -31.67
N LEU A 32 32.28 -50.99 -30.61
CA LEU A 32 31.51 -49.80 -30.24
C LEU A 32 31.72 -48.67 -31.23
N ASP A 33 32.75 -48.77 -32.07
CA ASP A 33 32.82 -47.96 -33.28
C ASP A 33 31.59 -48.16 -34.14
N SER A 34 31.27 -49.43 -34.44
CA SER A 34 30.09 -49.74 -35.22
C SER A 34 28.80 -49.37 -34.48
N ASP A 35 28.83 -49.46 -33.15
CA ASP A 35 27.65 -49.15 -32.36
C ASP A 35 27.39 -47.66 -32.29
N PHE A 36 28.37 -46.84 -32.65
CA PHE A 36 28.14 -45.39 -32.61
C PHE A 36 27.51 -44.89 -33.89
N LYS A 37 27.91 -45.45 -35.04
CA LYS A 37 27.38 -44.99 -36.32
C LYS A 37 25.92 -45.37 -36.53
N VAL A 38 25.37 -46.29 -35.73
CA VAL A 38 23.95 -46.53 -35.76
C VAL A 38 23.21 -45.63 -34.78
N ARG A 39 23.85 -45.24 -33.68
CA ARG A 39 23.15 -44.45 -32.67
C ARG A 39 23.12 -42.98 -33.05
N GLN A 40 24.07 -42.53 -33.87
CA GLN A 40 23.96 -41.21 -34.46
C GLN A 40 23.02 -41.19 -35.66
N TYR A 41 22.71 -42.35 -36.22
CA TYR A 41 21.89 -42.44 -37.42
C TYR A 41 20.43 -42.76 -37.15
N LEU A 42 20.13 -43.56 -36.12
CA LEU A 42 18.74 -43.84 -35.78
C LEU A 42 18.02 -42.63 -35.23
N THR A 43 18.75 -41.63 -34.75
CA THR A 43 18.12 -40.36 -34.40
C THR A 43 17.64 -39.62 -35.64
N LYS A 44 18.32 -39.82 -36.77
CA LYS A 44 18.10 -39.01 -37.96
C LYS A 44 16.80 -39.35 -38.69
N GLU A 45 16.14 -40.45 -38.37
CA GLU A 45 14.85 -40.76 -38.98
C GLU A 45 13.76 -40.97 -37.93
N LEU A 46 14.13 -41.51 -36.78
CA LEU A 46 13.20 -41.77 -35.70
C LEU A 46 13.06 -40.58 -34.74
N ALA A 47 13.31 -39.37 -35.21
CA ALA A 47 13.29 -38.20 -34.35
C ALA A 47 11.87 -37.85 -33.92
N LYS A 48 10.99 -37.64 -34.88
CA LYS A 48 9.58 -37.43 -34.58
C LYS A 48 8.87 -38.70 -34.17
N ALA A 49 9.51 -39.86 -34.32
CA ALA A 49 8.91 -41.15 -34.05
C ALA A 49 8.97 -41.56 -32.58
N SER A 50 9.20 -40.61 -31.67
CA SER A 50 9.22 -40.82 -30.22
C SER A 50 10.27 -41.85 -29.80
N VAL A 51 11.53 -41.48 -30.03
CA VAL A 51 12.67 -42.35 -29.74
C VAL A 51 12.94 -42.36 -28.24
N SER A 52 13.24 -43.55 -27.69
CA SER A 52 13.54 -43.69 -26.28
C SER A 52 14.97 -44.13 -26.00
N ARG A 53 15.37 -45.31 -26.47
CA ARG A 53 16.72 -45.83 -26.25
C ARG A 53 17.13 -46.65 -27.47
N ILE A 54 18.38 -47.13 -27.47
CA ILE A 54 18.91 -48.05 -28.48
C ILE A 54 19.76 -49.09 -27.77
N VAL A 55 19.38 -50.37 -27.87
CA VAL A 55 20.12 -51.41 -27.16
C VAL A 55 20.78 -52.35 -28.16
N ILE A 56 22.07 -52.64 -27.93
CA ILE A 56 22.88 -53.47 -28.81
C ILE A 56 23.62 -54.51 -27.99
N GLU A 57 23.41 -55.79 -28.33
CA GLU A 57 24.21 -56.90 -27.81
C GLU A 57 24.82 -57.65 -28.98
N ARG A 58 25.94 -58.33 -28.75
CA ARG A 58 26.58 -59.14 -29.80
C ARG A 58 26.55 -60.62 -29.46
N PRO A 59 25.50 -61.36 -29.85
CA PRO A 59 25.49 -62.81 -29.59
C PRO A 59 26.50 -63.60 -30.41
N ALA A 60 26.45 -63.52 -31.73
CA ALA A 60 27.43 -64.16 -32.60
C ALA A 60 27.48 -63.49 -33.97
N LYS A 61 28.45 -62.60 -34.18
CA LYS A 61 28.66 -61.84 -35.43
C LYS A 61 27.41 -61.08 -35.87
N SER A 62 26.61 -60.65 -34.92
CA SER A 62 25.32 -60.02 -35.19
C SER A 62 25.02 -59.07 -34.05
N ILE A 63 24.16 -58.07 -34.29
CA ILE A 63 23.71 -57.22 -33.20
C ILE A 63 22.19 -57.26 -33.15
N ARG A 64 21.67 -57.41 -31.93
CA ARG A 64 20.23 -57.40 -31.69
C ARG A 64 19.83 -55.96 -31.36
N VAL A 65 19.50 -55.21 -32.40
CA VAL A 65 19.18 -53.81 -32.26
C VAL A 65 17.81 -53.71 -31.62
N THR A 66 17.78 -53.50 -30.31
CA THR A 66 16.54 -53.52 -29.54
C THR A 66 16.09 -52.07 -29.33
N ILE A 67 15.40 -51.54 -30.33
CA ILE A 67 14.91 -50.16 -30.25
C ILE A 67 13.71 -50.12 -29.31
N HIS A 68 13.75 -49.22 -28.34
CA HIS A 68 12.62 -48.95 -27.47
C HIS A 68 11.98 -47.67 -27.96
N THR A 69 10.65 -47.68 -28.09
CA THR A 69 9.91 -46.54 -28.60
C THR A 69 8.60 -46.41 -27.83
N ALA A 70 7.82 -45.40 -28.21
CA ALA A 70 6.50 -45.18 -27.65
C ALA A 70 5.46 -44.83 -28.69
N ARG A 71 5.87 -44.49 -29.92
CA ARG A 71 4.96 -44.25 -31.04
C ARG A 71 5.38 -45.16 -32.19
N PRO A 72 5.07 -46.46 -32.10
CA PRO A 72 5.60 -47.40 -33.10
C PRO A 72 4.82 -47.44 -34.41
N GLY A 73 3.62 -46.86 -34.44
CA GLY A 73 2.81 -46.88 -35.66
C GLY A 73 3.38 -46.05 -36.78
N ILE A 74 4.23 -45.07 -36.46
CA ILE A 74 4.96 -44.31 -37.46
C ILE A 74 6.35 -44.91 -37.71
N VAL A 75 6.83 -45.77 -36.81
CA VAL A 75 8.15 -46.37 -36.96
C VAL A 75 8.14 -47.42 -38.07
N ILE A 76 7.08 -48.22 -38.15
CA ILE A 76 7.02 -49.32 -39.11
C ILE A 76 6.92 -48.81 -40.54
N GLY A 77 6.19 -47.73 -40.76
CA GLY A 77 6.07 -47.14 -42.08
C GLY A 77 4.90 -47.75 -42.85
N LYS A 78 5.15 -48.15 -44.10
CA LYS A 78 4.14 -48.87 -44.86
C LYS A 78 4.31 -50.38 -44.76
N LYS A 79 4.46 -50.86 -43.51
CA LYS A 79 4.49 -52.28 -43.14
C LYS A 79 5.58 -53.05 -43.89
N GLY A 80 6.82 -52.56 -43.74
CA GLY A 80 7.94 -53.08 -44.50
C GLY A 80 8.89 -51.99 -44.91
N GLU A 81 8.56 -50.75 -44.54
CA GLU A 81 9.42 -49.60 -44.81
C GLU A 81 10.74 -49.70 -44.08
N ASP A 82 10.72 -50.18 -42.84
CA ASP A 82 11.87 -50.13 -41.96
C ASP A 82 12.18 -51.49 -41.35
N VAL A 83 12.13 -52.54 -42.17
CA VAL A 83 12.52 -53.87 -41.72
C VAL A 83 13.94 -54.15 -42.21
N GLU A 84 14.14 -54.12 -43.52
CA GLU A 84 15.45 -54.42 -44.10
C GLU A 84 16.25 -53.16 -44.40
N LYS A 85 15.55 -52.04 -44.64
CA LYS A 85 16.19 -50.74 -44.85
C LYS A 85 17.07 -50.35 -43.67
N LEU A 86 16.61 -50.60 -42.45
CA LEU A 86 17.42 -50.34 -41.28
C LEU A 86 18.20 -51.57 -40.84
N ARG A 87 18.24 -52.61 -41.66
CA ARG A 87 19.28 -53.63 -41.58
C ARG A 87 20.26 -53.50 -42.73
N LYS A 88 19.94 -52.67 -43.71
CA LYS A 88 20.85 -52.37 -44.81
C LYS A 88 22.04 -51.53 -44.31
N VAL A 89 21.80 -50.70 -43.31
CA VAL A 89 22.84 -49.82 -42.79
C VAL A 89 23.91 -50.62 -42.06
N VAL A 90 23.48 -51.54 -41.20
CA VAL A 90 24.37 -52.21 -40.26
C VAL A 90 25.27 -53.22 -40.95
N ALA A 91 24.93 -53.59 -42.19
CA ALA A 91 25.62 -54.69 -42.85
C ALA A 91 27.03 -54.31 -43.28
N ASP A 92 27.23 -53.06 -43.71
CA ASP A 92 28.52 -52.63 -44.22
C ASP A 92 29.15 -51.51 -43.38
N ILE A 93 28.42 -50.42 -43.15
CA ILE A 93 29.00 -49.28 -42.43
C ILE A 93 29.14 -49.57 -40.94
N ALA A 94 28.45 -50.60 -40.45
CA ALA A 94 28.78 -51.21 -39.17
C ALA A 94 29.45 -52.56 -39.33
N GLY A 95 29.45 -53.13 -40.54
CA GLY A 95 30.07 -54.41 -40.79
C GLY A 95 29.40 -55.59 -40.15
N VAL A 96 28.12 -55.47 -39.78
CA VAL A 96 27.45 -56.47 -38.95
C VAL A 96 26.22 -57.01 -39.68
N PRO A 97 26.25 -58.25 -40.14
CA PRO A 97 25.04 -58.85 -40.74
C PRO A 97 23.98 -59.16 -39.71
N ALA A 98 23.14 -58.18 -39.40
CA ALA A 98 22.34 -58.25 -38.19
C ALA A 98 20.83 -58.28 -38.47
N GLN A 99 20.06 -58.34 -37.39
CA GLN A 99 18.60 -58.26 -37.44
C GLN A 99 18.11 -57.00 -36.71
N ILE A 100 16.82 -56.69 -36.85
CA ILE A 100 16.22 -55.51 -36.23
C ILE A 100 15.11 -55.97 -35.29
N ASN A 101 14.97 -55.26 -34.17
CA ASN A 101 13.99 -55.60 -33.15
C ASN A 101 13.40 -54.32 -32.59
N ILE A 102 12.25 -53.91 -33.11
CA ILE A 102 11.55 -52.74 -32.59
C ILE A 102 10.52 -53.20 -31.55
N ALA A 103 10.33 -52.39 -30.51
CA ALA A 103 9.50 -52.76 -29.37
C ALA A 103 9.07 -51.49 -28.65
N GLU A 104 7.82 -51.44 -28.25
CA GLU A 104 7.29 -50.26 -27.58
C GLU A 104 7.29 -50.45 -26.07
N VAL A 105 7.79 -49.43 -25.37
CA VAL A 105 7.46 -49.22 -23.97
C VAL A 105 6.39 -48.15 -23.95
N ARG A 106 5.35 -48.37 -23.13
CA ARG A 106 4.19 -47.50 -23.13
C ARG A 106 4.48 -46.20 -22.39
N LYS A 107 3.40 -45.44 -22.14
CA LYS A 107 3.36 -44.17 -21.41
C LYS A 107 4.26 -43.13 -22.10
N PRO A 108 3.82 -42.59 -23.24
CA PRO A 108 4.72 -41.80 -24.10
C PRO A 108 5.02 -40.40 -23.60
N GLU A 109 4.75 -40.05 -22.35
CA GLU A 109 5.15 -38.76 -21.78
C GLU A 109 5.84 -38.98 -20.45
N LEU A 110 6.53 -40.11 -20.30
CA LEU A 110 7.19 -40.44 -19.06
C LEU A 110 8.63 -40.89 -19.18
N ASP A 111 9.12 -41.23 -20.37
CA ASP A 111 10.52 -41.59 -20.52
C ASP A 111 11.37 -40.33 -20.48
N ALA A 112 12.67 -40.51 -20.24
CA ALA A 112 13.58 -39.38 -20.03
C ALA A 112 13.71 -38.49 -21.25
N LYS A 113 14.02 -39.08 -22.41
CA LYS A 113 14.12 -38.29 -23.64
C LYS A 113 12.78 -37.70 -24.01
N LEU A 114 11.70 -38.41 -23.70
CA LEU A 114 10.37 -37.97 -24.12
C LEU A 114 9.94 -36.72 -23.38
N VAL A 115 10.14 -36.70 -22.06
CA VAL A 115 9.86 -35.49 -21.29
C VAL A 115 10.81 -34.37 -21.70
N ALA A 116 12.06 -34.75 -22.00
CA ALA A 116 13.03 -33.78 -22.51
C ALA A 116 12.63 -33.24 -23.88
N ASP A 117 12.47 -34.13 -24.87
CA ASP A 117 12.39 -33.65 -26.25
C ASP A 117 11.01 -33.07 -26.57
N SER A 118 10.01 -33.31 -25.72
CA SER A 118 8.71 -32.68 -25.92
C SER A 118 8.77 -31.18 -25.64
N ILE A 119 9.46 -30.80 -24.57
CA ILE A 119 9.61 -29.39 -24.23
C ILE A 119 10.43 -28.68 -25.29
N THR A 120 11.45 -29.37 -25.84
CA THR A 120 12.16 -28.84 -27.00
C THR A 120 11.23 -28.70 -28.19
N SER A 121 10.39 -29.70 -28.42
CA SER A 121 9.36 -29.62 -29.46
C SER A 121 8.33 -28.53 -29.16
N GLN A 122 8.18 -28.17 -27.88
CA GLN A 122 7.36 -27.02 -27.53
C GLN A 122 8.17 -25.73 -27.54
N LEU A 123 9.49 -25.81 -27.43
CA LEU A 123 10.30 -24.61 -27.57
C LEU A 123 10.84 -24.40 -28.97
N GLU A 124 10.92 -25.45 -29.78
CA GLU A 124 11.00 -25.25 -31.23
C GLU A 124 9.71 -24.64 -31.77
N ARG A 125 8.57 -24.99 -31.18
CA ARG A 125 7.30 -24.30 -31.37
C ARG A 125 7.33 -22.88 -30.78
N ARG A 126 8.24 -22.63 -29.83
CA ARG A 126 8.49 -21.35 -29.17
C ARG A 126 7.29 -20.86 -28.37
N VAL A 127 6.58 -21.75 -27.69
CA VAL A 127 5.56 -21.32 -26.74
C VAL A 127 6.27 -20.81 -25.50
N MET A 128 5.54 -20.10 -24.63
CA MET A 128 6.12 -19.61 -23.39
C MET A 128 6.46 -20.77 -22.47
N PHE A 129 7.70 -20.79 -21.99
CA PHE A 129 8.15 -21.81 -21.04
C PHE A 129 7.35 -21.74 -19.75
N ARG A 130 6.95 -20.53 -19.35
CA ARG A 130 6.12 -20.33 -18.16
C ARG A 130 4.75 -20.97 -18.32
N ARG A 131 4.28 -21.15 -19.55
CA ARG A 131 3.11 -21.97 -19.80
C ARG A 131 3.49 -23.40 -20.17
N ALA A 132 4.71 -23.62 -20.64
CA ALA A 132 5.12 -24.95 -21.09
C ALA A 132 5.61 -25.83 -19.95
N MET A 133 6.51 -25.30 -19.11
CA MET A 133 7.04 -26.03 -17.96
C MET A 133 5.93 -26.48 -17.02
N LYS A 134 5.03 -25.55 -16.67
CA LYS A 134 4.06 -25.77 -15.61
C LYS A 134 3.04 -26.84 -15.97
N ARG A 135 2.82 -27.07 -17.27
CA ARG A 135 2.00 -28.20 -17.68
C ARG A 135 2.85 -29.45 -17.85
N ALA A 136 4.03 -29.32 -18.45
CA ALA A 136 4.86 -30.48 -18.76
C ALA A 136 5.57 -31.04 -17.53
N VAL A 137 5.64 -30.28 -16.45
CA VAL A 137 5.90 -30.90 -15.16
C VAL A 137 4.79 -31.87 -14.82
N GLN A 138 3.54 -31.45 -14.95
CA GLN A 138 2.43 -32.15 -14.33
C GLN A 138 1.89 -33.25 -15.24
N ASN A 139 2.41 -33.37 -16.47
CA ASN A 139 2.19 -34.58 -17.27
C ASN A 139 2.77 -35.80 -16.57
N ALA A 140 3.97 -35.65 -16.00
CA ALA A 140 4.52 -36.69 -15.15
C ALA A 140 3.72 -36.86 -13.88
N MET A 141 3.26 -35.75 -13.28
CA MET A 141 2.44 -35.84 -12.08
C MET A 141 1.05 -36.41 -12.38
N ARG A 142 0.62 -36.36 -13.64
CA ARG A 142 -0.61 -37.00 -14.06
C ARG A 142 -0.49 -38.53 -14.02
N LEU A 143 0.47 -39.07 -14.76
CA LEU A 143 0.47 -40.51 -15.05
C LEU A 143 1.26 -41.30 -14.01
N GLY A 144 1.55 -40.71 -12.87
CA GLY A 144 2.33 -41.40 -11.86
C GLY A 144 3.62 -40.67 -11.56
N ALA A 145 4.75 -41.33 -11.82
CA ALA A 145 6.09 -40.70 -11.95
C ALA A 145 6.47 -39.94 -10.68
N LYS A 146 6.75 -40.72 -9.64
CA LYS A 146 6.75 -40.23 -8.26
C LYS A 146 7.91 -39.27 -8.02
N GLY A 147 7.77 -38.05 -8.54
CA GLY A 147 8.83 -37.05 -8.46
C GLY A 147 9.33 -36.61 -9.82
N ILE A 148 9.70 -35.33 -9.92
CA ILE A 148 10.26 -34.79 -11.15
C ILE A 148 11.21 -33.66 -10.77
N LYS A 149 12.18 -33.36 -11.64
CA LYS A 149 13.07 -32.23 -11.44
C LYS A 149 13.51 -31.69 -12.80
N VAL A 150 12.97 -30.55 -13.22
CA VAL A 150 13.18 -30.04 -14.56
C VAL A 150 13.83 -28.67 -14.50
N GLU A 151 15.06 -28.56 -14.98
CA GLU A 151 15.75 -27.28 -15.12
C GLU A 151 15.81 -26.91 -16.59
N VAL A 152 15.32 -25.73 -16.93
CA VAL A 152 15.48 -25.20 -18.28
C VAL A 152 16.66 -24.25 -18.27
N SER A 153 17.58 -24.43 -19.22
CA SER A 153 18.74 -23.57 -19.33
C SER A 153 18.33 -22.18 -19.83
N GLY A 154 19.27 -21.24 -19.75
CA GLY A 154 18.99 -19.83 -19.94
C GLY A 154 18.78 -19.38 -21.37
N ARG A 155 19.11 -18.11 -21.62
CA ARG A 155 18.80 -17.37 -22.84
C ARG A 155 17.32 -17.46 -23.18
N LEU A 156 16.50 -17.21 -22.16
CA LEU A 156 15.05 -17.40 -22.22
C LEU A 156 14.36 -16.07 -21.97
N GLY A 157 13.30 -15.80 -22.75
CA GLY A 157 12.78 -14.46 -22.79
C GLY A 157 13.77 -13.56 -23.52
N GLY A 158 13.83 -12.30 -23.09
CA GLY A 158 14.83 -11.41 -23.64
C GLY A 158 15.96 -11.08 -22.67
N ALA A 159 17.11 -11.75 -22.86
CA ALA A 159 18.28 -11.56 -22.03
C ALA A 159 19.47 -12.16 -22.74
N GLU A 160 20.66 -11.65 -22.42
CA GLU A 160 21.88 -12.26 -22.92
C GLU A 160 22.76 -12.79 -21.78
N ILE A 161 22.53 -12.31 -20.56
CA ILE A 161 23.12 -12.92 -19.35
C ILE A 161 21.95 -13.39 -18.50
N ALA A 162 21.59 -14.67 -18.65
CA ALA A 162 20.33 -15.15 -18.08
C ALA A 162 20.57 -15.99 -16.84
N ARG A 163 19.50 -16.64 -16.38
CA ARG A 163 19.49 -17.43 -15.15
C ARG A 163 19.13 -18.88 -15.45
N THR A 164 19.06 -19.69 -14.40
CA THR A 164 18.62 -21.07 -14.52
C THR A 164 17.16 -21.17 -14.10
N GLU A 165 16.66 -22.40 -14.02
CA GLU A 165 15.27 -22.65 -13.66
C GLU A 165 15.26 -23.80 -12.65
N TRP A 166 14.12 -24.00 -11.99
CA TRP A 166 13.79 -25.27 -11.33
C TRP A 166 12.29 -25.43 -11.39
N TYR A 167 11.82 -26.66 -11.36
CA TYR A 167 10.54 -26.97 -10.71
C TYR A 167 10.74 -28.28 -9.97
N ARG A 168 11.25 -28.22 -8.75
CA ARG A 168 11.42 -29.44 -7.99
C ARG A 168 10.10 -29.83 -7.34
N GLU A 169 9.82 -31.13 -7.33
CA GLU A 169 8.45 -31.62 -7.16
C GLU A 169 8.48 -33.09 -6.82
N GLY A 170 7.65 -33.46 -5.84
CA GLY A 170 7.57 -34.86 -5.44
C GLY A 170 8.77 -35.26 -4.62
N ARG A 171 9.57 -36.19 -5.16
CA ARG A 171 10.85 -36.54 -4.56
C ARG A 171 11.81 -37.04 -5.64
N VAL A 172 13.03 -36.52 -5.60
CA VAL A 172 14.10 -36.89 -6.53
C VAL A 172 15.32 -37.24 -5.69
N PRO A 173 15.47 -38.48 -5.24
CA PRO A 173 16.57 -38.83 -4.32
C PRO A 173 17.82 -39.34 -5.04
N LEU A 174 18.36 -38.52 -5.95
CA LEU A 174 19.44 -38.99 -6.82
C LEU A 174 20.77 -39.13 -6.11
N HIS A 175 20.93 -38.51 -4.94
CA HIS A 175 22.18 -38.64 -4.21
C HIS A 175 22.28 -39.98 -3.52
N THR A 176 21.16 -40.60 -3.21
CA THR A 176 21.10 -41.98 -2.79
C THR A 176 21.03 -42.86 -4.03
N LEU A 177 21.83 -43.92 -4.06
CA LEU A 177 22.07 -44.67 -5.29
C LEU A 177 20.87 -45.48 -5.72
N ARG A 178 20.10 -46.00 -4.77
CA ARG A 178 19.02 -46.96 -5.02
C ARG A 178 17.75 -46.25 -5.52
N ALA A 179 17.88 -45.53 -6.65
CA ALA A 179 16.73 -44.74 -7.07
C ALA A 179 16.52 -44.64 -8.58
N ASP A 180 17.11 -45.53 -9.38
CA ASP A 180 16.86 -45.83 -10.80
C ASP A 180 16.40 -44.67 -11.71
N ILE A 181 17.10 -43.55 -11.64
CA ILE A 181 16.62 -42.29 -12.22
C ILE A 181 16.71 -42.36 -13.74
N ASP A 182 15.57 -42.22 -14.40
CA ASP A 182 15.51 -42.10 -15.84
C ASP A 182 15.89 -40.67 -16.22
N TYR A 183 17.18 -40.39 -16.31
CA TYR A 183 17.68 -39.07 -16.66
C TYR A 183 18.15 -39.00 -18.10
N ASN A 184 17.77 -37.96 -18.85
CA ASN A 184 18.45 -37.64 -20.10
C ASN A 184 18.26 -36.18 -20.50
N THR A 185 19.34 -35.42 -20.47
CA THR A 185 19.47 -34.08 -20.99
C THR A 185 19.05 -34.03 -22.47
N SER A 186 18.46 -32.92 -22.87
CA SER A 186 18.35 -32.63 -24.29
C SER A 186 18.76 -31.19 -24.54
N GLU A 187 18.61 -30.77 -25.80
CA GLU A 187 19.05 -29.46 -26.28
C GLU A 187 18.07 -28.96 -27.33
N ALA A 188 17.67 -27.69 -27.20
CA ALA A 188 16.68 -27.09 -28.08
C ALA A 188 17.30 -25.87 -28.74
N HIS A 189 17.32 -25.86 -30.07
CA HIS A 189 18.04 -24.84 -30.84
C HIS A 189 17.11 -23.71 -31.26
N THR A 190 16.60 -23.01 -30.24
CA THR A 190 16.08 -21.66 -30.43
C THR A 190 17.23 -20.77 -30.87
N THR A 191 16.90 -19.75 -31.69
CA THR A 191 17.88 -18.99 -32.48
C THR A 191 18.95 -18.34 -31.61
N TYR A 192 18.55 -17.43 -30.72
CA TYR A 192 19.50 -16.88 -29.77
C TYR A 192 19.61 -17.83 -28.59
N GLY A 193 20.83 -18.27 -28.31
CA GLY A 193 21.07 -19.11 -27.15
C GLY A 193 20.70 -20.57 -27.30
N VAL A 194 21.55 -21.44 -26.75
CA VAL A 194 21.28 -22.88 -26.73
C VAL A 194 20.46 -23.13 -25.48
N ILE A 195 19.13 -23.14 -25.65
CA ILE A 195 18.23 -23.42 -24.53
C ILE A 195 18.23 -24.93 -24.32
N GLY A 196 18.96 -25.38 -23.29
CA GLY A 196 18.98 -26.78 -22.94
C GLY A 196 17.96 -27.10 -21.86
N VAL A 197 17.97 -28.36 -21.43
CA VAL A 197 16.98 -28.87 -20.48
C VAL A 197 17.58 -30.06 -19.74
N LYS A 198 17.35 -30.13 -18.43
CA LYS A 198 17.78 -31.25 -17.61
C LYS A 198 16.56 -31.84 -16.93
N VAL A 199 16.36 -33.15 -17.08
CA VAL A 199 15.14 -33.81 -16.65
C VAL A 199 15.47 -34.99 -15.73
N TRP A 200 15.09 -34.88 -14.47
CA TRP A 200 15.24 -35.99 -13.53
C TRP A 200 13.86 -36.59 -13.26
N ILE A 201 13.73 -37.90 -13.48
CA ILE A 201 12.48 -38.63 -13.25
C ILE A 201 12.79 -39.85 -12.40
N PHE A 202 12.05 -40.01 -11.31
CA PHE A 202 12.24 -41.13 -10.39
C PHE A 202 11.14 -42.16 -10.59
N LYS A 203 11.50 -43.32 -11.13
CA LYS A 203 10.52 -44.38 -11.36
C LYS A 203 10.60 -45.44 -10.26
N GLY A 204 10.33 -45.01 -9.03
CA GLY A 204 10.09 -45.96 -7.95
C GLY A 204 11.30 -46.65 -7.34
N GLU A 205 11.21 -46.95 -6.05
CA GLU A 205 12.25 -47.66 -5.33
C GLU A 205 12.24 -49.12 -5.78
N ILE A 206 13.37 -49.81 -5.63
CA ILE A 206 13.46 -51.21 -5.98
C ILE A 206 13.82 -52.01 -4.73
N ARG B 1 37.83 -84.67 -23.76
CA ARG B 1 38.64 -83.46 -23.69
C ARG B 1 37.91 -82.29 -24.34
N ILE B 2 36.70 -82.02 -23.86
CA ILE B 2 35.90 -80.89 -24.33
C ILE B 2 36.05 -79.82 -23.25
N ARG B 3 36.91 -78.85 -23.53
CA ARG B 3 37.28 -77.86 -22.50
C ARG B 3 36.64 -76.52 -22.83
N ILE B 4 35.69 -76.11 -21.99
CA ILE B 4 34.81 -74.98 -22.27
C ILE B 4 35.36 -73.73 -21.63
N ARG B 5 35.48 -72.66 -22.44
CA ARG B 5 35.91 -71.35 -21.96
C ARG B 5 34.91 -70.29 -22.39
N LEU B 6 34.43 -69.50 -21.43
CA LEU B 6 33.60 -68.34 -21.72
C LEU B 6 34.12 -67.14 -20.96
N LYS B 7 34.15 -65.99 -21.65
CA LYS B 7 34.56 -64.73 -21.06
C LYS B 7 33.36 -63.81 -20.95
N ALA B 8 33.07 -63.34 -19.73
CA ALA B 8 31.93 -62.45 -19.55
C ALA B 8 32.19 -61.38 -18.50
N PHE B 9 31.58 -60.21 -18.69
CA PHE B 9 31.73 -59.04 -17.83
C PHE B 9 31.10 -59.30 -16.48
N ASP B 10 29.85 -59.74 -16.49
CA ASP B 10 29.09 -59.87 -15.26
C ASP B 10 29.54 -61.14 -14.55
N HIS B 11 29.19 -61.29 -13.28
CA HIS B 11 28.90 -62.62 -12.80
C HIS B 11 27.45 -63.03 -13.02
N ARG B 12 26.51 -62.07 -13.01
CA ARG B 12 25.09 -62.37 -13.12
C ARG B 12 24.64 -62.66 -14.56
N LEU B 13 25.58 -62.91 -15.46
CA LEU B 13 25.35 -63.41 -16.80
C LEU B 13 26.12 -64.68 -17.09
N ILE B 14 27.33 -64.81 -16.53
CA ILE B 14 28.11 -66.03 -16.67
C ILE B 14 27.59 -67.12 -15.72
N ASP B 15 26.77 -66.74 -14.72
CA ASP B 15 26.27 -67.74 -13.78
C ASP B 15 25.14 -68.55 -14.41
N GLN B 16 24.39 -67.95 -15.33
CA GLN B 16 23.46 -68.74 -16.11
C GLN B 16 24.04 -69.23 -17.42
N ALA B 17 25.37 -69.17 -17.57
CA ALA B 17 26.02 -69.93 -18.63
C ALA B 17 26.28 -71.37 -18.22
N THR B 18 26.20 -71.68 -16.92
CA THR B 18 26.39 -73.05 -16.48
C THR B 18 25.06 -73.78 -16.28
N ALA B 19 23.96 -73.05 -16.07
CA ALA B 19 22.65 -73.68 -16.02
C ALA B 19 22.21 -74.18 -17.38
N GLU B 20 22.81 -73.65 -18.45
CA GLU B 20 22.59 -74.16 -19.80
C GLU B 20 23.23 -75.54 -19.99
N ILE B 21 24.27 -75.85 -19.21
CA ILE B 21 25.10 -77.02 -19.47
C ILE B 21 25.01 -78.08 -18.38
N VAL B 22 24.80 -77.69 -17.11
CA VAL B 22 24.78 -78.63 -15.99
C VAL B 22 23.62 -79.62 -16.11
N GLU B 23 22.45 -79.15 -16.54
CA GLU B 23 21.31 -80.04 -16.69
C GLU B 23 21.07 -80.48 -18.12
N THR B 24 20.94 -79.55 -19.06
CA THR B 24 20.54 -79.90 -20.42
C THR B 24 21.69 -80.47 -21.25
N ALA B 25 22.93 -80.33 -20.80
CA ALA B 25 24.06 -80.89 -21.52
C ALA B 25 24.88 -81.86 -20.67
N LYS B 26 24.49 -82.09 -19.42
CA LYS B 26 25.14 -83.08 -18.57
C LYS B 26 24.05 -83.87 -17.86
N ARG B 27 24.01 -85.16 -18.08
CA ARG B 27 23.35 -86.00 -17.09
C ARG B 27 24.31 -87.00 -16.47
N THR B 28 24.93 -87.85 -17.28
CA THR B 28 26.01 -88.74 -16.83
C THR B 28 27.19 -88.60 -17.78
N GLY B 29 26.91 -88.38 -19.05
CA GLY B 29 27.88 -88.37 -20.12
C GLY B 29 28.69 -87.11 -20.30
N ALA B 30 29.04 -86.43 -19.21
CA ALA B 30 29.96 -85.30 -19.23
C ALA B 30 30.62 -85.24 -17.86
N GLN B 31 31.86 -85.73 -17.80
CA GLN B 31 32.61 -85.77 -16.54
C GLN B 31 33.04 -84.36 -16.19
N VAL B 32 32.20 -83.67 -15.42
CA VAL B 32 32.31 -82.23 -15.18
C VAL B 32 33.42 -82.00 -14.16
N ARG B 33 34.44 -81.25 -14.59
CA ARG B 33 35.48 -80.80 -13.69
C ARG B 33 34.98 -79.66 -12.81
N GLY B 34 34.12 -78.81 -13.35
CA GLY B 34 33.47 -77.79 -12.58
C GLY B 34 33.35 -76.48 -13.33
N PRO B 35 32.24 -75.77 -13.15
CA PRO B 35 32.21 -74.37 -13.58
C PRO B 35 33.05 -73.52 -12.66
N ILE B 36 34.24 -73.16 -13.08
CA ILE B 36 35.24 -72.54 -12.21
C ILE B 36 35.79 -71.29 -12.87
N PRO B 37 35.38 -70.11 -12.44
CA PRO B 37 35.73 -68.87 -13.15
C PRO B 37 37.07 -68.26 -12.73
N LEU B 38 37.98 -69.08 -12.16
CA LEU B 38 38.96 -68.72 -11.12
C LEU B 38 39.61 -67.34 -11.19
N PRO B 39 40.24 -66.89 -12.29
CA PRO B 39 40.89 -65.58 -12.22
C PRO B 39 39.95 -64.46 -12.62
N THR B 40 40.49 -63.25 -12.64
CA THR B 40 39.76 -62.09 -13.12
C THR B 40 40.79 -61.13 -13.74
N ARG B 41 40.46 -60.58 -14.90
CA ARG B 41 41.34 -59.63 -15.57
C ARG B 41 40.83 -58.20 -15.38
N LYS B 42 41.26 -57.54 -14.32
CA LYS B 42 40.81 -56.20 -13.98
C LYS B 42 41.66 -55.15 -14.67
N GLU B 43 40.99 -54.16 -15.25
CA GLU B 43 41.65 -53.13 -16.05
C GLU B 43 41.20 -51.75 -15.61
N ARG B 44 42.09 -50.97 -15.00
CA ARG B 44 41.72 -49.71 -14.40
C ARG B 44 42.40 -48.56 -15.13
N PHE B 45 41.69 -47.44 -15.24
CA PHE B 45 42.10 -46.35 -16.13
C PHE B 45 41.76 -45.04 -15.44
N THR B 46 42.75 -44.37 -14.88
CA THR B 46 42.53 -43.14 -14.11
C THR B 46 42.64 -41.92 -15.03
N VAL B 47 41.79 -41.91 -16.04
CA VAL B 47 41.79 -40.89 -17.08
C VAL B 47 41.18 -39.61 -16.49
N LEU B 48 41.55 -38.46 -17.04
CA LEU B 48 41.16 -37.16 -16.51
C LEU B 48 39.68 -36.88 -16.75
N ILE B 49 39.25 -35.69 -16.34
CA ILE B 49 37.88 -35.23 -16.51
C ILE B 49 37.83 -33.93 -17.29
N SER B 50 38.40 -32.88 -16.75
CA SER B 50 38.26 -31.54 -17.30
C SER B 50 39.08 -31.40 -18.58
N PRO B 51 38.64 -30.55 -19.51
CA PRO B 51 39.43 -30.26 -20.71
C PRO B 51 40.52 -29.21 -20.50
N HIS B 52 41.23 -29.33 -19.39
CA HIS B 52 42.26 -28.39 -18.93
C HIS B 52 43.01 -29.09 -17.82
N VAL B 53 43.84 -28.35 -17.09
CA VAL B 53 44.51 -28.90 -15.93
C VAL B 53 43.50 -29.18 -14.82
N ASN B 54 43.67 -30.31 -14.15
CA ASN B 54 42.81 -30.63 -13.03
C ASN B 54 43.60 -31.16 -11.84
N LYS B 55 44.80 -31.71 -12.06
CA LYS B 55 45.84 -32.06 -11.09
C LYS B 55 45.48 -33.26 -10.21
N ASP B 56 44.21 -33.66 -10.20
CA ASP B 56 43.67 -34.82 -9.49
C ASP B 56 42.32 -35.12 -10.14
N ALA B 57 42.23 -36.24 -10.85
CA ALA B 57 41.00 -36.55 -11.58
C ALA B 57 39.88 -37.05 -10.67
N ARG B 58 40.14 -38.15 -9.95
CA ARG B 58 39.22 -38.97 -9.14
C ARG B 58 38.23 -39.68 -10.07
N ASP B 59 38.57 -39.74 -11.35
CA ASP B 59 37.83 -40.60 -12.27
C ASP B 59 38.63 -41.84 -12.56
N GLN B 60 38.03 -43.01 -12.33
CA GLN B 60 38.60 -44.27 -12.79
C GLN B 60 37.48 -45.27 -12.96
N TYR B 61 37.70 -46.19 -13.90
CA TYR B 61 36.69 -47.14 -14.31
C TYR B 61 37.25 -48.55 -14.21
N GLU B 62 36.40 -49.58 -14.18
CA GLU B 62 36.95 -50.93 -14.18
C GLU B 62 36.09 -51.93 -14.93
N ILE B 63 36.69 -53.09 -15.23
CA ILE B 63 36.03 -54.23 -15.85
C ILE B 63 36.49 -55.45 -15.05
N ARG B 64 35.57 -56.38 -14.80
CA ARG B 64 35.92 -57.63 -14.13
C ARG B 64 35.41 -58.79 -14.97
N THR B 65 36.18 -59.17 -15.98
CA THR B 65 35.81 -60.26 -16.90
C THR B 65 36.20 -61.58 -16.25
N HIS B 66 35.31 -62.56 -16.31
CA HIS B 66 35.54 -63.84 -15.65
C HIS B 66 35.76 -64.95 -16.68
N LEU B 67 36.47 -65.98 -16.24
CA LEU B 67 37.08 -66.97 -17.12
C LEU B 67 36.76 -68.37 -16.61
N ARG B 68 35.63 -68.92 -17.05
CA ARG B 68 35.27 -70.27 -16.62
C ARG B 68 36.04 -71.33 -17.41
N LEU B 69 36.81 -72.13 -16.69
CA LEU B 69 37.65 -73.18 -17.27
C LEU B 69 36.96 -74.52 -17.07
N VAL B 70 36.04 -74.85 -17.97
CA VAL B 70 35.16 -76.00 -17.77
C VAL B 70 35.63 -77.16 -18.65
N ASP B 71 36.32 -78.11 -18.03
CA ASP B 71 36.97 -79.18 -18.78
C ASP B 71 36.24 -80.49 -18.57
N ILE B 72 35.22 -80.76 -19.38
CA ILE B 72 34.49 -82.00 -19.29
C ILE B 72 35.18 -83.04 -20.17
N VAL B 73 35.29 -84.26 -19.66
CA VAL B 73 35.92 -85.33 -20.42
C VAL B 73 34.99 -86.54 -20.53
N GLU B 74 34.09 -86.50 -21.51
CA GLU B 74 33.24 -87.61 -21.91
C GLU B 74 32.60 -87.29 -23.26
N PRO B 75 33.30 -87.52 -24.38
CA PRO B 75 32.68 -87.26 -25.69
C PRO B 75 31.61 -88.29 -26.02
N THR B 76 30.42 -88.07 -25.47
CA THR B 76 29.32 -89.03 -25.51
C THR B 76 28.66 -88.94 -26.89
N GLU B 77 27.68 -89.80 -27.16
CA GLU B 77 26.79 -89.63 -28.30
C GLU B 77 25.39 -89.23 -27.88
N LYS B 78 25.20 -88.87 -26.61
CA LYS B 78 23.93 -88.38 -26.08
C LYS B 78 24.01 -86.96 -25.55
N THR B 79 24.96 -86.70 -24.64
CA THR B 79 24.98 -85.42 -23.94
C THR B 79 25.64 -84.32 -24.78
N VAL B 80 26.85 -84.57 -25.28
CA VAL B 80 27.66 -83.51 -25.89
C VAL B 80 27.29 -83.22 -27.33
N ASP B 81 26.25 -83.84 -27.88
CA ASP B 81 25.81 -83.55 -29.23
C ASP B 81 24.56 -82.67 -29.29
N ALA B 82 23.96 -82.36 -28.13
CA ALA B 82 23.01 -81.26 -28.02
C ALA B 82 23.68 -79.99 -27.51
N LEU B 83 24.95 -79.80 -27.86
CA LEU B 83 25.81 -78.79 -27.26
C LEU B 83 26.45 -77.85 -28.27
N MET B 84 26.58 -78.25 -29.53
CA MET B 84 27.26 -77.43 -30.54
C MET B 84 26.43 -76.23 -31.01
N ARG B 85 25.19 -76.08 -30.54
CA ARG B 85 24.32 -75.01 -31.00
C ARG B 85 23.96 -74.04 -29.88
N LEU B 86 24.93 -73.66 -29.06
CA LEU B 86 24.66 -72.93 -27.82
C LEU B 86 25.59 -71.73 -27.73
N ASP B 87 25.01 -70.52 -27.73
CA ASP B 87 25.76 -69.28 -27.59
C ASP B 87 25.02 -68.30 -26.67
N LEU B 88 24.52 -68.81 -25.55
CA LEU B 88 23.60 -68.07 -24.68
C LEU B 88 24.37 -67.43 -23.54
N ALA B 89 24.08 -66.15 -23.25
CA ALA B 89 23.11 -65.36 -24.01
C ALA B 89 23.67 -64.09 -24.63
N ALA B 90 24.30 -63.26 -23.80
CA ALA B 90 24.66 -61.91 -24.22
C ALA B 90 26.16 -61.76 -24.27
N GLY B 91 26.69 -61.50 -25.47
CA GLY B 91 28.10 -61.33 -25.68
C GLY B 91 28.91 -62.56 -25.33
N VAL B 92 28.69 -63.63 -26.07
CA VAL B 92 29.23 -64.95 -25.74
C VAL B 92 30.08 -65.42 -26.91
N ASP B 93 31.38 -65.61 -26.65
CA ASP B 93 32.29 -66.12 -27.65
C ASP B 93 32.91 -67.43 -27.14
N VAL B 94 33.52 -68.19 -28.04
CA VAL B 94 33.99 -69.54 -27.74
C VAL B 94 35.51 -69.59 -27.76
N GLN B 95 36.06 -70.27 -26.77
CA GLN B 95 37.47 -70.68 -26.77
C GLN B 95 37.53 -72.14 -26.35
N ILE B 96 36.72 -72.99 -26.99
CA ILE B 96 36.74 -74.42 -26.72
C ILE B 96 38.12 -75.00 -27.06
N SER B 97 38.64 -75.82 -26.15
CA SER B 97 39.98 -76.37 -26.26
C SER B 97 39.89 -77.88 -26.42
N LEU B 98 40.60 -78.41 -27.41
CA LEU B 98 40.54 -79.83 -27.72
C LEU B 98 41.93 -80.45 -27.72
N ALA C 1 39.67 -29.66 -32.67
CA ALA C 1 40.29 -30.88 -33.16
C ALA C 1 41.25 -30.59 -34.29
N LYS C 2 41.31 -29.31 -34.70
CA LYS C 2 41.95 -28.87 -35.94
C LYS C 2 41.31 -29.64 -37.08
N GLN C 3 40.06 -29.29 -37.41
CA GLN C 3 39.19 -30.06 -38.32
C GLN C 3 39.80 -30.38 -39.69
N SER C 4 40.84 -29.66 -40.10
CA SER C 4 41.58 -30.08 -41.28
C SER C 4 42.53 -31.24 -41.01
N MET C 5 42.73 -31.63 -39.75
CA MET C 5 43.47 -32.87 -39.51
C MET C 5 42.65 -34.10 -39.84
N LYS C 6 41.33 -33.97 -39.90
CA LYS C 6 40.50 -35.11 -40.30
C LYS C 6 40.63 -35.37 -41.79
N ALA C 7 41.11 -34.39 -42.55
CA ALA C 7 41.68 -34.65 -43.86
C ALA C 7 42.98 -35.44 -43.75
N ARG C 8 43.94 -34.89 -43.00
CA ARG C 8 45.26 -35.49 -42.84
C ARG C 8 45.28 -36.68 -41.90
N GLU C 9 44.12 -37.11 -41.40
CA GLU C 9 44.05 -38.32 -40.59
C GLU C 9 44.32 -39.56 -41.42
N VAL C 10 43.46 -39.82 -42.41
CA VAL C 10 43.57 -40.98 -43.28
C VAL C 10 44.83 -40.92 -44.14
N LYS C 11 45.24 -39.72 -44.56
CA LYS C 11 46.45 -39.47 -45.34
C LYS C 11 47.71 -39.91 -44.62
N ARG C 12 47.69 -39.92 -43.28
CA ARG C 12 48.84 -40.36 -42.51
C ARG C 12 48.63 -41.73 -41.87
N VAL C 13 47.40 -42.25 -41.87
CA VAL C 13 47.14 -43.56 -41.29
C VAL C 13 47.06 -44.67 -42.34
N ALA C 14 46.34 -44.46 -43.45
CA ALA C 14 46.05 -45.52 -44.41
C ALA C 14 47.30 -46.03 -45.12
N LEU C 15 48.02 -45.16 -45.81
CA LEU C 15 49.17 -45.56 -46.61
C LEU C 15 50.39 -45.97 -45.78
N ALA C 16 50.33 -45.87 -44.45
CA ALA C 16 51.42 -46.35 -43.61
C ALA C 16 51.53 -47.87 -43.66
N ASP C 17 50.40 -48.56 -43.50
CA ASP C 17 50.36 -50.01 -43.62
C ASP C 17 49.97 -50.47 -45.02
N LYS C 18 49.55 -49.56 -45.88
CA LYS C 18 49.31 -49.93 -47.27
C LYS C 18 50.61 -49.85 -48.07
N TYR C 19 51.68 -49.37 -47.44
CA TYR C 19 53.01 -49.45 -48.03
C TYR C 19 53.93 -50.35 -47.22
N PHE C 20 53.86 -50.27 -45.89
CA PHE C 20 54.79 -50.99 -45.04
C PHE C 20 54.14 -52.10 -44.23
N ALA C 21 53.27 -52.89 -44.84
CA ALA C 21 52.92 -54.20 -44.32
C ALA C 21 53.73 -55.31 -44.99
N LYS C 22 54.19 -55.10 -46.23
CA LYS C 22 54.83 -56.17 -46.99
C LYS C 22 56.21 -55.73 -47.48
N ARG C 23 56.39 -54.42 -47.71
CA ARG C 23 57.68 -53.92 -48.18
C ARG C 23 58.73 -53.96 -47.09
N ALA C 24 58.32 -54.00 -45.81
CA ALA C 24 59.26 -54.22 -44.73
C ALA C 24 59.76 -55.66 -44.71
N GLU C 25 58.92 -56.61 -45.13
CA GLU C 25 59.36 -57.98 -45.33
C GLU C 25 60.26 -58.11 -46.55
N LEU C 26 60.12 -57.20 -47.51
CA LEU C 26 60.91 -57.24 -48.74
C LEU C 26 62.38 -56.89 -48.50
N LYS C 27 62.70 -56.27 -47.35
CA LYS C 27 64.06 -55.89 -47.01
C LYS C 27 64.45 -56.32 -45.60
N ALA C 28 63.79 -57.36 -45.07
CA ALA C 28 63.85 -57.69 -43.65
C ALA C 28 65.11 -58.43 -43.23
N ILE C 29 66.14 -58.53 -44.08
CA ILE C 29 67.30 -59.35 -43.76
C ILE C 29 68.56 -58.48 -43.73
N ILE C 30 68.56 -57.42 -44.54
CA ILE C 30 69.81 -56.78 -44.95
C ILE C 30 70.38 -55.90 -43.84
N SER C 31 69.63 -54.88 -43.42
CA SER C 31 70.09 -54.00 -42.35
C SER C 31 70.08 -54.69 -40.99
N ASP C 32 69.33 -55.78 -40.84
CA ASP C 32 69.40 -56.66 -39.69
C ASP C 32 70.76 -57.35 -39.65
N VAL C 33 71.12 -57.85 -38.47
CA VAL C 33 72.40 -58.53 -38.33
C VAL C 33 72.23 -59.92 -38.92
N ASN C 34 72.53 -60.05 -40.21
CA ASN C 34 72.51 -61.33 -40.90
C ASN C 34 73.67 -61.47 -41.87
N ALA C 35 74.56 -60.47 -41.94
CA ALA C 35 75.68 -60.50 -42.87
C ALA C 35 76.83 -59.63 -42.35
N ARG C 39 75.49 -55.68 -45.35
CA ARG C 39 75.11 -54.27 -45.22
C ARG C 39 75.43 -53.52 -46.52
N TRP C 40 74.37 -53.07 -47.20
CA TRP C 40 74.52 -52.45 -48.52
C TRP C 40 73.63 -51.22 -48.61
N ASN C 41 73.92 -50.38 -49.60
CA ASN C 41 73.22 -49.12 -49.77
C ASN C 41 72.06 -49.19 -50.77
N ALA C 42 71.92 -50.29 -51.51
CA ALA C 42 70.79 -50.41 -52.42
C ALA C 42 69.48 -50.59 -51.66
N VAL C 43 69.52 -51.30 -50.53
CA VAL C 43 68.37 -51.35 -49.63
C VAL C 43 68.19 -50.00 -48.95
N LEU C 44 69.30 -49.30 -48.66
CA LEU C 44 69.22 -47.94 -48.17
C LEU C 44 68.71 -46.98 -49.24
N LYS C 45 68.98 -47.27 -50.52
CA LYS C 45 68.30 -46.54 -51.57
C LYS C 45 66.84 -46.97 -51.71
N LEU C 46 66.56 -48.26 -51.49
CA LEU C 46 65.19 -48.74 -51.38
C LEU C 46 64.47 -48.16 -50.18
N GLN C 47 65.21 -47.82 -49.11
CA GLN C 47 64.60 -47.39 -47.85
C GLN C 47 63.90 -46.05 -47.99
N THR C 48 64.59 -45.04 -48.51
CA THR C 48 64.05 -43.68 -48.54
C THR C 48 64.23 -43.07 -49.93
N LEU C 49 63.77 -43.80 -50.96
CA LEU C 49 63.63 -43.10 -52.23
C LEU C 49 62.30 -42.32 -52.30
N PRO C 50 61.18 -42.76 -51.64
CA PRO C 50 60.18 -41.77 -51.21
C PRO C 50 60.38 -41.39 -49.75
N ARG C 51 59.60 -40.44 -49.23
CA ARG C 51 59.64 -40.14 -47.79
C ARG C 51 58.27 -40.28 -47.14
N ASP C 52 57.20 -39.97 -47.89
CA ASP C 52 55.89 -39.67 -47.32
C ASP C 52 55.16 -40.88 -46.73
N SER C 53 55.78 -42.05 -46.65
CA SER C 53 55.21 -43.19 -45.95
C SER C 53 55.94 -43.37 -44.62
N SER C 54 55.18 -43.42 -43.53
CA SER C 54 55.76 -43.50 -42.20
C SER C 54 54.85 -44.23 -41.21
N PRO C 55 55.23 -45.42 -40.75
CA PRO C 55 54.50 -46.08 -39.67
C PRO C 55 54.91 -45.60 -38.28
N SER C 56 55.66 -44.51 -38.19
CA SER C 56 55.94 -43.85 -36.92
C SER C 56 55.54 -42.39 -37.04
N ARG C 57 54.34 -42.17 -37.57
CA ARG C 57 53.78 -40.84 -37.72
C ARG C 57 52.38 -40.82 -37.12
N GLN C 58 51.78 -42.00 -37.00
CA GLN C 58 50.45 -42.15 -36.42
C GLN C 58 50.48 -41.82 -34.94
N ARG C 59 49.76 -40.76 -34.56
CA ARG C 59 49.71 -40.29 -33.18
C ARG C 59 48.55 -40.90 -32.41
N ASN C 60 47.79 -41.80 -33.03
CA ASN C 60 46.61 -42.46 -32.47
C ASN C 60 45.55 -41.44 -32.03
N ARG C 61 45.06 -40.72 -33.03
CA ARG C 61 43.98 -39.76 -32.86
C ARG C 61 42.70 -40.49 -32.45
N CYS C 62 41.82 -39.77 -31.74
CA CYS C 62 40.58 -40.37 -31.24
C CYS C 62 39.64 -40.77 -32.37
N ARG C 63 38.70 -41.63 -32.02
CA ARG C 63 37.94 -42.35 -33.04
C ARG C 63 36.79 -41.51 -33.57
N GLN C 64 35.82 -41.16 -32.73
CA GLN C 64 34.57 -40.61 -33.21
C GLN C 64 34.51 -39.09 -33.24
N THR C 65 35.45 -38.40 -32.60
CA THR C 65 35.57 -36.96 -32.76
C THR C 65 36.99 -36.48 -32.99
N GLY C 66 38.00 -37.33 -32.78
CA GLY C 66 39.36 -36.99 -33.12
C GLY C 66 40.00 -35.92 -32.26
N ARG C 67 40.21 -36.22 -31.00
CA ARG C 67 41.10 -35.40 -30.19
C ARG C 67 42.37 -36.17 -29.85
N PRO C 68 43.57 -35.60 -30.08
CA PRO C 68 44.80 -36.39 -29.91
C PRO C 68 45.16 -36.77 -28.49
N HIS C 69 45.17 -35.81 -27.57
CA HIS C 69 45.64 -36.04 -26.21
C HIS C 69 44.68 -36.93 -25.44
N GLY C 70 45.22 -37.65 -24.45
CA GLY C 70 44.42 -38.46 -23.57
C GLY C 70 43.85 -39.72 -24.18
N PHE C 71 44.39 -40.17 -25.30
CA PHE C 71 43.94 -41.37 -25.98
C PHE C 71 44.21 -42.60 -25.11
N LEU C 72 43.39 -43.65 -25.31
CA LEU C 72 43.52 -44.89 -24.55
C LEU C 72 43.77 -46.08 -25.45
N ARG C 73 44.57 -47.02 -24.93
CA ARG C 73 45.03 -48.18 -25.70
C ARG C 73 43.88 -49.16 -25.97
N LYS C 74 43.24 -49.63 -24.89
CA LYS C 74 42.17 -50.62 -25.03
C LYS C 74 40.95 -50.03 -25.71
N PHE C 75 40.57 -48.81 -25.34
CA PHE C 75 39.26 -48.30 -25.74
C PHE C 75 39.27 -47.70 -27.13
N GLY C 76 40.42 -47.24 -27.62
CA GLY C 76 40.42 -46.49 -28.86
C GLY C 76 39.71 -45.17 -28.78
N LEU C 77 39.55 -44.61 -27.58
CA LEU C 77 38.91 -43.32 -27.36
C LEU C 77 39.77 -42.50 -26.41
N SER C 78 39.45 -41.21 -26.32
CA SER C 78 40.29 -40.25 -25.63
C SER C 78 39.64 -39.79 -24.33
N ARG C 79 40.25 -38.75 -23.74
CA ARG C 79 40.02 -38.26 -22.39
C ARG C 79 38.56 -38.04 -22.03
N ILE C 80 37.88 -37.14 -22.74
CA ILE C 80 36.48 -36.86 -22.44
C ILE C 80 35.51 -37.81 -23.13
N LYS C 81 35.96 -38.54 -24.15
CA LYS C 81 35.05 -39.45 -24.84
C LYS C 81 34.95 -40.81 -24.17
N VAL C 82 36.01 -41.26 -23.48
CA VAL C 82 35.88 -42.43 -22.62
C VAL C 82 34.87 -42.17 -21.53
N ARG C 83 34.90 -40.96 -20.97
CA ARG C 83 33.94 -40.55 -19.95
C ARG C 83 32.51 -40.55 -20.50
N GLU C 84 32.27 -39.78 -21.57
CA GLU C 84 30.90 -39.59 -22.07
C GLU C 84 30.30 -40.85 -22.66
N ALA C 85 31.13 -41.75 -23.20
CA ALA C 85 30.60 -43.03 -23.64
C ALA C 85 30.27 -43.91 -22.45
N ALA C 86 31.04 -43.81 -21.37
CA ALA C 86 30.71 -44.56 -20.16
C ALA C 86 29.51 -43.96 -19.45
N MET C 87 29.25 -42.67 -19.63
CA MET C 87 28.07 -42.08 -18.99
C MET C 87 26.80 -42.36 -19.79
N ARG C 88 26.90 -42.44 -21.11
CA ARG C 88 25.75 -42.88 -21.90
C ARG C 88 25.55 -44.39 -21.88
N GLY C 89 26.42 -45.15 -21.24
CA GLY C 89 26.33 -46.59 -21.30
C GLY C 89 26.75 -47.18 -22.62
N GLU C 90 27.43 -46.41 -23.47
CA GLU C 90 27.88 -46.89 -24.77
C GLU C 90 28.96 -47.96 -24.65
N ILE C 91 29.70 -47.96 -23.56
CA ILE C 91 30.74 -48.95 -23.30
C ILE C 91 30.13 -50.04 -22.44
N PRO C 92 30.27 -51.32 -22.81
CA PRO C 92 29.66 -52.38 -22.03
C PRO C 92 30.51 -52.76 -20.82
N GLY C 93 29.84 -53.02 -19.70
CA GLY C 93 30.47 -53.51 -18.47
C GLY C 93 31.51 -52.60 -17.87
N LEU C 94 31.13 -51.35 -17.58
CA LEU C 94 32.14 -50.36 -17.21
C LEU C 94 31.52 -49.41 -16.18
N LYS C 95 31.77 -49.67 -14.91
CA LYS C 95 31.33 -48.80 -13.83
C LYS C 95 32.52 -48.00 -13.30
N LYS C 96 32.25 -47.15 -12.31
CA LYS C 96 33.31 -46.39 -11.67
C LYS C 96 34.15 -47.33 -10.81
N ALA C 97 35.47 -47.18 -10.90
CA ALA C 97 36.36 -48.08 -10.18
C ALA C 97 36.39 -47.75 -8.70
N SER C 98 36.18 -48.76 -7.88
CA SER C 98 36.10 -48.59 -6.43
C SER C 98 36.42 -49.93 -5.80
N TRP C 99 37.30 -49.94 -4.80
CA TRP C 99 37.71 -51.19 -4.18
C TRP C 99 38.27 -50.93 -2.79
N GLY D 1 76.06 -48.88 -44.93
CA GLY D 1 77.32 -48.46 -44.35
C GLY D 1 77.16 -47.28 -43.40
N PRO D 2 78.01 -46.25 -43.56
CA PRO D 2 77.85 -45.02 -42.77
C PRO D 2 76.56 -44.30 -43.14
N PHE D 3 76.06 -43.46 -42.24
CA PHE D 3 74.73 -42.88 -42.40
C PHE D 3 74.75 -41.82 -43.48
N ILE D 4 74.38 -42.21 -44.69
CA ILE D 4 74.02 -41.29 -45.76
C ILE D 4 72.56 -41.53 -46.13
N ASP D 5 71.96 -40.55 -46.80
CA ASP D 5 70.56 -40.63 -47.19
C ASP D 5 70.42 -40.28 -48.67
N LEU D 6 69.43 -40.88 -49.33
CA LEU D 6 69.19 -40.62 -50.76
C LEU D 6 68.75 -39.18 -51.02
N HIS D 7 68.27 -38.48 -49.99
CA HIS D 7 67.96 -37.06 -50.15
C HIS D 7 69.23 -36.23 -50.34
N LEU D 8 70.37 -36.72 -49.85
CA LEU D 8 71.64 -36.11 -50.24
C LEU D 8 72.52 -37.06 -51.06
N LEU D 9 72.14 -38.32 -51.22
CA LEU D 9 72.88 -39.18 -52.15
C LEU D 9 72.42 -38.94 -53.59
N LYS D 10 71.30 -38.25 -53.76
CA LYS D 10 71.03 -37.60 -55.04
C LYS D 10 71.55 -36.19 -55.09
N LYS D 11 72.36 -35.79 -54.11
CA LYS D 11 73.10 -34.54 -54.11
C LYS D 11 74.61 -34.74 -54.09
N VAL D 12 75.10 -35.69 -53.29
CA VAL D 12 76.54 -35.90 -53.19
C VAL D 12 77.04 -36.72 -54.39
N GLU D 13 76.15 -37.43 -55.09
CA GLU D 13 76.47 -38.03 -56.38
C GLU D 13 76.32 -37.04 -57.52
N LYS D 14 75.82 -35.84 -57.23
CA LYS D 14 75.85 -34.74 -58.17
C LYS D 14 76.88 -33.70 -57.75
N ALA D 15 77.57 -33.92 -56.63
CA ALA D 15 78.63 -33.04 -56.17
C ALA D 15 80.02 -33.66 -56.34
N VAL D 16 80.23 -34.87 -55.80
CA VAL D 16 81.56 -35.47 -55.82
C VAL D 16 81.87 -36.07 -57.20
N GLU D 17 80.84 -36.50 -57.92
CA GLU D 17 81.03 -37.20 -59.19
C GLU D 17 81.62 -36.29 -60.27
N SER D 18 81.29 -35.00 -60.21
CA SER D 18 81.87 -34.03 -61.14
C SER D 18 82.80 -33.05 -60.45
N GLY D 19 83.60 -33.52 -59.49
CA GLY D 19 84.67 -32.73 -58.90
C GLY D 19 84.25 -31.77 -57.81
N ASP D 20 84.67 -30.51 -57.92
CA ASP D 20 84.32 -29.45 -56.98
C ASP D 20 83.57 -28.38 -57.75
N LYS D 21 82.38 -28.02 -57.27
CA LYS D 21 81.49 -27.15 -58.05
C LYS D 21 80.68 -26.28 -57.11
N LYS D 22 79.67 -25.62 -57.68
CA LYS D 22 78.66 -24.88 -56.94
C LYS D 22 77.91 -25.81 -55.97
N PRO D 23 77.48 -25.30 -54.82
CA PRO D 23 76.97 -26.18 -53.77
C PRO D 23 75.53 -26.63 -54.01
N LEU D 24 75.13 -27.60 -53.20
CA LEU D 24 73.76 -28.12 -53.17
C LEU D 24 73.07 -27.65 -51.91
N ARG D 25 71.90 -27.04 -52.07
CA ARG D 25 71.07 -26.64 -50.93
C ARG D 25 70.51 -27.91 -50.30
N THR D 26 71.20 -28.47 -49.32
CA THR D 26 70.95 -29.84 -48.88
C THR D 26 69.90 -29.85 -47.77
N TRP D 27 68.75 -30.46 -48.07
CA TRP D 27 67.68 -30.58 -47.08
C TRP D 27 68.00 -31.60 -45.99
N SER D 28 68.71 -32.66 -46.32
CA SER D 28 68.99 -33.75 -45.38
C SER D 28 70.37 -33.52 -44.76
N ARG D 29 70.35 -32.96 -43.54
CA ARG D 29 71.55 -32.52 -42.84
C ARG D 29 72.16 -33.56 -41.93
N ARG D 30 71.45 -34.64 -41.60
CA ARG D 30 71.79 -35.50 -40.48
C ARG D 30 72.81 -36.57 -40.83
N SER D 31 73.51 -36.44 -41.95
CA SER D 31 74.27 -37.53 -42.53
C SER D 31 75.59 -37.78 -41.80
N THR D 32 76.38 -38.70 -42.31
CA THR D 32 77.72 -39.01 -41.83
C THR D 32 78.68 -38.84 -42.98
N ILE D 33 79.81 -38.17 -42.73
CA ILE D 33 80.65 -37.60 -43.77
C ILE D 33 81.65 -38.63 -44.26
N PHE D 34 81.55 -38.96 -45.56
CA PHE D 34 82.49 -39.84 -46.22
C PHE D 34 83.88 -39.19 -46.32
N PRO D 35 84.95 -40.00 -46.44
CA PRO D 35 86.29 -39.41 -46.56
C PRO D 35 86.56 -38.74 -47.90
N ASN D 36 85.78 -39.01 -48.94
CA ASN D 36 85.92 -38.26 -50.19
C ASN D 36 85.02 -37.04 -50.25
N MET D 37 84.44 -36.65 -49.12
CA MET D 37 83.68 -35.40 -48.99
C MET D 37 84.55 -34.25 -48.49
N ILE D 38 85.84 -34.49 -48.27
CA ILE D 38 86.75 -33.43 -47.82
C ILE D 38 86.96 -32.43 -48.95
N GLY D 39 86.90 -31.14 -48.60
CA GLY D 39 86.98 -30.08 -49.58
C GLY D 39 85.64 -29.71 -50.17
N LEU D 40 84.77 -30.70 -50.35
CA LEU D 40 83.43 -30.50 -50.83
C LEU D 40 82.60 -29.75 -49.80
N THR D 41 81.52 -29.12 -50.28
CA THR D 41 80.62 -28.34 -49.44
C THR D 41 79.21 -28.89 -49.58
N ILE D 42 78.65 -29.36 -48.47
CA ILE D 42 77.27 -29.86 -48.44
C ILE D 42 76.57 -29.14 -47.30
N ALA D 43 75.51 -28.40 -47.64
CA ALA D 43 74.92 -27.44 -46.72
C ALA D 43 74.04 -28.13 -45.67
N VAL D 44 73.56 -27.32 -44.74
CA VAL D 44 72.73 -27.77 -43.62
C VAL D 44 71.49 -26.89 -43.56
N HIS D 45 70.32 -27.49 -43.74
CA HIS D 45 69.06 -26.76 -43.62
C HIS D 45 68.75 -26.54 -42.15
N ASN D 46 68.69 -25.29 -41.72
CA ASN D 46 68.44 -24.95 -40.32
C ASN D 46 66.97 -24.61 -40.03
N GLY D 47 66.12 -24.69 -41.05
CA GLY D 47 64.74 -24.27 -40.94
C GLY D 47 64.35 -23.25 -41.99
N ARG D 48 65.25 -22.31 -42.27
CA ARG D 48 65.10 -21.38 -43.39
C ARG D 48 66.17 -21.57 -44.45
N GLN D 49 67.43 -21.58 -44.04
CA GLN D 49 68.55 -21.40 -44.95
C GLN D 49 69.45 -22.63 -44.91
N HIS D 50 69.82 -23.11 -46.09
CA HIS D 50 70.78 -24.20 -46.20
C HIS D 50 72.18 -23.63 -45.96
N VAL D 51 72.48 -23.41 -44.68
CA VAL D 51 73.77 -22.82 -44.29
C VAL D 51 74.84 -23.91 -44.36
N PRO D 52 75.97 -23.63 -45.01
CA PRO D 52 76.94 -24.69 -45.28
C PRO D 52 77.91 -24.92 -44.11
N VAL D 53 78.74 -25.96 -44.28
CA VAL D 53 79.76 -26.35 -43.32
C VAL D 53 81.08 -26.48 -44.06
N PHE D 54 82.14 -25.91 -43.49
CA PHE D 54 83.50 -26.17 -43.97
C PHE D 54 83.91 -27.55 -43.51
N VAL D 55 83.90 -28.51 -44.44
CA VAL D 55 84.11 -29.92 -44.11
C VAL D 55 85.57 -30.15 -43.75
N THR D 56 85.79 -30.74 -42.58
CA THR D 56 87.13 -31.05 -42.07
C THR D 56 87.20 -32.55 -41.80
N ASP D 57 88.41 -33.11 -41.90
CA ASP D 57 88.60 -34.55 -41.71
C ASP D 57 88.50 -34.97 -40.24
N GLU D 58 88.37 -34.01 -39.31
CA GLU D 58 88.10 -34.34 -37.92
C GLU D 58 86.64 -34.73 -37.69
N MET D 59 85.80 -34.73 -38.72
CA MET D 59 84.37 -35.00 -38.58
C MET D 59 84.08 -36.49 -38.78
N VAL D 60 84.81 -37.30 -38.02
CA VAL D 60 84.57 -38.74 -37.94
C VAL D 60 83.64 -39.08 -36.77
N GLY D 61 84.10 -38.79 -35.54
CA GLY D 61 83.20 -38.82 -34.40
C GLY D 61 82.34 -37.58 -34.41
N HIS D 62 82.94 -36.47 -34.84
CA HIS D 62 82.23 -35.21 -35.02
C HIS D 62 81.31 -35.32 -36.23
N LYS D 63 80.30 -34.47 -36.29
CA LYS D 63 79.33 -34.51 -37.37
C LYS D 63 79.19 -33.17 -38.07
N LEU D 64 78.28 -33.15 -39.05
CA LEU D 64 78.22 -32.06 -40.03
C LEU D 64 77.66 -30.78 -39.42
N GLY D 65 76.42 -30.83 -38.95
CA GLY D 65 75.68 -29.61 -38.62
C GLY D 65 76.05 -28.86 -37.36
N GLU D 66 77.23 -29.14 -36.80
CA GLU D 66 77.68 -28.39 -35.62
C GLU D 66 78.10 -26.97 -36.01
N PHE D 67 78.91 -26.84 -37.06
CA PHE D 67 79.34 -25.52 -37.50
C PHE D 67 78.20 -24.71 -38.13
N ALA D 68 77.14 -25.37 -38.61
CA ALA D 68 75.96 -24.70 -39.13
C ALA D 68 74.73 -25.16 -38.34
N PRO D 69 74.49 -24.57 -37.17
CA PRO D 69 73.34 -24.97 -36.37
C PRO D 69 72.10 -24.16 -36.76
N THR D 70 71.02 -24.39 -36.03
CA THR D 70 69.83 -23.56 -36.14
C THR D 70 69.95 -22.30 -35.29
N ARG D 71 70.30 -22.44 -34.02
CA ARG D 71 70.10 -21.40 -33.02
C ARG D 71 71.42 -20.67 -32.75
N THR D 72 71.31 -19.39 -32.40
CA THR D 72 72.49 -18.61 -32.06
C THR D 72 72.47 -18.27 -30.57
N TYR D 73 73.63 -18.31 -29.91
CA TYR D 73 73.73 -17.78 -28.56
C TYR D 73 74.79 -16.68 -28.55
N ARG D 74 74.32 -15.45 -28.37
CA ARG D 74 75.11 -14.21 -28.44
C ARG D 74 75.97 -14.08 -29.70
N ALA F 1 -19.04 16.32 -39.54
CA ALA F 1 -18.97 16.10 -38.12
C ALA F 1 -19.57 14.74 -37.76
N ARG F 2 -19.09 13.69 -38.43
CA ARG F 2 -19.31 12.33 -37.98
C ARG F 2 -18.26 11.38 -38.56
N TYR F 3 -18.27 10.14 -38.06
CA TYR F 3 -17.24 9.17 -38.39
C TYR F 3 -17.48 8.61 -39.79
N LEU F 4 -16.50 8.80 -40.69
CA LEU F 4 -16.81 8.58 -42.09
C LEU F 4 -16.30 7.25 -42.64
N GLY F 5 -14.98 7.01 -42.58
CA GLY F 5 -14.34 6.14 -43.54
C GLY F 5 -14.69 4.66 -43.50
N PRO F 6 -14.22 3.94 -42.49
CA PRO F 6 -14.67 2.56 -42.29
C PRO F 6 -15.87 2.54 -41.37
N LYS F 7 -16.58 1.41 -41.36
CA LYS F 7 -17.66 1.28 -40.40
C LYS F 7 -17.64 0.01 -39.57
N LEU F 8 -17.33 -1.15 -40.13
CA LEU F 8 -17.44 -2.38 -39.34
C LEU F 8 -16.20 -2.67 -38.51
N LYS F 9 -15.06 -2.06 -38.83
CA LYS F 9 -13.86 -2.33 -38.05
C LYS F 9 -13.97 -1.72 -36.67
N LEU F 10 -14.83 -0.72 -36.52
CA LEU F 10 -15.11 -0.16 -35.21
C LEU F 10 -15.89 -1.14 -34.36
N SER F 11 -16.71 -1.98 -34.99
CA SER F 11 -17.36 -3.05 -34.26
C SER F 11 -16.35 -4.13 -33.87
N ARG F 12 -15.30 -4.29 -34.67
CA ARG F 12 -14.25 -5.24 -34.31
C ARG F 12 -13.46 -4.76 -33.11
N ARG F 13 -13.44 -3.45 -32.86
CA ARG F 13 -12.85 -2.93 -31.64
C ARG F 13 -13.74 -3.15 -30.43
N GLU F 14 -15.03 -2.89 -30.56
CA GLU F 14 -15.92 -2.86 -29.41
C GLU F 14 -16.63 -4.18 -29.16
N GLY F 15 -16.05 -5.30 -29.57
CA GLY F 15 -16.66 -6.58 -29.32
C GLY F 15 -17.88 -6.87 -30.19
N THR F 16 -19.06 -6.80 -29.59
CA THR F 16 -20.28 -7.24 -30.24
C THR F 16 -20.66 -6.27 -31.36
N ASP F 17 -21.57 -6.70 -32.24
CA ASP F 17 -21.93 -5.94 -33.42
C ASP F 17 -22.73 -4.70 -33.06
N LEU F 18 -22.30 -3.58 -33.60
CA LEU F 18 -23.06 -2.34 -33.62
C LEU F 18 -23.72 -2.19 -34.97
N PHE F 19 -25.01 -1.86 -34.94
CA PHE F 19 -25.90 -2.01 -36.09
C PHE F 19 -25.64 -0.99 -37.17
N LEU F 20 -24.43 -0.97 -37.73
CA LEU F 20 -24.04 -0.03 -38.75
C LEU F 20 -24.24 -0.57 -40.15
N LYS F 21 -24.10 -1.90 -40.30
CA LYS F 21 -24.20 -2.71 -41.49
C LYS F 21 -24.99 -3.94 -41.04
N SER F 22 -26.25 -4.04 -41.45
CA SER F 22 -27.11 -5.09 -40.92
C SER F 22 -28.12 -5.55 -41.95
N GLY F 23 -28.83 -6.64 -41.62
CA GLY F 23 -29.86 -7.19 -42.45
C GLY F 23 -29.41 -8.28 -43.40
N VAL F 24 -28.11 -8.37 -43.68
CA VAL F 24 -27.53 -9.33 -44.60
C VAL F 24 -26.63 -10.22 -43.74
N ARG F 25 -25.91 -11.14 -44.38
CA ARG F 25 -24.99 -12.11 -43.79
C ARG F 25 -23.85 -11.54 -42.96
N ALA F 26 -23.68 -10.22 -42.93
CA ALA F 26 -22.57 -9.60 -42.20
C ALA F 26 -22.74 -9.68 -40.68
N ILE F 27 -23.88 -10.19 -40.21
CA ILE F 27 -24.00 -10.69 -38.85
C ILE F 27 -22.89 -11.68 -38.53
N ASP F 28 -22.80 -12.77 -39.30
CA ASP F 28 -21.73 -13.73 -39.11
C ASP F 28 -20.58 -13.41 -40.08
N THR F 29 -19.78 -12.43 -39.67
CA THR F 29 -18.40 -12.23 -40.08
C THR F 29 -18.18 -12.08 -41.59
N LYS F 30 -18.70 -11.02 -42.18
CA LYS F 30 -18.13 -10.59 -43.45
C LYS F 30 -16.95 -9.66 -43.26
N CYS F 31 -16.49 -9.49 -42.02
CA CYS F 31 -15.36 -8.64 -41.72
C CYS F 31 -14.43 -9.25 -40.68
N LYS F 32 -14.70 -10.48 -40.22
CA LYS F 32 -13.97 -11.18 -39.17
C LYS F 32 -13.98 -10.42 -37.85
N ILE F 33 -15.16 -10.34 -37.22
CA ILE F 33 -15.34 -9.86 -35.85
C ILE F 33 -14.33 -10.51 -34.91
N GLU F 34 -13.73 -9.69 -34.03
CA GLU F 34 -12.80 -10.07 -32.96
C GLU F 34 -11.46 -10.57 -33.54
N GLN F 35 -11.21 -10.32 -34.81
CA GLN F 35 -10.00 -10.86 -35.43
C GLN F 35 -9.05 -9.77 -35.87
N ALA F 36 -9.56 -8.55 -36.11
CA ALA F 36 -8.73 -7.48 -36.63
C ALA F 36 -9.27 -6.13 -36.19
N PRO F 37 -8.83 -5.62 -35.05
CA PRO F 37 -8.99 -4.19 -34.79
C PRO F 37 -8.10 -3.34 -35.68
N GLY F 38 -6.95 -3.86 -36.08
CA GLY F 38 -5.99 -3.12 -36.88
C GLY F 38 -4.88 -3.99 -37.44
N GLN F 39 -3.68 -3.42 -37.61
CA GLN F 39 -2.51 -4.17 -38.07
C GLN F 39 -2.20 -5.32 -37.12
N HIS F 40 -1.89 -5.00 -35.88
CA HIS F 40 -1.80 -6.00 -34.83
C HIS F 40 -3.24 -6.39 -34.54
N GLY F 41 -3.69 -7.46 -35.18
CA GLY F 41 -5.09 -7.76 -35.27
C GLY F 41 -5.52 -8.66 -34.13
N ALA F 42 -5.69 -9.94 -34.41
CA ALA F 42 -6.03 -10.92 -33.36
C ALA F 42 -4.84 -10.99 -32.41
N ARG F 43 -4.99 -10.37 -31.25
CA ARG F 43 -3.89 -10.11 -30.33
C ARG F 43 -4.37 -10.38 -28.92
N LYS F 44 -3.62 -9.89 -27.95
CA LYS F 44 -3.92 -10.02 -26.53
C LYS F 44 -4.41 -8.67 -26.02
N PRO F 45 -5.71 -8.46 -25.87
CA PRO F 45 -6.19 -7.19 -25.29
C PRO F 45 -6.23 -7.23 -23.77
N ARG F 46 -5.07 -7.03 -23.14
CA ARG F 46 -4.96 -7.03 -21.69
C ARG F 46 -5.60 -5.75 -21.15
N LEU F 47 -6.83 -5.88 -20.67
CA LEU F 47 -7.71 -4.76 -20.38
C LEU F 47 -7.26 -4.01 -19.12
N SER F 48 -7.98 -2.94 -18.80
CA SER F 48 -7.67 -2.13 -17.63
C SER F 48 -8.94 -1.75 -16.89
N ASP F 49 -8.83 -0.85 -15.91
CA ASP F 49 -10.00 -0.38 -15.18
C ASP F 49 -10.68 0.75 -15.93
N TYR F 50 -9.92 1.78 -16.31
CA TYR F 50 -10.45 2.91 -17.07
C TYR F 50 -11.02 2.50 -18.41
N GLY F 51 -10.53 1.42 -19.00
CA GLY F 51 -11.02 0.94 -20.28
C GLY F 51 -12.47 0.51 -20.28
N VAL F 52 -12.90 -0.24 -19.25
CA VAL F 52 -14.22 -0.85 -19.27
C VAL F 52 -15.27 0.19 -18.97
N GLN F 53 -14.86 1.37 -18.52
CA GLN F 53 -15.70 2.54 -18.58
C GLN F 53 -15.58 3.28 -19.89
N LEU F 54 -14.37 3.36 -20.45
CA LEU F 54 -14.17 4.12 -21.67
C LEU F 54 -14.75 3.42 -22.89
N ARG F 55 -14.84 2.10 -22.86
CA ARG F 55 -15.48 1.39 -23.97
C ARG F 55 -16.96 1.68 -24.04
N GLU F 56 -17.60 1.86 -22.88
CA GLU F 56 -19.05 2.01 -22.85
C GLU F 56 -19.48 3.39 -23.31
N LYS F 57 -18.67 4.41 -23.03
CA LYS F 57 -18.97 5.75 -23.52
C LYS F 57 -18.83 5.80 -25.04
N GLN F 58 -17.92 5.02 -25.59
CA GLN F 58 -17.88 4.94 -27.04
C GLN F 58 -18.51 3.69 -27.55
N LYS F 59 -19.45 3.12 -26.81
CA LYS F 59 -20.34 2.14 -27.39
C LYS F 59 -21.57 2.85 -27.89
N VAL F 60 -22.24 3.57 -26.97
CA VAL F 60 -23.57 4.07 -27.29
C VAL F 60 -23.48 5.43 -27.99
N ARG F 61 -22.31 6.07 -27.95
CA ARG F 61 -22.08 7.17 -28.89
C ARG F 61 -22.04 6.65 -30.31
N ARG F 62 -21.39 5.51 -30.51
CA ARG F 62 -21.14 5.03 -31.85
C ARG F 62 -22.29 4.18 -32.36
N ILE F 63 -23.27 3.86 -31.52
CA ILE F 63 -24.47 3.18 -32.01
C ILE F 63 -25.43 4.18 -32.62
N TYR F 64 -25.27 5.46 -32.28
CA TYR F 64 -26.20 6.49 -32.73
C TYR F 64 -25.53 7.58 -33.55
N GLY F 65 -24.23 7.77 -33.40
CA GLY F 65 -23.50 8.74 -34.20
C GLY F 65 -23.41 10.11 -33.58
N VAL F 66 -23.05 10.17 -32.30
CA VAL F 66 -23.03 11.42 -31.55
C VAL F 66 -21.63 11.67 -31.04
N LEU F 67 -21.07 12.83 -31.41
CA LEU F 67 -19.71 13.20 -31.05
C LEU F 67 -19.67 13.69 -29.60
N GLU F 68 -18.53 14.23 -29.19
CA GLU F 68 -18.29 14.41 -27.76
C GLU F 68 -18.84 15.73 -27.23
N ARG F 69 -18.89 16.78 -28.05
CA ARG F 69 -19.60 17.99 -27.65
C ARG F 69 -21.07 17.70 -27.41
N GLN F 70 -21.68 16.92 -28.28
CA GLN F 70 -23.12 16.77 -28.19
C GLN F 70 -23.51 15.78 -27.12
N PHE F 71 -22.71 14.73 -26.91
CA PHE F 71 -23.09 13.69 -25.96
C PHE F 71 -22.97 14.15 -24.52
N ARG F 72 -22.13 15.14 -24.24
CA ARG F 72 -22.07 15.66 -22.88
C ARG F 72 -23.28 16.51 -22.55
N ASN F 73 -23.85 17.18 -23.55
CA ASN F 73 -25.08 17.94 -23.32
C ASN F 73 -26.24 17.04 -22.98
N TYR F 74 -26.28 15.84 -23.57
CA TYR F 74 -27.26 14.87 -23.13
C TYR F 74 -26.94 14.38 -21.74
N TYR F 75 -25.66 14.38 -21.35
CA TYR F 75 -25.34 13.96 -20.00
C TYR F 75 -25.74 15.02 -18.99
N LYS F 76 -25.38 16.28 -19.26
CA LYS F 76 -25.65 17.34 -18.30
C LYS F 76 -27.13 17.65 -18.23
N GLU F 77 -27.87 17.36 -19.30
CA GLU F 77 -29.33 17.42 -19.20
C GLU F 77 -29.88 16.25 -18.41
N ALA F 78 -29.15 15.14 -18.37
CA ALA F 78 -29.66 13.97 -17.67
C ALA F 78 -29.37 14.03 -16.17
N ALA F 79 -28.96 15.19 -15.65
CA ALA F 79 -28.81 15.34 -14.21
C ALA F 79 -29.91 16.21 -13.62
N ARG F 80 -30.27 17.28 -14.32
CA ARG F 80 -31.32 18.18 -13.83
C ARG F 80 -32.70 17.55 -13.88
N LEU F 81 -32.91 16.53 -14.72
CA LEU F 81 -34.25 15.97 -14.87
C LEU F 81 -34.49 14.96 -13.76
N LYS F 82 -35.76 14.76 -13.41
CA LYS F 82 -36.10 13.95 -12.25
C LYS F 82 -35.85 12.48 -12.53
N GLY F 83 -35.29 11.78 -11.55
CA GLY F 83 -35.19 10.34 -11.59
C GLY F 83 -33.76 9.87 -11.64
N ASN F 84 -33.58 8.66 -12.15
CA ASN F 84 -32.27 8.10 -12.39
C ASN F 84 -31.51 8.94 -13.40
N THR F 85 -30.25 9.22 -13.09
CA THR F 85 -29.36 9.89 -14.05
C THR F 85 -29.10 8.99 -15.24
N GLY F 86 -28.91 7.69 -15.00
CA GLY F 86 -28.65 6.78 -16.10
C GLY F 86 -29.87 6.54 -16.96
N GLU F 87 -31.02 6.27 -16.33
CA GLU F 87 -32.21 5.90 -17.09
C GLU F 87 -32.77 7.07 -17.89
N ASN F 88 -32.72 8.28 -17.33
CA ASN F 88 -33.07 9.46 -18.12
C ASN F 88 -32.11 9.65 -19.27
N LEU F 89 -30.84 9.28 -19.10
CA LEU F 89 -29.88 9.40 -20.18
C LEU F 89 -30.19 8.44 -21.31
N LEU F 90 -30.72 7.27 -21.00
CA LEU F 90 -31.16 6.42 -22.09
C LEU F 90 -32.51 6.85 -22.63
N ALA F 91 -33.35 7.46 -21.79
CA ALA F 91 -34.61 8.02 -22.27
C ALA F 91 -34.35 9.20 -23.19
N LEU F 92 -33.38 10.04 -22.86
CA LEU F 92 -33.07 11.17 -23.73
C LEU F 92 -32.38 10.72 -25.01
N LEU F 93 -31.74 9.56 -25.00
CA LEU F 93 -31.21 9.04 -26.25
C LEU F 93 -32.32 8.48 -27.14
N GLU F 94 -33.28 7.79 -26.54
CA GLU F 94 -34.30 7.14 -27.35
C GLU F 94 -35.26 8.16 -27.96
N GLY F 95 -35.45 9.30 -27.30
CA GLY F 95 -36.31 10.32 -27.85
C GLY F 95 -35.72 11.10 -29.01
N ARG F 96 -34.46 10.81 -29.37
CA ARG F 96 -33.79 11.47 -30.48
C ARG F 96 -34.51 11.16 -31.78
N LEU F 97 -34.52 12.13 -32.69
CA LEU F 97 -35.24 12.01 -33.96
C LEU F 97 -34.71 10.87 -34.80
N ASP F 98 -33.39 10.73 -34.90
CA ASP F 98 -32.81 9.70 -35.76
C ASP F 98 -33.07 8.32 -35.20
N ASN F 99 -33.04 8.18 -33.88
CA ASN F 99 -33.27 6.89 -33.25
C ASN F 99 -34.72 6.44 -33.44
N VAL F 100 -35.65 7.37 -33.56
CA VAL F 100 -37.04 7.01 -33.75
C VAL F 100 -37.29 6.60 -35.18
N VAL F 101 -36.76 7.36 -36.15
CA VAL F 101 -36.97 7.11 -37.56
C VAL F 101 -36.39 5.77 -37.98
N TYR F 102 -35.30 5.34 -37.35
CA TYR F 102 -34.75 4.00 -37.60
C TYR F 102 -35.71 2.90 -37.18
N ARG F 103 -36.03 2.81 -35.90
CA ARG F 103 -36.82 1.69 -35.41
C ARG F 103 -38.32 1.93 -35.48
N MET F 104 -38.76 3.01 -36.10
CA MET F 104 -40.09 3.05 -36.72
C MET F 104 -39.97 2.72 -38.19
N GLY F 105 -39.30 1.61 -38.48
CA GLY F 105 -39.35 1.02 -39.80
C GLY F 105 -38.51 1.65 -40.88
N PHE F 106 -38.55 2.99 -40.96
CA PHE F 106 -37.91 3.72 -42.05
C PHE F 106 -36.41 3.48 -42.07
N GLY F 107 -35.86 3.43 -43.28
CA GLY F 107 -34.42 3.37 -43.47
C GLY F 107 -33.79 2.03 -43.17
N ALA F 108 -32.73 1.71 -43.91
CA ALA F 108 -31.95 0.53 -43.60
C ALA F 108 -31.15 0.67 -42.32
N THR F 109 -30.39 1.75 -42.17
CA THR F 109 -29.58 1.94 -40.99
C THR F 109 -29.77 3.37 -40.48
N ARG F 110 -29.25 3.63 -39.29
CA ARG F 110 -29.43 4.93 -38.64
C ARG F 110 -28.73 6.03 -39.41
N ALA F 111 -27.59 5.71 -40.02
CA ALA F 111 -26.86 6.69 -40.81
C ALA F 111 -27.64 7.06 -42.06
N GLU F 112 -28.41 6.12 -42.61
CA GLU F 112 -29.27 6.44 -43.74
C GLU F 112 -30.41 7.33 -43.32
N ALA F 113 -31.06 6.99 -42.20
CA ALA F 113 -32.20 7.76 -41.72
C ALA F 113 -31.77 9.15 -41.31
N ARG F 114 -30.53 9.28 -40.80
CA ARG F 114 -29.95 10.59 -40.54
C ARG F 114 -29.83 11.39 -41.81
N GLN F 115 -29.38 10.74 -42.89
CA GLN F 115 -29.36 11.40 -44.18
C GLN F 115 -30.77 11.61 -44.70
N LEU F 116 -31.69 10.71 -44.36
CA LEU F 116 -33.09 10.95 -44.69
C LEU F 116 -33.72 12.04 -43.82
N VAL F 117 -33.18 12.28 -42.62
CA VAL F 117 -33.59 13.48 -41.91
C VAL F 117 -33.00 14.70 -42.59
N SER F 118 -31.72 14.66 -42.91
CA SER F 118 -31.02 15.85 -43.37
C SER F 118 -31.31 16.21 -44.83
N HIS F 119 -31.99 15.35 -45.58
CA HIS F 119 -32.40 15.66 -46.95
C HIS F 119 -33.88 15.99 -47.06
N LYS F 120 -34.44 16.74 -46.11
CA LYS F 120 -35.75 17.38 -46.18
C LYS F 120 -36.91 16.38 -46.23
N ALA F 121 -36.67 15.10 -45.96
CA ALA F 121 -37.69 14.09 -46.22
C ALA F 121 -38.65 13.91 -45.06
N ILE F 122 -38.12 13.70 -43.85
CA ILE F 122 -38.96 13.40 -42.69
C ILE F 122 -39.79 14.63 -42.33
N MET F 123 -40.93 14.39 -41.68
CA MET F 123 -41.78 15.47 -41.24
C MET F 123 -42.44 15.06 -39.93
N VAL F 124 -42.21 15.85 -38.88
CA VAL F 124 -42.70 15.54 -37.55
C VAL F 124 -43.96 16.35 -37.30
N ASN F 125 -45.08 15.65 -37.17
CA ASN F 125 -46.33 16.18 -36.62
C ASN F 125 -46.85 17.33 -37.48
N GLY F 126 -46.67 17.22 -38.79
CA GLY F 126 -47.03 18.26 -39.71
C GLY F 126 -45.96 19.31 -39.94
N ARG F 127 -44.76 19.14 -39.39
CA ARG F 127 -43.71 20.15 -39.47
C ARG F 127 -42.45 19.55 -40.03
N VAL F 128 -41.85 20.24 -41.01
CA VAL F 128 -40.60 19.81 -41.63
C VAL F 128 -39.47 19.96 -40.63
N VAL F 129 -38.69 18.89 -40.43
CA VAL F 129 -37.55 18.93 -39.53
C VAL F 129 -36.36 18.30 -40.23
N ASN F 130 -35.29 19.06 -40.40
CA ASN F 130 -34.05 18.59 -40.99
C ASN F 130 -32.89 18.73 -40.03
N ILE F 131 -33.18 18.54 -38.74
CA ILE F 131 -32.19 18.65 -37.69
C ILE F 131 -32.23 17.34 -36.91
N ALA F 132 -31.08 16.71 -36.76
CA ALA F 132 -31.08 15.32 -36.32
C ALA F 132 -31.14 15.15 -34.81
N SER F 133 -31.60 16.16 -34.09
CA SER F 133 -31.74 16.00 -32.65
C SER F 133 -33.03 16.65 -32.14
N TYR F 134 -34.02 16.82 -33.01
CA TYR F 134 -35.34 17.26 -32.57
C TYR F 134 -35.93 16.15 -31.72
N GLN F 135 -35.94 16.40 -30.42
CA GLN F 135 -36.13 15.32 -29.46
C GLN F 135 -37.62 15.12 -29.17
N VAL F 136 -38.16 14.01 -29.67
CA VAL F 136 -39.60 13.85 -29.85
C VAL F 136 -40.32 13.67 -28.52
N SER F 137 -41.41 14.41 -28.35
CA SER F 137 -42.32 14.32 -27.22
C SER F 137 -43.34 13.23 -27.50
N PRO F 138 -43.92 12.58 -26.46
CA PRO F 138 -44.92 11.53 -26.72
C PRO F 138 -46.20 12.03 -27.38
N ASN F 139 -46.96 11.11 -27.97
CA ASN F 139 -48.15 11.34 -28.78
C ASN F 139 -47.86 12.26 -29.96
N ASP F 140 -46.82 11.99 -30.74
CA ASP F 140 -46.54 12.74 -31.96
C ASP F 140 -46.34 11.78 -33.11
N VAL F 141 -46.90 12.13 -34.26
CA VAL F 141 -46.82 11.28 -35.45
C VAL F 141 -45.54 11.60 -36.18
N VAL F 142 -44.89 10.55 -36.69
CA VAL F 142 -43.84 10.75 -37.67
C VAL F 142 -44.48 10.63 -39.04
N SER F 143 -43.83 11.18 -40.06
CA SER F 143 -44.42 11.24 -41.39
C SER F 143 -43.36 11.55 -42.43
N ILE F 144 -43.40 10.86 -43.56
CA ILE F 144 -42.58 11.23 -44.70
C ILE F 144 -43.44 12.10 -45.61
N ARG F 145 -42.87 13.20 -46.09
CA ARG F 145 -43.59 14.11 -46.96
C ARG F 145 -43.87 13.46 -48.31
N GLU F 146 -44.77 14.11 -49.08
CA GLU F 146 -45.36 13.48 -50.26
C GLU F 146 -44.35 13.29 -51.38
N LYS F 147 -43.49 14.28 -51.64
CA LYS F 147 -42.56 14.20 -52.76
C LYS F 147 -41.40 13.23 -52.56
N ALA F 148 -41.35 12.51 -51.45
CA ALA F 148 -40.39 11.42 -51.33
C ALA F 148 -41.01 10.21 -50.63
N LYS F 149 -42.25 9.85 -50.98
CA LYS F 149 -42.90 8.70 -50.37
C LYS F 149 -42.27 7.40 -50.81
N LYS F 150 -42.19 7.19 -52.12
CA LYS F 150 -41.58 6.01 -52.70
C LYS F 150 -40.54 6.53 -53.68
N GLN F 151 -39.26 6.38 -53.34
CA GLN F 151 -38.19 6.71 -54.27
C GLN F 151 -37.38 5.49 -54.67
N SER F 152 -36.67 4.85 -53.75
CA SER F 152 -36.15 3.51 -53.95
C SER F 152 -36.37 2.59 -52.76
N ARG F 153 -35.97 3.04 -51.57
CA ARG F 153 -35.55 2.13 -50.51
C ARG F 153 -36.49 2.04 -49.32
N VAL F 154 -37.63 2.73 -49.36
CA VAL F 154 -38.50 2.84 -48.20
C VAL F 154 -39.17 1.50 -47.92
N LYS F 155 -39.67 0.88 -48.98
CA LYS F 155 -40.51 -0.30 -48.88
C LYS F 155 -39.74 -1.53 -48.44
N ALA F 156 -38.43 -1.59 -48.71
CA ALA F 156 -37.62 -2.74 -48.34
C ALA F 156 -37.03 -2.65 -46.94
N ALA F 157 -37.37 -1.62 -46.18
CA ALA F 157 -36.76 -1.43 -44.88
C ALA F 157 -37.54 -2.09 -43.76
N LEU F 158 -38.87 -1.91 -43.74
CA LEU F 158 -39.79 -2.47 -42.75
C LEU F 158 -39.64 -3.97 -42.57
N GLU F 159 -39.46 -4.71 -43.65
CA GLU F 159 -39.36 -6.17 -43.62
C GLU F 159 -38.16 -6.67 -42.85
N LEU F 160 -37.06 -5.92 -42.83
CA LEU F 160 -35.85 -6.32 -42.11
C LEU F 160 -35.97 -6.17 -40.61
N ALA F 161 -36.46 -5.03 -40.13
CA ALA F 161 -36.67 -4.82 -38.71
C ALA F 161 -37.95 -5.44 -38.19
N GLU F 162 -38.72 -6.12 -39.04
CA GLU F 162 -39.88 -6.85 -38.58
C GLU F 162 -39.50 -8.24 -38.05
N GLN F 163 -38.38 -8.81 -38.52
CA GLN F 163 -37.81 -9.93 -37.81
C GLN F 163 -37.15 -9.48 -36.51
N ARG F 164 -36.73 -8.22 -36.44
CA ARG F 164 -36.33 -7.65 -35.16
C ARG F 164 -37.56 -7.45 -34.29
N GLU F 165 -37.32 -7.23 -32.99
CA GLU F 165 -38.39 -7.13 -32.02
C GLU F 165 -39.25 -5.89 -32.26
N LYS F 166 -40.57 -6.07 -32.19
CA LYS F 166 -41.49 -4.94 -32.24
C LYS F 166 -41.54 -4.27 -30.88
N PRO F 167 -41.06 -3.02 -30.77
CA PRO F 167 -40.93 -2.40 -29.45
C PRO F 167 -42.25 -1.92 -28.90
N THR F 168 -42.33 -1.92 -27.57
CA THR F 168 -43.58 -1.55 -26.90
C THR F 168 -43.86 -0.06 -27.00
N TRP F 169 -42.83 0.77 -26.79
CA TRP F 169 -43.04 2.19 -26.59
C TRP F 169 -43.29 2.97 -27.87
N LEU F 170 -43.56 2.31 -28.99
CA LEU F 170 -43.98 3.04 -30.18
C LEU F 170 -45.07 2.27 -30.91
N GLU F 171 -45.89 3.02 -31.63
CA GLU F 171 -46.84 2.48 -32.60
C GLU F 171 -46.37 2.89 -34.00
N VAL F 172 -46.72 2.07 -35.00
CA VAL F 172 -46.24 2.30 -36.35
C VAL F 172 -47.23 1.68 -37.33
N ASP F 173 -47.53 2.44 -38.40
CA ASP F 173 -48.26 1.92 -39.54
C ASP F 173 -47.26 1.46 -40.58
N ALA F 174 -47.27 0.16 -40.87
CA ALA F 174 -46.44 -0.37 -41.95
C ALA F 174 -46.96 0.05 -43.31
N GLY F 175 -48.23 0.46 -43.40
CA GLY F 175 -48.78 0.91 -44.66
C GLY F 175 -48.20 2.23 -45.09
N LYS F 176 -48.35 3.27 -44.27
CA LYS F 176 -47.91 4.59 -44.67
C LYS F 176 -47.74 5.47 -43.45
N MET F 177 -46.69 6.31 -43.48
CA MET F 177 -46.60 7.66 -42.94
C MET F 177 -47.35 7.94 -41.64
N GLU F 178 -47.20 7.06 -40.65
CA GLU F 178 -47.95 7.19 -39.41
C GLU F 178 -47.18 6.48 -38.31
N GLY F 179 -46.89 7.20 -37.23
CA GLY F 179 -46.27 6.63 -36.05
C GLY F 179 -46.85 7.26 -34.80
N THR F 180 -46.39 6.74 -33.66
CA THR F 180 -46.77 7.30 -32.37
C THR F 180 -45.62 7.05 -31.41
N PHE F 181 -45.02 8.12 -30.89
CA PHE F 181 -44.15 7.93 -29.75
C PHE F 181 -45.06 7.72 -28.55
N LYS F 182 -45.12 6.48 -28.06
CA LYS F 182 -46.22 6.10 -27.18
C LYS F 182 -45.99 6.57 -25.75
N ARG F 183 -44.94 6.08 -25.11
CA ARG F 183 -44.62 6.45 -23.73
C ARG F 183 -43.13 6.25 -23.53
N LYS F 184 -42.69 6.35 -22.27
CA LYS F 184 -41.27 6.35 -21.99
C LYS F 184 -40.70 4.94 -22.15
N PRO F 185 -39.67 4.76 -22.97
CA PRO F 185 -38.99 3.47 -23.03
C PRO F 185 -38.23 3.19 -21.75
N GLU F 186 -38.61 2.09 -21.09
CA GLU F 186 -38.08 1.75 -19.78
C GLU F 186 -36.71 1.10 -19.93
N ARG F 187 -36.17 0.58 -18.83
CA ARG F 187 -34.94 -0.20 -18.81
C ARG F 187 -35.13 -1.63 -19.32
N SER F 188 -36.31 -2.23 -19.07
CA SER F 188 -36.60 -3.59 -19.49
C SER F 188 -36.57 -3.78 -21.01
N ASP F 189 -37.18 -2.86 -21.75
CA ASP F 189 -37.22 -2.93 -23.20
C ASP F 189 -36.06 -2.22 -23.87
N LEU F 190 -34.92 -2.14 -23.19
CA LEU F 190 -33.66 -1.68 -23.77
C LEU F 190 -32.98 -2.88 -24.44
N SER F 191 -31.85 -2.66 -25.11
CA SER F 191 -30.99 -3.72 -25.60
C SER F 191 -30.28 -4.50 -24.49
N ALA F 192 -30.38 -4.05 -23.23
CA ALA F 192 -30.08 -4.81 -22.02
C ALA F 192 -28.62 -5.21 -21.85
N ASP F 193 -27.74 -4.77 -22.75
CA ASP F 193 -26.33 -5.09 -22.63
C ASP F 193 -25.56 -3.85 -22.20
N ILE F 194 -26.12 -2.68 -22.53
CA ILE F 194 -25.49 -1.40 -22.25
C ILE F 194 -25.60 -1.18 -20.75
N ASN F 195 -24.46 -0.87 -20.12
CA ASN F 195 -24.43 -0.69 -18.68
C ASN F 195 -24.35 0.77 -18.30
N GLU F 196 -25.49 1.35 -17.93
CA GLU F 196 -25.61 2.77 -17.57
C GLU F 196 -24.77 3.16 -16.37
N HIS F 197 -24.30 2.19 -15.58
CA HIS F 197 -23.35 2.48 -14.53
C HIS F 197 -22.06 3.08 -15.09
N LEU F 198 -21.64 2.59 -16.25
CA LEU F 198 -20.31 2.89 -16.76
C LEU F 198 -20.26 4.16 -17.59
N ILE F 199 -21.28 5.00 -17.54
CA ILE F 199 -21.23 6.32 -18.15
C ILE F 199 -21.43 7.42 -17.12
N VAL F 200 -22.41 7.24 -16.22
CA VAL F 200 -22.59 8.13 -15.08
C VAL F 200 -21.34 8.18 -14.24
N GLU F 201 -20.71 7.04 -14.00
CA GLU F 201 -19.45 7.03 -13.28
C GLU F 201 -18.28 7.48 -14.12
N LEU F 202 -18.46 7.75 -15.41
CA LEU F 202 -17.33 8.25 -16.17
C LEU F 202 -17.23 9.77 -16.05
N TYR F 203 -18.29 10.48 -16.43
CA TYR F 203 -18.22 11.94 -16.47
C TYR F 203 -18.21 12.58 -15.10
N SER F 204 -18.58 11.86 -14.06
CA SER F 204 -18.51 12.40 -12.71
C SER F 204 -17.05 12.51 -12.28
N LYS F 205 -16.60 13.73 -12.04
CA LYS F 205 -15.25 14.00 -11.54
C LYS F 205 -15.28 15.13 -10.51
N GLU G 1 -23.16 -18.18 -5.61
CA GLU G 1 -21.71 -18.14 -5.75
C GLU G 1 -21.11 -16.82 -5.30
N LEU G 2 -19.87 -16.55 -5.71
CA LEU G 2 -19.13 -15.40 -5.21
C LEU G 2 -18.68 -14.51 -6.35
N GLN G 3 -17.83 -13.53 -6.06
CA GLN G 3 -17.28 -12.66 -7.09
C GLN G 3 -15.95 -12.11 -6.60
N GLU G 4 -14.88 -12.48 -7.30
CA GLU G 4 -13.55 -12.02 -6.96
C GLU G 4 -13.33 -10.61 -7.47
N LYS G 5 -12.24 -9.99 -7.00
CA LYS G 5 -11.63 -8.83 -7.63
C LYS G 5 -10.24 -8.62 -7.04
N LEU G 6 -9.27 -8.32 -7.89
CA LEU G 6 -7.94 -7.94 -7.42
C LEU G 6 -7.95 -6.54 -6.85
N ILE G 7 -6.79 -6.14 -6.33
CA ILE G 7 -6.48 -4.75 -6.06
C ILE G 7 -5.22 -4.32 -6.78
N ALA G 8 -4.10 -4.97 -6.47
CA ALA G 8 -2.82 -4.52 -6.97
C ALA G 8 -1.85 -5.69 -6.96
N VAL G 9 -0.60 -5.40 -7.27
CA VAL G 9 0.52 -6.31 -7.14
C VAL G 9 1.79 -5.46 -7.04
N ASN G 10 2.64 -5.76 -6.07
CA ASN G 10 3.79 -4.94 -5.79
C ASN G 10 5.05 -5.58 -6.34
N ARG G 11 6.20 -5.03 -5.95
CA ARG G 11 7.51 -5.54 -6.38
C ARG G 11 8.36 -5.76 -5.14
N VAL G 12 7.79 -6.51 -4.20
CA VAL G 12 8.36 -6.71 -2.88
C VAL G 12 9.64 -7.52 -2.98
N SER G 13 10.76 -6.92 -2.56
CA SER G 13 12.05 -7.57 -2.53
C SER G 13 12.36 -8.10 -1.14
N LYS G 14 13.61 -8.52 -0.98
CA LYS G 14 14.17 -9.03 0.27
C LYS G 14 15.68 -9.04 0.08
N THR G 15 16.45 -9.23 1.15
CA THR G 15 17.89 -9.26 1.02
C THR G 15 18.48 -10.36 1.88
N VAL G 16 19.17 -11.28 1.24
CA VAL G 16 19.90 -12.37 1.87
C VAL G 16 21.38 -12.09 1.66
N LYS G 17 22.23 -13.00 2.15
CA LYS G 17 23.67 -12.85 1.95
C LYS G 17 24.03 -12.86 0.47
N GLY G 18 23.29 -13.62 -0.34
CA GLY G 18 23.54 -13.65 -1.76
C GLY G 18 23.16 -12.39 -2.50
N GLY G 19 21.85 -12.13 -2.62
CA GLY G 19 21.39 -11.04 -3.45
C GLY G 19 20.06 -10.45 -3.02
N ARG G 20 19.18 -10.23 -4.00
CA ARG G 20 17.88 -9.61 -3.75
C ARG G 20 16.80 -10.56 -4.22
N ILE G 21 16.28 -11.37 -3.31
CA ILE G 21 15.15 -12.25 -3.61
C ILE G 21 13.88 -11.42 -3.65
N PHE G 22 13.13 -11.54 -4.74
CA PHE G 22 11.89 -10.82 -4.89
C PHE G 22 10.73 -11.62 -4.32
N SER G 23 9.54 -11.02 -4.39
CA SER G 23 8.28 -11.70 -4.13
C SER G 23 7.18 -10.87 -4.78
N PHE G 24 5.93 -11.27 -4.56
CA PHE G 24 4.78 -10.57 -5.12
C PHE G 24 3.63 -10.69 -4.13
N THR G 25 2.85 -9.62 -3.98
CA THR G 25 1.71 -9.59 -3.08
C THR G 25 0.43 -9.61 -3.90
N ALA G 26 -0.69 -9.94 -3.27
CA ALA G 26 -1.96 -10.04 -3.97
C ALA G 26 -3.10 -9.72 -3.02
N LEU G 27 -3.72 -8.58 -3.24
CA LEU G 27 -4.82 -8.09 -2.40
C LEU G 27 -6.12 -8.34 -3.12
N THR G 28 -6.98 -9.17 -2.53
CA THR G 28 -8.28 -9.42 -3.11
C THR G 28 -9.39 -9.32 -2.07
N VAL G 29 -10.60 -9.16 -2.57
CA VAL G 29 -11.80 -9.17 -1.76
C VAL G 29 -12.79 -10.14 -2.40
N VAL G 30 -13.67 -10.68 -1.57
CA VAL G 30 -14.73 -11.57 -2.04
C VAL G 30 -16.01 -11.20 -1.32
N GLY G 31 -17.05 -10.93 -2.09
CA GLY G 31 -18.36 -10.74 -1.51
C GLY G 31 -19.45 -11.19 -2.47
N ASP G 32 -20.36 -12.04 -1.99
CA ASP G 32 -21.56 -12.32 -2.77
C ASP G 32 -22.46 -11.10 -2.76
N GLY G 33 -23.12 -10.86 -3.89
CA GLY G 33 -23.83 -9.60 -4.10
C GLY G 33 -25.13 -9.44 -3.32
N ASN G 34 -25.09 -9.74 -2.03
CA ASN G 34 -26.27 -9.66 -1.20
C ASN G 34 -25.98 -9.05 0.17
N GLY G 35 -24.74 -8.69 0.47
CA GLY G 35 -24.47 -8.00 1.71
C GLY G 35 -23.24 -8.46 2.47
N ARG G 36 -22.93 -9.75 2.41
CA ARG G 36 -21.73 -10.26 3.06
C ARG G 36 -20.49 -10.01 2.20
N VAL G 37 -19.42 -9.51 2.82
CA VAL G 37 -18.17 -9.26 2.13
C VAL G 37 -17.03 -9.83 2.96
N GLY G 38 -15.90 -10.04 2.28
CA GLY G 38 -14.69 -10.50 2.94
C GLY G 38 -13.49 -10.13 2.10
N PHE G 39 -12.32 -10.22 2.71
CA PHE G 39 -11.09 -9.88 2.03
C PHE G 39 -10.01 -10.88 2.47
N GLY G 40 -8.85 -10.80 1.80
CA GLY G 40 -7.73 -11.67 2.11
C GLY G 40 -6.42 -11.01 1.76
N TYR G 41 -5.34 -11.77 1.95
CA TYR G 41 -4.00 -11.28 1.64
C TYR G 41 -3.09 -12.50 1.48
N GLY G 42 -2.26 -12.46 0.45
CA GLY G 42 -1.38 -13.61 0.22
C GLY G 42 -0.24 -13.25 -0.72
N LYS G 43 0.90 -13.89 -0.48
CA LYS G 43 2.11 -13.64 -1.24
C LYS G 43 2.51 -14.89 -2.01
N ALA G 44 3.54 -14.74 -2.84
CA ALA G 44 4.19 -15.84 -3.55
C ALA G 44 5.55 -15.38 -4.03
N ARG G 45 6.22 -16.25 -4.79
CA ARG G 45 7.50 -15.89 -5.39
C ARG G 45 7.32 -15.56 -6.87
N GLU G 46 6.12 -15.82 -7.40
CA GLU G 46 5.74 -15.41 -8.73
C GLU G 46 4.38 -14.73 -8.67
N VAL G 47 3.85 -14.35 -9.82
CA VAL G 47 2.57 -13.65 -9.89
C VAL G 47 1.35 -14.55 -9.67
N PRO G 48 1.07 -15.57 -10.50
CA PRO G 48 -0.30 -16.13 -10.47
C PRO G 48 -0.56 -17.07 -9.31
N ALA G 49 0.47 -17.52 -8.60
CA ALA G 49 0.23 -18.40 -7.47
C ALA G 49 -0.18 -17.62 -6.23
N ALA G 50 0.09 -16.31 -6.22
CA ALA G 50 -0.27 -15.48 -5.08
C ALA G 50 -1.78 -15.31 -4.98
N ILE G 51 -2.41 -14.98 -6.09
CA ILE G 51 -3.87 -14.86 -6.21
C ILE G 51 -4.58 -16.11 -5.74
N GLN G 52 -4.08 -17.28 -6.15
CA GLN G 52 -4.72 -18.56 -5.87
C GLN G 52 -4.80 -18.85 -4.38
N LYS G 53 -3.80 -18.41 -3.63
CA LYS G 53 -3.78 -18.68 -2.20
C LYS G 53 -4.52 -17.61 -1.43
N ALA G 54 -4.47 -16.37 -1.92
CA ALA G 54 -5.18 -15.28 -1.25
C ALA G 54 -6.68 -15.31 -1.52
N MET G 55 -7.10 -15.99 -2.59
CA MET G 55 -8.52 -16.01 -2.92
C MET G 55 -9.30 -16.87 -1.94
N GLU G 56 -8.66 -17.91 -1.39
CA GLU G 56 -9.32 -18.73 -0.39
C GLU G 56 -9.34 -18.07 0.97
N LYS G 57 -8.38 -17.16 1.22
CA LYS G 57 -8.35 -16.37 2.46
C LYS G 57 -9.64 -15.58 2.65
N ALA G 58 -10.20 -15.09 1.56
CA ALA G 58 -11.44 -14.34 1.59
C ALA G 58 -12.67 -15.22 1.50
N ARG G 59 -12.51 -16.47 1.05
CA ARG G 59 -13.66 -17.36 1.02
C ARG G 59 -13.99 -17.93 2.39
N ARG G 60 -13.18 -17.63 3.39
CA ARG G 60 -13.61 -17.62 4.77
C ARG G 60 -13.48 -16.21 5.31
N ASN G 61 -14.01 -16.02 6.52
CA ASN G 61 -14.01 -14.74 7.24
C ASN G 61 -14.71 -13.65 6.45
N MET G 62 -15.88 -13.99 5.92
CA MET G 62 -16.79 -13.01 5.35
C MET G 62 -17.74 -12.54 6.44
N ILE G 63 -17.81 -11.23 6.64
CA ILE G 63 -18.51 -10.67 7.79
C ILE G 63 -19.92 -10.28 7.37
N ASN G 64 -20.84 -10.32 8.33
CA ASN G 64 -22.26 -10.11 8.08
C ASN G 64 -22.53 -8.61 8.11
N VAL G 65 -22.98 -8.07 6.97
CA VAL G 65 -23.35 -6.67 6.84
C VAL G 65 -24.66 -6.60 6.06
N ALA G 66 -25.66 -5.94 6.63
CA ALA G 66 -26.95 -5.79 5.97
C ALA G 66 -27.01 -4.48 5.20
N LEU G 67 -27.71 -4.50 4.07
CA LEU G 67 -27.91 -3.32 3.25
C LEU G 67 -29.38 -2.94 3.28
N ASN G 68 -29.72 -1.85 2.58
CA ASN G 68 -31.10 -1.38 2.58
C ASN G 68 -31.72 -1.42 1.19
N ASN G 69 -31.12 -0.77 0.21
CA ASN G 69 -31.71 -0.67 -1.12
C ASN G 69 -30.64 -0.78 -2.19
N GLY G 70 -29.72 -1.72 -2.02
CA GLY G 70 -28.55 -1.74 -2.88
C GLY G 70 -27.65 -0.57 -2.60
N THR G 71 -27.66 -0.08 -1.36
CA THR G 71 -27.08 1.19 -0.99
C THR G 71 -27.00 1.22 0.53
N LEU G 72 -26.35 2.26 1.04
CA LEU G 72 -26.34 2.51 2.47
C LEU G 72 -27.45 3.48 2.81
N GLN G 73 -27.77 3.57 4.08
CA GLN G 73 -28.83 4.45 4.51
C GLN G 73 -28.42 5.50 5.53
N HIS G 74 -27.28 5.35 6.22
CA HIS G 74 -26.91 6.37 7.19
C HIS G 74 -25.41 6.56 7.29
N PRO G 75 -24.92 7.80 7.34
CA PRO G 75 -23.49 8.10 7.10
C PRO G 75 -22.49 7.73 8.18
N VAL G 76 -22.07 6.47 8.16
CA VAL G 76 -20.95 6.03 8.98
C VAL G 76 -19.65 6.62 8.44
N LYS G 77 -18.74 6.98 9.34
CA LYS G 77 -17.37 7.31 8.98
C LYS G 77 -16.49 6.11 9.28
N GLY G 78 -15.61 5.76 8.35
CA GLY G 78 -14.71 4.63 8.52
C GLY G 78 -13.27 5.07 8.56
N VAL G 79 -12.53 4.57 9.56
CA VAL G 79 -11.12 4.85 9.77
C VAL G 79 -10.46 3.56 10.22
N HIS G 80 -9.35 3.20 9.56
CA HIS G 80 -8.54 2.09 10.06
C HIS G 80 -7.08 2.37 9.75
N THR G 81 -6.37 2.92 10.74
CA THR G 81 -4.92 2.82 10.96
C THR G 81 -4.05 3.50 9.91
N GLY G 82 -4.59 3.99 8.82
CA GLY G 82 -3.85 4.98 8.07
C GLY G 82 -4.71 5.95 7.31
N SER G 83 -6.02 5.75 7.31
CA SER G 83 -6.85 6.36 6.30
C SER G 83 -8.27 6.56 6.79
N ARG G 84 -8.91 7.59 6.23
CA ARG G 84 -10.23 8.03 6.68
C ARG G 84 -11.15 7.91 5.47
N VAL G 85 -12.33 7.33 5.69
CA VAL G 85 -13.29 7.08 4.62
C VAL G 85 -14.65 7.61 5.06
N PHE G 86 -15.26 8.44 4.22
CA PHE G 86 -16.44 9.21 4.58
C PHE G 86 -17.57 8.80 3.63
N MET G 87 -18.43 7.89 4.07
CA MET G 87 -19.49 7.34 3.23
C MET G 87 -20.83 7.99 3.56
N GLN G 88 -21.39 8.70 2.58
CA GLN G 88 -22.68 9.32 2.69
C GLN G 88 -23.71 8.53 1.89
N PRO G 89 -24.86 8.21 2.46
CA PRO G 89 -25.91 7.55 1.67
C PRO G 89 -26.50 8.50 0.65
N ALA G 90 -26.84 7.96 -0.52
CA ALA G 90 -27.27 8.80 -1.63
C ALA G 90 -28.46 8.19 -2.33
N SER G 91 -28.86 8.81 -3.44
CA SER G 91 -30.05 8.44 -4.17
C SER G 91 -29.82 7.18 -5.00
N GLU G 92 -30.93 6.53 -5.36
CA GLU G 92 -30.88 5.44 -6.32
C GLU G 92 -30.45 5.95 -7.69
N GLY G 93 -29.85 5.06 -8.46
CA GLY G 93 -29.33 5.41 -9.76
C GLY G 93 -27.99 6.12 -9.76
N THR G 94 -27.57 6.66 -8.62
CA THR G 94 -26.22 7.17 -8.50
C THR G 94 -25.25 6.00 -8.53
N GLY G 95 -24.16 6.17 -9.25
CA GLY G 95 -23.12 5.16 -9.23
C GLY G 95 -22.28 5.24 -7.98
N ILE G 96 -21.34 4.30 -7.86
CA ILE G 96 -20.45 4.31 -6.70
C ILE G 96 -19.35 5.30 -7.00
N ILE G 97 -19.59 6.57 -6.66
CA ILE G 97 -18.63 7.63 -6.93
C ILE G 97 -17.58 7.51 -5.85
N ALA G 98 -16.53 6.73 -6.16
CA ALA G 98 -15.59 6.36 -5.13
C ALA G 98 -14.22 6.23 -5.75
N GLY G 99 -13.22 6.17 -4.89
CA GLY G 99 -11.85 6.13 -5.34
C GLY G 99 -11.41 4.71 -5.64
N GLY G 100 -10.42 4.24 -4.90
CA GLY G 100 -9.73 3.01 -5.23
C GLY G 100 -10.38 1.82 -4.59
N ALA G 101 -9.81 1.37 -3.47
CA ALA G 101 -10.10 0.06 -2.89
C ALA G 101 -11.56 -0.16 -2.52
N MET G 102 -12.32 0.88 -2.16
CA MET G 102 -13.68 0.61 -1.73
C MET G 102 -14.62 0.30 -2.90
N ARG G 103 -14.23 0.65 -4.12
CA ARG G 103 -14.97 0.21 -5.29
C ARG G 103 -15.04 -1.31 -5.34
N ALA G 104 -13.94 -1.97 -5.01
CA ALA G 104 -13.90 -3.42 -5.02
C ALA G 104 -14.77 -4.02 -3.94
N VAL G 105 -14.94 -3.33 -2.81
CA VAL G 105 -15.75 -3.92 -1.77
C VAL G 105 -17.22 -3.54 -1.91
N LEU G 106 -17.53 -2.50 -2.69
CA LEU G 106 -18.94 -2.12 -2.78
C LEU G 106 -19.65 -2.82 -3.93
N GLU G 107 -18.99 -3.05 -5.06
CA GLU G 107 -19.60 -3.87 -6.12
C GLU G 107 -19.48 -5.35 -5.86
N VAL G 108 -19.15 -5.77 -4.64
CA VAL G 108 -19.34 -7.15 -4.23
C VAL G 108 -20.35 -7.29 -3.11
N ALA G 109 -20.71 -6.20 -2.44
CA ALA G 109 -21.70 -6.30 -1.37
C ALA G 109 -23.10 -6.44 -1.96
N GLY G 110 -23.34 -5.78 -3.08
CA GLY G 110 -24.67 -5.42 -3.51
C GLY G 110 -24.91 -3.93 -3.43
N VAL G 111 -23.98 -3.21 -2.80
CA VAL G 111 -24.01 -1.75 -2.79
C VAL G 111 -23.83 -1.23 -4.20
N HIS G 112 -24.73 -0.34 -4.63
CA HIS G 112 -24.53 0.31 -5.91
C HIS G 112 -24.80 1.80 -5.89
N ASN G 113 -25.31 2.37 -4.81
CA ASN G 113 -25.69 3.77 -4.78
C ASN G 113 -25.06 4.45 -3.55
N VAL G 114 -23.79 4.80 -3.66
CA VAL G 114 -23.05 5.49 -2.60
C VAL G 114 -22.12 6.51 -3.26
N LEU G 115 -22.16 7.73 -2.76
CA LEU G 115 -21.07 8.68 -2.96
C LEU G 115 -20.24 8.71 -1.69
N ALA G 116 -18.93 8.67 -1.84
CA ALA G 116 -18.02 8.55 -0.72
C ALA G 116 -16.67 9.12 -1.13
N LYS G 117 -15.75 9.17 -0.18
CA LYS G 117 -14.48 9.85 -0.43
C LYS G 117 -13.44 9.27 0.52
N ALA G 118 -12.23 9.11 0.01
CA ALA G 118 -11.07 8.87 0.86
C ALA G 118 -10.46 10.22 1.25
N TYR G 119 -10.28 10.41 2.55
CA TYR G 119 -9.91 11.72 3.06
C TYR G 119 -8.40 11.92 3.13
N GLY G 120 -7.66 10.97 3.67
CA GLY G 120 -6.25 11.20 3.90
C GLY G 120 -5.33 10.40 3.01
N SER G 121 -4.75 9.34 3.56
CA SER G 121 -3.75 8.56 2.84
C SER G 121 -4.41 7.72 1.76
N THR G 122 -3.70 7.54 0.65
CA THR G 122 -4.22 6.86 -0.53
C THR G 122 -3.49 5.55 -0.81
N ASN G 123 -3.21 4.77 0.24
CA ASN G 123 -2.38 3.59 0.13
C ASN G 123 -3.27 2.34 0.19
N PRO G 124 -3.44 1.61 -0.90
CA PRO G 124 -4.59 0.70 -1.02
C PRO G 124 -4.51 -0.56 -0.19
N ILE G 125 -3.43 -0.82 0.54
CA ILE G 125 -3.49 -1.85 1.55
C ILE G 125 -4.45 -1.43 2.66
N ASN G 126 -4.20 -0.27 3.23
CA ASN G 126 -4.89 0.17 4.43
C ASN G 126 -6.23 0.81 4.17
N VAL G 127 -6.51 1.21 2.92
CA VAL G 127 -7.82 1.71 2.55
C VAL G 127 -8.89 0.63 2.62
N VAL G 128 -8.58 -0.57 2.13
CA VAL G 128 -9.59 -1.62 2.05
C VAL G 128 -9.90 -2.20 3.42
N ARG G 129 -9.07 -1.95 4.42
CA ARG G 129 -9.42 -2.37 5.77
C ARG G 129 -10.53 -1.51 6.33
N ALA G 130 -10.55 -0.23 5.98
CA ALA G 130 -11.36 0.74 6.70
C ALA G 130 -12.82 0.61 6.31
N THR G 131 -13.10 0.41 5.02
CA THR G 131 -14.47 0.42 4.55
C THR G 131 -15.20 -0.83 4.98
N ILE G 132 -14.47 -1.93 5.19
CA ILE G 132 -15.08 -3.10 5.80
C ILE G 132 -15.41 -2.82 7.26
N ASP G 133 -14.56 -2.06 7.95
CA ASP G 133 -14.94 -1.57 9.27
C ASP G 133 -16.05 -0.54 9.17
N GLY G 134 -16.12 0.19 8.05
CA GLY G 134 -17.19 1.14 7.86
C GLY G 134 -18.53 0.47 7.70
N LEU G 135 -18.57 -0.67 7.01
CA LEU G 135 -19.83 -1.35 6.85
C LEU G 135 -20.14 -2.27 8.01
N GLU G 136 -19.14 -2.59 8.83
CA GLU G 136 -19.35 -3.36 10.04
C GLU G 136 -20.08 -2.57 11.12
N ASN G 137 -19.83 -1.26 11.20
CA ASN G 137 -20.36 -0.41 12.25
C ASN G 137 -21.82 -0.04 12.04
N MET G 138 -22.39 -0.37 10.90
CA MET G 138 -23.70 0.14 10.54
C MET G 138 -24.83 -0.58 11.27
N ASN G 139 -26.02 0.00 11.17
CA ASN G 139 -27.22 -0.55 11.80
C ASN G 139 -28.39 -0.29 10.88
N SER G 140 -29.21 -1.31 10.66
CA SER G 140 -30.45 -1.15 9.91
C SER G 140 -31.53 -0.60 10.84
N PRO G 141 -32.66 -0.10 10.30
CA PRO G 141 -33.76 0.32 11.19
C PRO G 141 -34.30 -0.76 12.11
N GLU G 142 -34.17 -2.03 11.72
CA GLU G 142 -34.40 -3.12 12.66
C GLU G 142 -33.39 -3.09 13.79
N MET G 143 -32.11 -2.89 13.45
CA MET G 143 -31.07 -2.81 14.49
C MET G 143 -31.22 -1.53 15.31
N VAL G 144 -31.85 -0.51 14.73
CA VAL G 144 -32.20 0.68 15.49
C VAL G 144 -33.27 0.33 16.53
N ALA G 145 -34.41 -0.17 16.06
CA ALA G 145 -35.61 -0.18 16.89
C ALA G 145 -35.59 -1.34 17.88
N ALA G 146 -35.04 -2.48 17.47
CA ALA G 146 -35.07 -3.65 18.35
C ALA G 146 -34.05 -3.52 19.47
N LYS G 147 -33.02 -2.69 19.27
CA LYS G 147 -32.01 -2.54 20.30
C LYS G 147 -32.43 -1.52 21.35
N ARG G 148 -33.06 -0.42 20.93
CA ARG G 148 -33.45 0.61 21.89
C ARG G 148 -34.75 0.26 22.62
N GLY G 149 -35.61 -0.54 22.02
CA GLY G 149 -36.90 -0.85 22.62
C GLY G 149 -37.48 -2.18 22.16
N MET H 1 8.45 35.07 72.75
CA MET H 1 9.69 34.43 73.15
C MET H 1 9.86 33.09 72.43
N ARG H 2 10.93 32.38 72.79
CA ARG H 2 11.21 31.05 72.25
C ARG H 2 12.20 30.34 73.17
N HIS H 3 11.96 29.07 73.46
CA HIS H 3 12.93 28.27 74.21
C HIS H 3 14.20 28.06 73.41
N TYR H 4 15.31 27.85 74.12
CA TYR H 4 16.58 27.60 73.47
C TYR H 4 17.38 26.60 74.30
N GLU H 5 18.67 26.50 73.97
CA GLU H 5 19.58 25.62 74.67
C GLU H 5 21.01 26.13 74.43
N ILE H 6 21.87 25.94 75.41
CA ILE H 6 23.24 26.45 75.37
C ILE H 6 24.21 25.27 75.29
N VAL H 7 25.14 25.33 74.34
CA VAL H 7 26.17 24.30 74.17
C VAL H 7 27.49 25.01 73.99
N PHE H 8 28.50 24.59 74.76
CA PHE H 8 29.84 25.17 74.66
C PHE H 8 30.82 24.15 75.22
N MET H 9 32.10 24.43 75.02
CA MET H 9 33.19 23.56 75.45
C MET H 9 34.11 24.29 76.42
N VAL H 10 34.55 23.56 77.45
CA VAL H 10 35.16 24.16 78.63
C VAL H 10 36.65 23.84 78.64
N HIS H 11 37.47 24.86 78.92
CA HIS H 11 38.91 24.75 79.02
C HIS H 11 39.30 23.94 80.25
N PRO H 12 40.22 22.99 80.13
CA PRO H 12 40.53 22.10 81.26
C PRO H 12 41.34 22.76 82.36
N ASP H 13 42.31 23.61 82.00
CA ASP H 13 43.17 24.23 82.99
C ASP H 13 42.48 25.44 83.61
N GLN H 14 41.39 25.89 82.99
CA GLN H 14 40.54 26.89 83.62
C GLN H 14 39.12 26.31 83.69
N SER H 15 39.04 25.05 84.13
CA SER H 15 37.76 24.47 84.54
C SER H 15 37.38 24.89 85.95
N GLU H 16 38.22 25.68 86.62
CA GLU H 16 37.93 26.17 87.96
C GLU H 16 37.13 27.46 87.91
N GLN H 17 37.00 28.04 86.72
CA GLN H 17 36.22 29.26 86.54
C GLN H 17 34.91 28.93 85.81
N VAL H 18 34.34 27.77 86.10
CA VAL H 18 33.02 27.44 85.58
C VAL H 18 31.91 28.23 86.27
N PRO H 19 31.70 28.15 87.61
CA PRO H 19 30.50 28.81 88.15
C PRO H 19 30.63 30.33 88.24
N GLY H 20 31.85 30.85 88.23
CA GLY H 20 32.03 32.29 88.14
C GLY H 20 31.59 32.84 86.80
N MET H 21 31.86 32.11 85.73
CA MET H 21 31.36 32.50 84.42
C MET H 21 29.85 32.29 84.31
N ILE H 22 29.32 31.30 85.04
CA ILE H 22 27.88 31.00 84.99
C ILE H 22 27.07 32.19 85.49
N GLU H 23 27.43 32.71 86.66
CA GLU H 23 26.66 33.79 87.26
C GLU H 23 26.85 35.10 86.50
N ARG H 24 27.95 35.21 85.74
CA ARG H 24 28.08 36.30 84.78
C ARG H 24 27.06 36.18 83.66
N TYR H 25 26.96 35.00 83.05
CA TYR H 25 26.04 34.78 81.94
C TYR H 25 24.67 34.28 82.41
N THR H 26 24.35 34.46 83.70
CA THR H 26 23.02 34.17 84.22
C THR H 26 22.28 35.51 84.24
N ALA H 27 23.01 36.59 83.92
CA ALA H 27 22.42 37.91 83.81
C ALA H 27 21.35 38.00 82.74
N ALA H 28 21.49 37.23 81.66
CA ALA H 28 20.47 37.21 80.62
C ALA H 28 19.27 36.36 81.05
N ILE H 29 19.50 35.36 81.91
CA ILE H 29 18.41 34.55 82.43
C ILE H 29 17.53 35.40 83.33
N THR H 30 18.16 36.20 84.19
CA THR H 30 17.42 37.13 85.03
C THR H 30 17.00 38.36 84.22
N GLY H 31 17.69 38.64 83.10
CA GLY H 31 17.33 39.79 82.29
C GLY H 31 16.06 39.59 81.47
N ALA H 32 15.54 38.37 81.44
CA ALA H 32 14.30 38.09 80.74
C ALA H 32 13.42 37.13 81.54
N TYR H 49 40.99 14.07 69.70
CA TYR H 49 41.53 14.85 68.59
C TYR H 49 42.33 16.05 69.08
N PRO H 50 43.42 16.41 68.38
CA PRO H 50 44.17 17.60 68.75
C PRO H 50 43.49 18.88 68.29
N ILE H 51 42.89 19.60 69.23
CA ILE H 51 42.30 20.90 68.98
C ILE H 51 43.17 21.86 69.79
N ASN H 52 44.45 21.48 69.89
CA ASN H 52 45.53 22.12 70.64
C ASN H 52 45.19 22.08 72.13
N LYS H 53 44.51 21.01 72.56
CA LYS H 53 44.12 20.86 73.96
C LYS H 53 43.89 19.37 74.29
N LEU H 54 43.70 19.07 75.58
CA LEU H 54 43.84 17.75 76.18
C LEU H 54 42.74 16.77 75.78
N HIS H 55 41.61 17.24 75.22
CA HIS H 55 40.44 16.44 74.88
C HIS H 55 39.84 15.82 76.16
N LYS H 56 40.04 16.50 77.29
CA LYS H 56 39.48 16.06 78.55
C LYS H 56 38.97 17.28 79.29
N ALA H 57 37.68 17.25 79.64
CA ALA H 57 37.02 18.39 80.27
C ALA H 57 35.71 17.96 80.92
N HIS H 58 34.92 18.93 81.35
CA HIS H 58 33.58 18.67 81.88
C HIS H 58 32.60 19.64 81.24
N TYR H 59 31.39 19.16 80.97
CA TYR H 59 30.41 19.96 80.26
C TYR H 59 29.38 20.55 81.21
N VAL H 60 28.90 21.75 80.88
CA VAL H 60 27.82 22.39 81.63
C VAL H 60 26.76 22.85 80.63
N LEU H 61 25.57 22.26 80.70
CA LEU H 61 24.49 22.54 79.75
C LEU H 61 23.21 22.78 80.54
N MET H 62 22.29 23.55 79.96
CA MET H 62 20.98 23.80 80.55
C MET H 62 20.03 24.32 79.49
N ASN H 63 18.73 24.10 79.72
CA ASN H 63 17.68 24.52 78.80
C ASN H 63 17.12 25.87 79.24
N VAL H 64 17.34 26.89 78.42
CA VAL H 64 17.07 28.28 78.79
C VAL H 64 15.82 28.73 78.05
N GLU H 65 15.23 29.87 78.45
CA GLU H 65 13.93 30.30 77.97
C GLU H 65 13.97 31.58 77.13
N ALA H 66 15.03 32.39 77.25
CA ALA H 66 15.16 33.77 76.76
C ALA H 66 14.74 34.03 75.31
N PRO H 67 14.14 35.20 75.02
CA PRO H 67 13.74 35.52 73.64
C PRO H 67 14.89 35.93 72.74
N GLN H 68 14.54 36.39 71.54
CA GLN H 68 15.44 36.55 70.40
C GLN H 68 16.52 37.62 70.55
N GLU H 69 16.40 38.51 71.54
CA GLU H 69 17.34 39.62 71.63
C GLU H 69 18.17 39.54 72.91
N VAL H 70 17.57 38.98 73.97
CA VAL H 70 18.26 38.79 75.23
C VAL H 70 19.43 37.82 75.05
N ILE H 71 19.27 36.85 74.16
CA ILE H 71 20.34 35.95 73.82
C ILE H 71 21.48 36.63 73.06
N ASP H 72 21.20 37.67 72.27
CA ASP H 72 22.17 38.18 71.31
C ASP H 72 23.30 38.92 71.99
N GLU H 73 23.04 39.43 73.20
CA GLU H 73 24.11 40.04 74.00
C GLU H 73 25.07 39.00 74.53
N LEU H 74 24.65 37.75 74.65
CA LEU H 74 25.44 36.74 75.34
C LEU H 74 26.60 36.27 74.47
N GLU H 75 26.31 35.95 73.20
CA GLU H 75 27.32 35.34 72.32
C GLU H 75 28.39 36.34 71.93
N THR H 76 28.02 37.62 71.85
CA THR H 76 28.99 38.63 71.46
C THR H 76 29.78 39.12 72.67
N THR H 77 30.28 38.17 73.47
CA THR H 77 31.15 38.41 74.61
C THR H 77 32.20 37.30 74.63
N PHE H 78 32.22 36.50 73.57
CA PHE H 78 33.12 35.35 73.51
C PHE H 78 34.29 35.51 72.55
N ARG H 79 34.33 36.57 71.75
CA ARG H 79 35.55 36.93 71.02
C ARG H 79 36.51 37.73 71.88
N PHE H 80 36.25 37.83 73.18
CA PHE H 80 37.07 38.53 74.14
C PHE H 80 37.47 37.57 75.27
N ASN H 81 37.09 36.31 75.12
CA ASN H 81 37.35 35.27 76.10
C ASN H 81 38.32 34.26 75.50
N ASP H 82 38.98 33.52 76.37
CA ASP H 82 40.05 32.62 75.94
C ASP H 82 39.82 31.17 76.34
N ALA H 83 38.94 30.91 77.30
CA ALA H 83 38.69 29.54 77.71
C ALA H 83 37.84 28.78 76.69
N VAL H 84 36.63 29.25 76.45
CA VAL H 84 35.70 28.61 75.52
C VAL H 84 36.05 29.05 74.11
N ILE H 85 35.99 28.12 73.16
CA ILE H 85 36.32 28.42 71.77
C ILE H 85 35.09 28.43 70.86
N ARG H 86 34.10 27.57 71.11
CA ARG H 86 32.99 27.41 70.18
C ARG H 86 31.68 27.60 70.91
N SER H 87 30.80 28.40 70.30
CA SER H 87 29.50 28.74 70.86
C SER H 87 28.39 28.16 70.00
N MET H 88 27.57 27.29 70.62
CA MET H 88 26.60 26.51 69.89
C MET H 88 25.26 26.62 70.60
N VAL H 89 24.22 26.95 69.84
CA VAL H 89 22.89 27.12 70.41
C VAL H 89 21.91 26.29 69.60
N MET H 90 21.12 25.47 70.30
CA MET H 90 20.10 24.64 69.66
C MET H 90 18.79 24.78 70.42
N ARG H 91 17.81 23.96 70.03
CA ARG H 91 16.48 23.96 70.62
C ARG H 91 15.92 22.54 70.76
N THR H 92 14.87 22.42 71.58
CA THR H 92 14.10 21.18 71.66
C THR H 92 12.65 21.55 72.03
N LYS H 93 11.75 21.36 71.07
CA LYS H 93 10.35 21.66 71.28
C LYS H 93 9.56 20.41 71.65
N SER I 1 -17.91 19.55 37.59
CA SER I 1 -17.19 20.25 36.55
C SER I 1 -16.66 21.59 36.96
N MET I 2 -15.63 22.04 36.26
CA MET I 2 -15.22 23.43 36.33
C MET I 2 -15.89 24.32 35.30
N GLN I 3 -15.81 24.00 34.01
CA GLN I 3 -16.21 25.01 33.05
C GLN I 3 -17.08 24.49 31.91
N ASP I 4 -17.80 23.38 32.10
CA ASP I 4 -19.11 23.12 31.51
C ASP I 4 -19.69 21.94 32.28
N PRO I 5 -20.86 22.06 32.91
CA PRO I 5 -21.38 20.92 33.67
C PRO I 5 -21.94 19.83 32.81
N ILE I 6 -22.18 20.08 31.54
CA ILE I 6 -22.94 19.11 30.77
C ILE I 6 -21.98 18.38 29.87
N ALA I 7 -20.92 19.09 29.45
CA ALA I 7 -19.85 18.45 28.70
C ALA I 7 -19.12 17.44 29.57
N ASP I 8 -18.75 17.84 30.78
CA ASP I 8 -17.99 16.96 31.66
C ASP I 8 -18.86 15.86 32.24
N MET I 9 -20.18 15.97 32.13
CA MET I 9 -21.04 14.82 32.38
C MET I 9 -20.95 13.82 31.25
N LEU I 10 -20.88 14.29 30.00
CA LEU I 10 -20.90 13.38 28.86
C LEU I 10 -19.58 12.65 28.66
N THR I 11 -18.53 13.01 29.40
CA THR I 11 -17.40 12.11 29.52
C THR I 11 -17.72 11.00 30.54
N ARG I 12 -18.49 11.33 31.57
CA ARG I 12 -18.70 10.39 32.65
C ARG I 12 -19.62 9.25 32.25
N ILE I 13 -20.53 9.48 31.30
CA ILE I 13 -21.48 8.43 30.99
C ILE I 13 -20.86 7.40 30.06
N ARG I 14 -20.29 7.84 28.95
CA ARG I 14 -19.83 6.83 28.00
C ARG I 14 -18.47 6.26 28.34
N ASN I 15 -17.84 6.68 29.43
CA ASN I 15 -16.82 5.82 30.02
C ASN I 15 -17.44 4.58 30.63
N GLY I 16 -18.68 4.66 31.09
CA GLY I 16 -19.42 3.45 31.44
C GLY I 16 -19.78 2.62 30.23
N GLN I 17 -19.76 3.20 29.04
CA GLN I 17 -19.94 2.49 27.79
C GLN I 17 -18.64 1.95 27.24
N ALA I 18 -17.61 1.83 28.07
CA ALA I 18 -16.33 1.28 27.67
C ALA I 18 -15.77 0.29 28.68
N ALA I 19 -16.46 0.09 29.81
CA ALA I 19 -16.14 -0.97 30.75
C ALA I 19 -17.39 -1.70 31.22
N ASN I 20 -18.58 -1.23 30.82
CA ASN I 20 -19.87 -1.87 31.07
C ASN I 20 -20.17 -2.01 32.56
N LYS I 21 -20.01 -0.90 33.29
CA LYS I 21 -20.46 -0.87 34.67
C LYS I 21 -21.98 -0.83 34.71
N ALA I 22 -22.54 -1.15 35.87
CA ALA I 22 -23.99 -1.14 36.01
C ALA I 22 -24.52 0.28 36.22
N ALA I 23 -24.12 0.91 37.32
CA ALA I 23 -24.66 2.21 37.72
C ALA I 23 -23.60 3.29 37.62
N VAL I 24 -24.01 4.48 37.17
CA VAL I 24 -23.13 5.64 37.07
C VAL I 24 -23.76 6.76 37.87
N THR I 25 -22.95 7.74 38.24
CA THR I 25 -23.33 8.77 39.22
C THR I 25 -22.49 10.01 39.02
N MET I 26 -23.15 11.17 38.96
CA MET I 26 -22.51 12.46 38.82
C MET I 26 -23.27 13.47 39.67
N PRO I 27 -22.57 14.47 40.25
CA PRO I 27 -23.28 15.51 41.01
C PRO I 27 -24.22 16.31 40.13
N SER I 28 -25.46 16.44 40.60
CA SER I 28 -26.61 16.61 39.71
C SER I 28 -27.33 17.90 40.01
N SER I 29 -27.19 18.86 39.11
CA SER I 29 -27.98 20.08 39.16
C SER I 29 -29.39 19.82 38.67
N LYS I 30 -30.24 20.83 38.81
CA LYS I 30 -31.64 20.67 38.38
C LYS I 30 -31.76 20.61 36.87
N LEU I 31 -30.76 21.11 36.14
CA LEU I 31 -30.68 20.85 34.72
C LEU I 31 -30.40 19.38 34.45
N LYS I 32 -29.62 18.76 35.33
CA LYS I 32 -29.13 17.40 35.06
C LYS I 32 -30.20 16.35 35.28
N VAL I 33 -31.24 16.66 36.07
CA VAL I 33 -32.42 15.80 36.09
C VAL I 33 -33.13 15.85 34.75
N ALA I 34 -33.20 17.04 34.15
CA ALA I 34 -33.84 17.21 32.87
C ALA I 34 -33.01 16.70 31.70
N ILE I 35 -31.80 16.20 31.95
CA ILE I 35 -31.03 15.57 30.88
C ILE I 35 -31.46 14.11 30.70
N ALA I 36 -31.28 13.31 31.74
CA ALA I 36 -31.52 11.87 31.66
C ALA I 36 -32.99 11.51 31.82
N ASN I 37 -33.85 12.49 31.94
CA ASN I 37 -35.26 12.21 31.76
C ASN I 37 -35.66 12.34 30.29
N VAL I 38 -34.69 12.35 29.39
CA VAL I 38 -34.92 12.26 27.95
C VAL I 38 -34.31 10.96 27.47
N LEU I 39 -33.09 10.66 27.96
CA LEU I 39 -32.36 9.47 27.56
C LEU I 39 -33.08 8.21 28.01
N LYS I 40 -33.73 8.26 29.16
CA LYS I 40 -34.55 7.15 29.61
C LYS I 40 -35.74 6.95 28.68
N GLU I 41 -36.43 8.03 28.34
CA GLU I 41 -37.73 7.91 27.70
C GLU I 41 -37.60 7.49 26.25
N GLU I 42 -36.61 8.02 25.55
CA GLU I 42 -36.30 7.55 24.20
C GLU I 42 -35.69 6.15 24.19
N GLY I 43 -35.24 5.65 25.34
CA GLY I 43 -34.85 4.26 25.45
C GLY I 43 -33.37 4.01 25.49
N PHE I 44 -32.55 5.05 25.53
CA PHE I 44 -31.11 4.85 25.44
C PHE I 44 -30.53 4.32 26.73
N ILE I 45 -31.06 4.72 27.88
CA ILE I 45 -30.78 4.09 29.15
C ILE I 45 -32.10 3.77 29.84
N GLU I 46 -32.02 3.25 31.07
CA GLU I 46 -33.14 2.54 31.68
C GLU I 46 -33.77 3.29 32.86
N ASP I 47 -33.00 3.64 33.87
CA ASP I 47 -33.61 4.11 35.11
C ASP I 47 -32.62 5.02 35.83
N PHE I 48 -33.17 5.99 36.57
CA PHE I 48 -32.36 6.92 37.32
C PHE I 48 -33.09 7.33 38.59
N LYS I 49 -32.31 7.60 39.64
CA LYS I 49 -32.84 8.04 40.92
C LYS I 49 -31.95 9.16 41.47
N VAL I 50 -32.54 10.36 41.62
CA VAL I 50 -31.86 11.46 42.29
C VAL I 50 -31.78 11.14 43.77
N GLU I 51 -30.65 11.51 44.40
CA GLU I 51 -30.58 11.38 45.85
C GLU I 51 -29.70 12.52 46.37
N GLY I 52 -29.79 12.77 47.67
CA GLY I 52 -29.03 13.84 48.29
C GLY I 52 -29.76 15.16 48.24
N ASP I 53 -29.65 15.96 49.31
CA ASP I 53 -30.27 17.27 49.32
C ASP I 53 -29.29 18.40 49.64
N THR I 54 -28.12 18.08 50.16
CA THR I 54 -27.00 19.01 50.14
C THR I 54 -26.00 18.69 49.03
N LYS I 55 -26.01 17.45 48.53
CA LYS I 55 -25.32 17.07 47.31
C LYS I 55 -26.36 16.33 46.49
N PRO I 56 -27.21 17.04 45.75
CA PRO I 56 -28.23 16.37 44.92
C PRO I 56 -27.56 15.60 43.78
N GLU I 57 -27.80 14.29 43.75
CA GLU I 57 -26.92 13.46 42.92
C GLU I 57 -27.68 12.23 42.45
N LEU I 58 -27.31 11.75 41.27
CA LEU I 58 -28.07 10.78 40.50
C LEU I 58 -27.55 9.35 40.65
N GLU I 59 -28.43 8.41 40.34
CA GLU I 59 -28.09 6.98 40.23
C GLU I 59 -28.65 6.49 38.91
N LEU I 60 -27.90 6.69 37.83
CA LEU I 60 -28.35 6.24 36.52
C LEU I 60 -27.99 4.78 36.31
N THR I 61 -28.91 4.04 35.70
CA THR I 61 -28.69 2.63 35.37
C THR I 61 -28.37 2.52 33.89
N LEU I 62 -27.25 1.88 33.56
CA LEU I 62 -26.83 1.78 32.18
C LEU I 62 -27.64 0.72 31.44
N LYS I 63 -27.32 0.55 30.16
CA LYS I 63 -28.07 -0.32 29.27
C LYS I 63 -27.10 -0.83 28.21
N TYR I 64 -26.54 -2.02 28.41
CA TYR I 64 -25.77 -2.67 27.36
C TYR I 64 -26.44 -4.00 27.02
N PHE I 65 -26.96 -4.09 25.80
CA PHE I 65 -27.79 -5.22 25.39
C PHE I 65 -26.99 -6.50 25.28
N GLN I 66 -25.69 -6.38 25.02
CA GLN I 66 -24.80 -7.50 24.73
C GLN I 66 -23.45 -7.09 25.28
N GLY I 67 -22.39 -7.72 24.78
CA GLY I 67 -21.10 -7.05 24.76
C GLY I 67 -21.19 -5.70 24.06
N LYS I 68 -21.99 -5.64 22.99
CA LYS I 68 -22.46 -4.37 22.45
C LYS I 68 -23.20 -3.57 23.50
N ALA I 69 -22.93 -2.27 23.55
CA ALA I 69 -23.58 -1.34 24.45
C ALA I 69 -24.43 -0.37 23.65
N VAL I 70 -25.60 -0.01 24.21
CA VAL I 70 -26.68 0.56 23.42
C VAL I 70 -26.34 1.99 22.99
N VAL I 71 -25.83 2.81 23.91
CA VAL I 71 -25.56 4.22 23.60
C VAL I 71 -24.26 4.27 22.79
N GLU I 72 -24.40 4.36 21.47
CA GLU I 72 -23.25 4.08 20.61
C GLU I 72 -22.32 5.29 20.53
N SER I 73 -22.80 6.38 19.93
CA SER I 73 -21.98 7.54 19.61
C SER I 73 -22.74 8.78 20.02
N ILE I 74 -22.61 9.19 21.28
CA ILE I 74 -23.17 10.44 21.74
C ILE I 74 -22.09 11.51 21.59
N GLN I 75 -22.50 12.71 21.18
CA GLN I 75 -21.55 13.80 20.98
C GLN I 75 -22.20 15.10 21.41
N ARG I 76 -21.55 15.81 22.32
CA ARG I 76 -21.90 17.21 22.52
C ARG I 76 -21.33 18.01 21.36
N VAL I 77 -22.12 18.94 20.83
CA VAL I 77 -21.67 19.86 19.80
C VAL I 77 -21.57 21.27 20.33
N SER I 78 -22.68 21.83 20.82
CA SER I 78 -22.63 23.17 21.36
C SER I 78 -21.95 23.12 22.71
N ARG I 79 -20.78 23.39 22.70
CA ARG I 79 -19.76 23.61 23.69
C ARG I 79 -19.64 25.11 23.96
N PRO I 80 -19.35 25.51 25.21
CA PRO I 80 -19.50 26.92 25.57
C PRO I 80 -18.46 27.79 24.91
N GLY I 81 -18.93 28.83 24.25
CA GLY I 81 -18.09 29.66 23.41
C GLY I 81 -18.24 29.36 21.94
N LEU I 82 -18.95 28.31 21.60
CA LEU I 82 -19.25 27.98 20.22
C LEU I 82 -20.74 27.61 20.14
N ARG I 83 -21.57 28.50 20.68
CA ARG I 83 -23.01 28.34 20.58
C ARG I 83 -23.46 28.28 19.12
N ILE I 84 -24.27 27.29 18.77
CA ILE I 84 -24.84 27.21 17.43
C ILE I 84 -26.35 27.21 17.61
N TYR I 85 -26.96 28.38 17.57
CA TYR I 85 -28.40 28.45 17.77
C TYR I 85 -29.07 28.12 16.44
N LYS I 86 -29.52 26.88 16.31
CA LYS I 86 -30.14 26.45 15.06
C LYS I 86 -31.54 26.99 14.91
N ARG I 87 -31.79 27.65 13.79
CA ARG I 87 -33.15 27.80 13.31
C ARG I 87 -33.71 26.42 13.01
N LYS I 88 -35.02 26.25 13.22
CA LYS I 88 -35.59 24.91 13.23
C LYS I 88 -35.64 24.25 11.86
N ASP I 89 -35.68 25.01 10.76
CA ASP I 89 -35.66 24.38 9.45
C ASP I 89 -34.25 24.21 8.91
N GLU I 90 -33.25 24.23 9.77
CA GLU I 90 -31.94 23.68 9.46
C GLU I 90 -31.70 22.33 10.08
N LEU I 91 -32.58 21.89 11.04
CA LEU I 91 -32.28 20.99 12.16
C LEU I 91 -31.37 19.81 11.88
N PRO I 92 -30.45 19.55 12.76
CA PRO I 92 -29.69 18.33 12.65
C PRO I 92 -30.52 17.10 12.95
N LYS I 93 -30.74 16.32 11.91
CA LYS I 93 -31.17 14.94 12.06
C LYS I 93 -29.91 14.12 12.30
N VAL I 94 -29.97 13.23 13.29
CA VAL I 94 -28.79 12.51 13.73
C VAL I 94 -28.77 11.15 13.05
N MET I 95 -27.74 10.94 12.22
CA MET I 95 -27.48 9.69 11.51
C MET I 95 -28.68 9.34 10.63
N ALA I 96 -28.93 10.23 9.66
CA ALA I 96 -30.11 10.21 8.78
C ALA I 96 -31.42 10.18 9.56
N GLY I 97 -31.43 10.84 10.72
CA GLY I 97 -32.61 10.89 11.55
C GLY I 97 -32.87 9.65 12.38
N LEU I 98 -31.97 8.67 12.34
CA LEU I 98 -32.25 7.41 13.02
C LEU I 98 -32.03 7.51 14.52
N GLY I 99 -31.21 8.48 14.95
CA GLY I 99 -31.04 8.75 16.37
C GLY I 99 -31.99 9.82 16.84
N ILE I 100 -31.56 10.56 17.86
CA ILE I 100 -32.31 11.72 18.36
C ILE I 100 -31.35 12.89 18.52
N ALA I 101 -31.90 14.10 18.57
CA ALA I 101 -31.13 15.34 18.59
C ALA I 101 -31.63 16.23 19.72
N VAL I 102 -30.96 16.16 20.87
CA VAL I 102 -31.37 16.86 22.08
C VAL I 102 -31.22 18.37 21.91
N VAL I 103 -32.33 19.08 21.80
CA VAL I 103 -32.32 20.51 21.55
C VAL I 103 -32.95 21.25 22.71
N SER I 104 -32.27 22.27 23.19
CA SER I 104 -32.74 23.10 24.31
C SER I 104 -33.82 24.02 23.78
N THR I 105 -35.05 23.52 23.69
CA THR I 105 -36.17 24.36 23.31
C THR I 105 -36.67 25.17 24.50
N SER I 106 -37.64 26.03 24.23
CA SER I 106 -38.36 26.71 25.29
C SER I 106 -39.15 25.74 26.14
N LYS I 107 -39.94 24.90 25.49
CA LYS I 107 -40.89 24.04 26.17
C LYS I 107 -40.25 22.82 26.81
N GLY I 108 -38.93 22.68 26.70
CA GLY I 108 -38.23 21.65 27.44
C GLY I 108 -36.99 21.19 26.69
N VAL I 109 -36.45 20.09 27.19
CA VAL I 109 -35.26 19.47 26.61
C VAL I 109 -35.62 18.31 25.68
N MET I 110 -36.75 17.64 25.94
CA MET I 110 -37.17 16.41 25.24
C MET I 110 -37.39 16.74 23.78
N THR I 111 -36.46 16.31 22.93
CA THR I 111 -36.43 16.70 21.53
C THR I 111 -35.94 15.59 20.62
N ASP I 112 -36.89 14.83 20.10
CA ASP I 112 -36.84 14.33 18.73
C ASP I 112 -37.56 15.26 17.79
N ARG I 113 -38.84 15.49 18.06
CA ARG I 113 -39.84 15.92 17.11
C ARG I 113 -40.15 17.41 17.20
N ALA I 114 -39.17 18.23 17.57
CA ALA I 114 -39.36 19.68 17.55
C ALA I 114 -39.41 20.19 16.12
N ALA I 115 -38.92 19.38 15.17
CA ALA I 115 -39.04 19.60 13.73
C ALA I 115 -40.44 19.91 13.28
N ARG I 116 -41.44 19.23 13.82
CA ARG I 116 -42.82 19.44 13.40
C ARG I 116 -43.78 19.70 14.55
N GLN I 117 -43.62 19.03 15.69
CA GLN I 117 -44.68 18.99 16.68
C GLN I 117 -44.68 20.25 17.53
N ALA I 118 -43.58 20.51 18.22
CA ALA I 118 -43.45 21.73 19.01
C ALA I 118 -43.34 22.91 18.07
N GLY I 119 -42.29 22.93 17.24
CA GLY I 119 -42.18 23.94 16.22
C GLY I 119 -41.29 25.10 16.55
N LEU I 120 -40.35 24.92 17.47
CA LEU I 120 -39.35 25.96 17.73
C LEU I 120 -38.08 25.29 18.19
N GLY I 121 -36.97 25.58 17.51
CA GLY I 121 -35.68 25.08 17.90
C GLY I 121 -34.91 26.07 18.74
N GLY I 122 -33.70 25.67 19.11
CA GLY I 122 -32.86 26.55 19.90
C GLY I 122 -31.41 26.17 19.86
N GLU I 123 -30.75 26.26 21.00
CA GLU I 123 -29.39 25.76 21.11
C GLU I 123 -29.40 24.23 21.13
N ILE I 124 -28.59 23.62 20.27
CA ILE I 124 -28.35 22.18 20.37
C ILE I 124 -27.71 21.88 21.71
N ILE I 125 -28.10 20.78 22.34
CA ILE I 125 -27.38 20.38 23.53
C ILE I 125 -26.29 19.38 23.21
N CYS I 126 -26.64 18.33 22.49
CA CYS I 126 -25.75 17.24 22.11
C CYS I 126 -26.47 16.37 21.11
N TYR I 127 -25.76 15.90 20.09
CA TYR I 127 -26.34 14.83 19.29
C TYR I 127 -26.32 13.55 20.11
N VAL I 128 -27.23 12.63 19.78
CA VAL I 128 -27.29 11.35 20.48
C VAL I 128 -27.47 10.26 19.45
N ALA I 129 -26.58 9.26 19.49
CA ALA I 129 -26.70 8.09 18.63
C ALA I 129 -26.10 6.85 19.29
N ALA J 1 -7.07 24.86 15.50
CA ALA J 1 -6.56 25.68 16.59
C ALA J 1 -7.69 26.16 17.45
N THR J 2 -7.39 27.05 18.40
CA THR J 2 -8.43 27.64 19.21
C THR J 2 -9.20 28.63 18.35
N VAL J 3 -10.48 28.85 18.69
CA VAL J 3 -11.27 29.80 17.93
C VAL J 3 -10.77 31.22 18.15
N ASN J 4 -10.31 31.55 19.34
CA ASN J 4 -9.81 32.88 19.65
C ASN J 4 -8.34 33.03 19.34
N GLN J 5 -7.80 32.19 18.46
CA GLN J 5 -6.52 32.43 17.83
C GLN J 5 -6.67 32.70 16.35
N LEU J 6 -7.77 32.25 15.75
CA LEU J 6 -8.14 32.59 14.39
C LEU J 6 -8.94 33.88 14.33
N VAL J 7 -9.43 34.36 15.48
CA VAL J 7 -10.22 35.59 15.52
C VAL J 7 -9.31 36.81 15.40
N ARG J 8 -8.29 36.89 16.27
CA ARG J 8 -7.50 38.09 16.36
C ARG J 8 -6.52 38.25 15.21
N LYS J 9 -6.31 37.20 14.42
CA LYS J 9 -5.58 37.24 13.18
C LYS J 9 -6.13 36.12 12.32
N PRO J 10 -6.35 36.37 11.03
CA PRO J 10 -7.01 35.37 10.19
C PRO J 10 -6.05 34.26 9.81
N ARG J 11 -6.61 33.23 9.19
CA ARG J 11 -5.78 32.26 8.48
C ARG J 11 -5.14 32.95 7.29
N ALA J 12 -3.83 33.16 7.36
CA ALA J 12 -3.13 33.75 6.24
C ALA J 12 -3.02 32.73 5.12
N ARG J 13 -2.60 33.18 3.95
CA ARG J 13 -2.61 32.33 2.78
C ARG J 13 -1.38 31.43 2.78
N LYS J 14 -1.21 30.68 1.69
CA LYS J 14 0.01 29.94 1.40
C LYS J 14 0.39 30.46 0.03
N VAL J 15 1.22 31.50 0.02
CA VAL J 15 1.32 32.40 -1.13
C VAL J 15 2.04 31.70 -2.28
N ALA J 16 1.52 31.89 -3.49
CA ALA J 16 2.06 31.26 -4.70
C ALA J 16 2.66 32.31 -5.61
N LYS J 17 3.82 32.01 -6.16
CA LYS J 17 4.56 32.94 -6.99
C LYS J 17 4.66 32.41 -8.41
N SER J 18 5.03 33.31 -9.31
CA SER J 18 5.17 32.97 -10.71
C SER J 18 6.61 32.57 -11.00
N ASN J 19 6.77 31.59 -11.90
CA ASN J 19 8.09 31.16 -12.33
C ASN J 19 8.27 31.33 -13.82
N VAL J 20 7.50 32.21 -14.43
CA VAL J 20 7.81 32.73 -15.76
C VAL J 20 7.84 34.24 -15.58
N PRO J 21 8.98 34.83 -15.24
CA PRO J 21 9.04 36.27 -15.00
C PRO J 21 9.12 37.12 -16.26
N ALA J 22 9.00 36.55 -17.44
CA ALA J 22 8.66 37.31 -18.63
C ALA J 22 7.17 37.24 -18.88
N LEU J 23 6.40 37.48 -17.83
CA LEU J 23 4.97 37.71 -18.02
C LEU J 23 4.72 39.14 -18.43
N GLU J 24 4.87 40.04 -17.47
CA GLU J 24 4.12 41.29 -17.41
C GLU J 24 2.66 41.06 -17.85
N ALA J 25 2.06 40.00 -17.28
CA ALA J 25 0.74 39.46 -17.66
C ALA J 25 0.59 39.21 -19.17
N CYS J 26 1.64 38.72 -19.81
CA CYS J 26 1.59 38.44 -21.24
C CYS J 26 2.12 37.05 -21.51
N PRO J 27 1.71 36.43 -22.61
CA PRO J 27 2.26 35.12 -22.96
C PRO J 27 3.52 35.12 -23.82
N GLN J 28 3.73 36.12 -24.69
CA GLN J 28 4.86 36.09 -25.61
C GLN J 28 5.51 37.47 -25.68
N LYS J 29 6.83 37.54 -25.48
CA LYS J 29 7.54 38.80 -25.54
C LYS J 29 8.63 38.73 -26.61
N ARG J 30 8.98 39.89 -27.16
CA ARG J 30 9.93 39.99 -28.26
C ARG J 30 11.36 40.13 -27.74
N GLY J 31 12.31 39.63 -28.51
CA GLY J 31 13.70 39.65 -28.11
C GLY J 31 14.67 39.80 -29.25
N VAL J 32 15.84 40.38 -28.96
CA VAL J 32 16.72 40.90 -30.01
C VAL J 32 18.11 40.24 -29.91
N CYS J 33 18.17 38.98 -29.47
CA CYS J 33 19.32 38.09 -29.76
C CYS J 33 20.72 38.55 -29.35
N THR J 34 21.04 38.47 -28.06
CA THR J 34 22.40 38.80 -27.59
C THR J 34 23.47 37.96 -28.28
N ARG J 35 23.45 36.65 -28.07
CA ARG J 35 24.46 35.76 -28.64
C ARG J 35 23.78 34.44 -29.01
N VAL J 36 24.60 33.43 -29.28
CA VAL J 36 24.20 32.03 -29.23
C VAL J 36 25.23 31.28 -28.41
N TYR J 37 24.79 30.66 -27.34
CA TYR J 37 25.69 29.88 -26.50
C TYR J 37 25.38 28.40 -26.64
N THR J 38 26.35 27.57 -26.28
CA THR J 38 26.29 26.16 -26.58
C THR J 38 26.74 25.37 -25.33
N THR J 39 26.12 25.67 -24.20
CA THR J 39 26.57 25.10 -22.93
C THR J 39 26.14 23.64 -22.82
N THR J 40 26.49 23.01 -21.71
CA THR J 40 26.33 21.58 -21.55
C THR J 40 25.38 21.27 -20.40
N PRO J 41 24.58 20.21 -20.52
CA PRO J 41 23.71 19.80 -19.41
C PRO J 41 24.44 19.05 -18.31
N LYS J 42 23.66 18.55 -17.36
CA LYS J 42 24.21 17.99 -16.14
C LYS J 42 24.54 16.52 -16.34
N LYS J 43 24.73 15.81 -15.22
CA LYS J 43 25.27 14.45 -15.22
C LYS J 43 24.45 13.41 -16.00
N PRO J 44 23.13 13.25 -15.85
CA PRO J 44 22.47 12.17 -16.59
C PRO J 44 22.33 12.43 -18.07
N ASN J 45 22.67 13.63 -18.55
CA ASN J 45 22.62 13.93 -19.96
C ASN J 45 24.03 14.13 -20.53
N SER J 46 24.07 14.42 -21.82
CA SER J 46 25.28 14.72 -22.56
C SER J 46 24.86 15.63 -23.71
N ALA J 47 25.73 15.77 -24.71
CA ALA J 47 25.37 16.25 -26.05
C ALA J 47 24.83 17.69 -26.00
N LEU J 48 25.77 18.61 -25.76
CA LEU J 48 25.58 20.05 -25.54
C LEU J 48 24.51 20.69 -26.42
N ARG J 49 23.68 21.55 -25.80
CA ARG J 49 22.46 22.08 -26.39
C ARG J 49 22.64 23.53 -26.84
N LYS J 50 21.64 24.01 -27.58
CA LYS J 50 21.72 25.30 -28.28
C LYS J 50 20.86 26.33 -27.56
N VAL J 51 21.50 27.34 -26.96
CA VAL J 51 20.79 28.37 -26.21
C VAL J 51 21.21 29.76 -26.67
N CYS J 52 20.35 30.73 -26.41
CA CYS J 52 20.64 32.11 -26.70
C CYS J 52 20.14 32.99 -25.58
N ARG J 53 20.99 33.89 -25.11
CA ARG J 53 20.51 34.96 -24.26
C ARG J 53 19.82 36.01 -25.12
N VAL J 54 18.80 36.63 -24.53
CA VAL J 54 17.79 37.36 -25.28
C VAL J 54 17.56 38.70 -24.60
N ARG J 55 17.69 39.77 -25.35
CA ARG J 55 17.38 41.11 -24.85
C ARG J 55 15.91 41.41 -25.11
N LEU J 56 15.13 41.50 -24.04
CA LEU J 56 13.68 41.62 -24.14
C LEU J 56 13.29 43.05 -24.49
N THR J 57 12.00 43.35 -24.36
CA THR J 57 11.52 44.70 -24.54
C THR J 57 10.93 45.29 -23.27
N ASN J 58 10.70 44.49 -22.23
CA ASN J 58 10.30 45.10 -20.97
C ASN J 58 11.47 45.78 -20.29
N GLY J 59 12.69 45.31 -20.55
CA GLY J 59 13.89 45.86 -19.94
C GLY J 59 14.86 44.79 -19.48
N PHE J 60 14.43 43.54 -19.52
CA PHE J 60 15.21 42.44 -18.97
C PHE J 60 16.09 41.81 -20.05
N GLU J 61 17.01 40.96 -19.60
CA GLU J 61 17.80 40.11 -20.49
C GLU J 61 17.90 38.74 -19.87
N VAL J 62 17.58 37.71 -20.64
CA VAL J 62 17.49 36.36 -20.13
C VAL J 62 17.77 35.39 -21.27
N THR J 63 17.93 34.12 -20.95
CA THR J 63 18.35 33.09 -21.89
C THR J 63 17.18 32.20 -22.28
N SER J 64 17.34 31.49 -23.39
CA SER J 64 16.27 30.72 -23.98
C SER J 64 16.82 29.63 -24.88
N TYR J 65 16.16 28.46 -24.85
CA TYR J 65 16.55 27.29 -25.61
C TYR J 65 15.99 27.31 -27.01
N ILE J 66 16.75 26.79 -27.98
CA ILE J 66 16.51 27.04 -29.39
C ILE J 66 16.16 25.73 -30.07
N GLY J 67 15.39 24.88 -29.40
CA GLY J 67 15.09 23.54 -29.87
C GLY J 67 14.50 23.35 -31.25
N GLY J 68 14.43 22.09 -31.66
CA GLY J 68 14.13 21.72 -33.03
C GLY J 68 15.17 20.72 -33.53
N GLU J 69 15.48 20.77 -34.82
CA GLU J 69 16.53 19.95 -35.41
C GLU J 69 17.42 20.86 -36.25
N GLY J 70 18.40 21.48 -35.60
CA GLY J 70 19.21 22.50 -36.25
C GLY J 70 18.50 23.84 -36.37
N HIS J 71 19.22 24.95 -36.33
CA HIS J 71 18.55 26.25 -36.33
C HIS J 71 19.11 27.13 -37.43
N ASN J 72 18.68 28.40 -37.41
CA ASN J 72 19.14 29.41 -38.34
C ASN J 72 19.15 30.74 -37.59
N LEU J 73 20.31 31.12 -37.05
CA LEU J 73 20.40 32.34 -36.25
C LEU J 73 21.69 33.09 -36.53
N GLN J 74 21.63 34.08 -37.41
CA GLN J 74 22.53 35.22 -37.29
C GLN J 74 22.00 36.04 -36.13
N GLU J 75 22.91 36.66 -35.38
CA GLU J 75 22.62 36.95 -33.97
C GLU J 75 22.41 38.44 -33.70
N HIS J 76 21.72 39.16 -34.58
CA HIS J 76 21.35 40.55 -34.33
C HIS J 76 19.95 40.82 -34.84
N SER J 77 19.02 39.92 -34.55
CA SER J 77 17.67 40.03 -35.10
C SER J 77 16.69 39.47 -34.08
N VAL J 78 15.47 39.18 -34.54
CA VAL J 78 14.30 39.05 -33.67
C VAL J 78 14.02 37.58 -33.38
N ILE J 79 13.63 37.26 -32.16
CA ILE J 79 13.05 35.96 -31.84
C ILE J 79 11.72 36.15 -31.14
N LEU J 80 11.13 35.05 -30.67
CA LEU J 80 9.88 35.10 -29.93
C LEU J 80 9.87 33.96 -28.91
N ILE J 81 9.41 34.24 -27.69
CA ILE J 81 9.66 33.38 -26.54
C ILE J 81 8.38 32.60 -26.25
N ARG J 82 8.50 31.50 -25.50
CA ARG J 82 7.34 30.63 -25.30
C ARG J 82 7.13 30.23 -23.84
N GLY J 83 8.17 30.24 -23.03
CA GLY J 83 8.08 29.72 -21.69
C GLY J 83 8.16 28.21 -21.68
N GLY J 84 7.81 27.62 -20.54
CA GLY J 84 7.89 26.17 -20.45
C GLY J 84 9.29 25.60 -20.32
N ARG J 85 9.85 25.67 -19.11
CA ARG J 85 11.28 25.52 -18.88
C ARG J 85 11.85 24.16 -19.29
N VAL J 86 13.09 24.22 -19.78
CA VAL J 86 13.92 23.04 -19.94
C VAL J 86 14.33 22.54 -18.56
N LYS J 87 14.30 21.22 -18.37
CA LYS J 87 14.78 20.68 -17.09
C LYS J 87 16.29 20.73 -16.99
N ASP J 88 17.00 20.61 -18.11
CA ASP J 88 18.42 20.27 -18.08
C ASP J 88 19.31 21.46 -17.73
N LEU J 89 19.29 22.47 -18.56
CA LEU J 89 20.29 23.53 -18.48
C LEU J 89 19.99 24.47 -17.33
N PRO J 90 20.96 24.75 -16.46
CA PRO J 90 20.69 25.66 -15.34
C PRO J 90 20.57 27.11 -15.77
N GLY J 91 19.35 27.63 -15.75
CA GLY J 91 19.09 29.02 -16.04
C GLY J 91 18.14 29.25 -17.20
N VAL J 92 17.92 28.26 -18.05
CA VAL J 92 17.05 28.42 -19.21
C VAL J 92 15.65 28.01 -18.79
N ARG J 93 14.76 28.98 -18.64
CA ARG J 93 13.39 28.75 -18.21
C ARG J 93 12.41 29.17 -19.28
N TYR J 94 12.74 28.95 -20.53
CA TYR J 94 11.93 29.43 -21.63
C TYR J 94 12.03 28.43 -22.77
N HIS J 95 11.71 28.90 -23.97
CA HIS J 95 11.78 28.14 -25.21
C HIS J 95 11.84 29.19 -26.30
N THR J 96 11.76 28.77 -27.55
CA THR J 96 11.54 29.73 -28.64
C THR J 96 10.40 29.24 -29.52
N VAL J 97 9.73 30.21 -30.13
CA VAL J 97 8.61 29.94 -31.02
C VAL J 97 9.23 29.43 -32.32
N ARG J 98 9.17 28.11 -32.53
CA ARG J 98 9.86 27.54 -33.68
C ARG J 98 9.08 27.84 -34.95
N GLY J 99 9.43 28.94 -35.60
CA GLY J 99 8.69 29.47 -36.71
C GLY J 99 7.98 30.72 -36.26
N ALA J 100 8.61 31.86 -36.49
CA ALA J 100 8.16 33.14 -35.96
C ALA J 100 8.83 34.25 -36.77
N LEU J 101 8.84 35.45 -36.20
CA LEU J 101 9.69 36.53 -36.69
C LEU J 101 11.14 36.10 -36.68
N ASP J 102 11.73 35.94 -37.88
CA ASP J 102 13.16 35.82 -38.16
C ASP J 102 13.77 34.48 -37.75
N CYS J 103 13.05 33.66 -37.00
CA CYS J 103 13.54 32.34 -36.60
C CYS J 103 12.67 31.28 -37.25
N SER J 104 13.05 30.88 -38.46
CA SER J 104 12.21 30.06 -39.33
C SER J 104 12.19 28.61 -38.85
N GLY J 105 11.54 27.76 -39.63
CA GLY J 105 11.28 26.40 -39.21
C GLY J 105 12.49 25.51 -39.23
N VAL J 106 12.26 24.25 -38.89
CA VAL J 106 13.28 23.24 -38.96
C VAL J 106 13.20 22.54 -40.31
N LYS J 107 14.29 21.89 -40.67
CA LYS J 107 14.41 21.30 -42.00
C LYS J 107 13.67 19.97 -42.04
N ASP J 108 12.38 20.06 -42.37
CA ASP J 108 11.53 18.93 -42.78
C ASP J 108 11.38 17.87 -41.69
N ARG J 109 10.74 18.26 -40.59
CA ARG J 109 10.06 17.28 -39.79
C ARG J 109 8.77 16.85 -40.50
N LYS J 110 8.26 15.67 -40.15
CA LYS J 110 7.03 15.19 -40.75
C LYS J 110 6.04 14.61 -39.75
N GLN J 111 6.42 14.45 -38.49
CA GLN J 111 5.48 14.19 -37.40
C GLN J 111 5.55 15.32 -36.39
N ALA J 112 4.39 15.65 -35.80
CA ALA J 112 4.20 16.80 -34.93
C ALA J 112 4.72 18.08 -35.58
N ARG J 113 4.08 18.44 -36.69
CA ARG J 113 4.50 19.60 -37.46
C ARG J 113 4.30 20.89 -36.67
N SER J 114 3.08 21.12 -36.18
CA SER J 114 2.61 22.45 -35.75
C SER J 114 3.41 23.02 -34.59
N LYS J 115 4.02 22.19 -33.76
CA LYS J 115 4.88 22.68 -32.70
C LYS J 115 6.25 23.11 -33.22
N TYR J 116 6.50 23.01 -34.53
CA TYR J 116 7.67 23.59 -35.14
C TYR J 116 7.22 24.33 -36.39
N GLY J 117 8.15 24.93 -37.10
CA GLY J 117 7.77 25.70 -38.27
C GLY J 117 7.58 24.89 -39.54
N VAL J 118 6.90 23.75 -39.43
CA VAL J 118 6.73 22.82 -40.54
C VAL J 118 5.26 22.85 -40.92
N LYS J 119 4.97 23.24 -42.15
CA LYS J 119 3.60 23.25 -42.62
C LYS J 119 3.32 22.01 -43.45
N ARG J 120 2.17 21.98 -44.13
CA ARG J 120 1.79 20.84 -44.94
C ARG J 120 2.77 20.70 -46.09
N PRO J 121 3.36 19.50 -46.30
CA PRO J 121 4.52 19.37 -47.20
C PRO J 121 4.29 19.71 -48.66
N LYS J 122 3.42 18.99 -49.35
CA LYS J 122 3.23 19.23 -50.77
C LYS J 122 1.79 19.20 -51.24
N ALA J 123 0.87 18.55 -50.54
CA ALA J 123 -0.47 18.35 -51.07
C ALA J 123 -1.36 19.56 -50.85
N LEU K 1 3.66 37.63 63.49
CA LEU K 1 3.68 37.10 62.14
C LEU K 1 2.45 36.26 61.87
N SER K 2 2.34 35.14 62.57
CA SER K 2 1.34 34.16 62.19
C SER K 2 0.42 33.78 63.35
N THR K 3 0.94 33.68 64.57
CA THR K 3 0.15 33.18 65.69
C THR K 3 -0.15 34.25 66.72
N GLU K 4 0.87 34.93 67.23
CA GLU K 4 0.72 35.85 68.35
C GLU K 4 0.00 37.14 67.99
N ALA K 5 0.59 37.94 67.10
CA ALA K 5 -0.01 39.24 66.78
C ALA K 5 -1.21 39.09 65.86
N THR K 6 -1.37 37.93 65.23
CA THR K 6 -2.60 37.70 64.50
C THR K 6 -3.77 37.44 65.44
N ALA K 7 -3.48 36.92 66.63
CA ALA K 7 -4.53 36.63 67.60
C ALA K 7 -5.07 37.87 68.28
N LYS K 8 -4.36 39.00 68.22
CA LYS K 8 -4.88 40.26 68.73
C LYS K 8 -5.51 41.12 67.64
N ILE K 9 -5.34 40.74 66.38
CA ILE K 9 -5.87 41.50 65.25
C ILE K 9 -7.08 40.83 64.65
N VAL K 10 -7.38 39.59 65.05
CA VAL K 10 -8.50 38.85 64.47
C VAL K 10 -9.84 39.46 64.86
N SER K 11 -10.08 39.67 66.15
CA SER K 11 -11.37 40.17 66.60
C SER K 11 -11.50 41.68 66.46
N GLU K 12 -10.49 42.36 65.93
CA GLU K 12 -10.59 43.79 65.69
C GLU K 12 -11.51 44.11 64.52
N PHE K 13 -11.85 43.11 63.70
CA PHE K 13 -12.60 43.35 62.48
C PHE K 13 -13.79 42.44 62.28
N GLY K 14 -13.93 41.38 63.07
CA GLY K 14 -15.00 40.42 62.82
C GLY K 14 -16.36 40.96 63.21
N ARG K 15 -17.36 40.67 62.38
CA ARG K 15 -18.72 41.08 62.69
C ARG K 15 -19.31 40.25 63.82
N ASP K 16 -18.77 39.07 64.07
CA ASP K 16 -19.00 38.31 65.28
C ASP K 16 -17.77 37.45 65.55
N ALA K 17 -17.89 36.47 66.43
CA ALA K 17 -16.80 35.55 66.69
C ALA K 17 -16.69 34.52 65.57
N ASN K 18 -15.44 34.21 65.19
CA ASN K 18 -15.05 33.09 64.33
C ASN K 18 -15.60 33.21 62.90
N ASP K 19 -15.75 34.44 62.40
CA ASP K 19 -16.12 34.69 61.02
C ASP K 19 -14.90 34.89 60.14
N THR K 20 -13.81 34.17 60.44
CA THR K 20 -12.44 34.58 60.14
C THR K 20 -12.19 34.91 58.68
N GLY K 21 -12.64 34.04 57.78
CA GLY K 21 -12.33 34.25 56.38
C GLY K 21 -13.23 35.22 55.64
N SER K 22 -14.02 36.00 56.37
CA SER K 22 -14.79 37.06 55.73
C SER K 22 -13.84 38.12 55.20
N THR K 23 -14.27 38.78 54.13
CA THR K 23 -13.35 39.56 53.29
C THR K 23 -12.81 40.80 53.99
N GLU K 24 -13.60 41.39 54.89
CA GLU K 24 -13.11 42.45 55.76
C GLU K 24 -11.96 41.94 56.61
N VAL K 25 -12.20 40.84 57.35
CA VAL K 25 -11.21 40.28 58.25
C VAL K 25 -10.02 39.73 57.46
N GLN K 26 -10.29 39.28 56.23
CA GLN K 26 -9.28 38.70 55.36
C GLN K 26 -8.16 39.68 55.04
N VAL K 27 -8.48 40.79 54.38
CA VAL K 27 -7.48 41.69 53.83
C VAL K 27 -6.73 42.44 54.92
N ALA K 28 -7.43 42.81 56.00
CA ALA K 28 -6.81 43.55 57.09
C ALA K 28 -5.81 42.68 57.85
N LEU K 29 -6.08 41.39 57.92
CA LEU K 29 -5.04 40.47 58.37
C LEU K 29 -3.90 40.42 57.37
N LEU K 30 -4.23 40.44 56.08
CA LEU K 30 -3.23 40.21 55.05
C LEU K 30 -2.38 41.45 54.78
N THR K 31 -3.02 42.62 54.72
CA THR K 31 -2.29 43.85 54.42
C THR K 31 -1.35 44.21 55.56
N ALA K 32 -1.77 43.95 56.80
CA ALA K 32 -0.88 44.02 57.95
C ALA K 32 0.34 43.13 57.76
N GLN K 33 0.14 41.93 57.23
CA GLN K 33 1.24 41.00 57.00
C GLN K 33 1.85 41.20 55.62
N ILE K 34 1.76 42.41 55.08
CA ILE K 34 2.65 42.86 54.02
C ILE K 34 3.55 44.00 54.49
N ASN K 35 3.07 44.83 55.41
CA ASN K 35 3.90 45.87 56.00
C ASN K 35 5.05 45.27 56.78
N HIS K 36 4.74 44.31 57.66
CA HIS K 36 5.74 43.71 58.52
C HIS K 36 6.73 42.88 57.73
N LEU K 37 6.26 42.16 56.71
CA LEU K 37 7.18 41.45 55.85
C LEU K 37 8.03 42.39 55.01
N GLN K 38 7.53 43.60 54.73
CA GLN K 38 8.35 44.56 54.00
C GLN K 38 9.45 45.15 54.87
N GLY K 39 9.32 45.04 56.20
CA GLY K 39 10.47 45.26 57.06
C GLY K 39 11.57 44.25 56.82
N HIS K 40 11.20 43.02 56.47
CA HIS K 40 12.22 42.03 56.12
C HIS K 40 12.81 42.30 54.74
N PHE K 41 12.01 42.83 53.83
CA PHE K 41 12.57 43.32 52.58
C PHE K 41 12.89 44.80 52.61
N ALA K 42 12.89 45.40 53.80
CA ALA K 42 13.60 46.67 53.93
C ALA K 42 15.10 46.44 53.86
N GLU K 43 15.54 45.25 54.23
CA GLU K 43 16.90 44.80 53.98
C GLU K 43 16.90 43.43 53.30
N HIS K 44 18.08 42.80 53.27
CA HIS K 44 18.46 41.52 52.68
C HIS K 44 18.50 41.52 51.16
N LYS K 45 17.68 42.37 50.50
CA LYS K 45 17.81 42.95 49.15
C LYS K 45 18.44 42.10 48.05
N LYS K 46 18.50 40.78 48.25
CA LYS K 46 18.97 39.79 47.30
C LYS K 46 18.15 38.53 47.34
N ASP K 47 17.18 38.42 48.25
CA ASP K 47 16.30 37.26 48.34
C ASP K 47 15.28 37.37 47.22
N HIS K 48 15.72 37.06 46.01
CA HIS K 48 14.82 37.06 44.87
C HIS K 48 13.96 35.82 44.82
N HIS K 49 14.34 34.79 45.59
CA HIS K 49 13.49 33.60 45.74
C HIS K 49 12.19 33.95 46.44
N SER K 50 12.28 34.42 47.69
CA SER K 50 11.10 34.70 48.51
C SER K 50 10.32 35.92 48.05
N ARG K 51 10.92 36.80 47.23
CA ARG K 51 10.27 38.07 46.89
C ARG K 51 9.01 37.87 46.08
N ARG K 52 8.91 36.77 45.33
CA ARG K 52 7.66 36.48 44.63
C ARG K 52 6.57 36.07 45.60
N GLY K 53 6.92 35.43 46.72
CA GLY K 53 5.92 35.11 47.72
C GLY K 53 5.30 36.35 48.34
N LEU K 54 6.09 37.42 48.47
CA LEU K 54 5.53 38.73 48.75
C LEU K 54 4.70 39.22 47.57
N LEU K 55 5.26 39.13 46.36
CA LEU K 55 4.57 39.55 45.15
C LEU K 55 3.32 38.71 44.87
N ARG K 56 3.26 37.50 45.41
CA ARG K 56 2.04 36.70 45.38
C ARG K 56 0.89 37.40 46.09
N MET K 57 1.06 37.69 47.37
CA MET K 57 -0.06 38.15 48.16
C MET K 57 -0.35 39.63 47.99
N VAL K 58 0.56 40.39 47.39
CA VAL K 58 0.25 41.79 47.10
C VAL K 58 -0.78 41.88 45.99
N SER K 59 -0.72 40.97 45.01
CA SER K 59 -1.73 40.97 43.96
C SER K 59 -3.06 40.43 44.47
N GLN K 60 -3.02 39.43 45.37
CA GLN K 60 -4.26 38.90 45.94
C GLN K 60 -4.89 39.90 46.91
N ARG K 61 -4.07 40.77 47.50
CA ARG K 61 -4.60 41.92 48.23
C ARG K 61 -5.47 42.78 47.34
N ARG K 62 -5.07 42.99 46.08
CA ARG K 62 -5.94 43.75 45.21
C ARG K 62 -7.08 42.88 44.66
N LYS K 63 -6.91 41.55 44.69
CA LYS K 63 -7.96 40.68 44.16
C LYS K 63 -9.22 40.72 45.01
N LEU K 64 -9.08 40.55 46.33
CA LEU K 64 -10.26 40.54 47.18
C LEU K 64 -10.84 41.92 47.37
N LEU K 65 -10.05 42.97 47.15
CA LEU K 65 -10.60 44.33 47.12
C LEU K 65 -11.55 44.53 45.97
N ASP K 66 -11.39 43.79 44.88
CA ASP K 66 -12.41 43.79 43.85
C ASP K 66 -13.69 43.16 44.34
N TYR K 67 -13.59 42.18 45.25
CA TYR K 67 -14.79 41.53 45.76
C TYR K 67 -15.54 42.44 46.74
N LEU K 68 -14.86 43.39 47.36
CA LEU K 68 -15.58 44.43 48.07
C LEU K 68 -16.16 45.43 47.09
N LYS K 69 -15.43 45.70 46.01
CA LYS K 69 -15.85 46.70 45.04
C LYS K 69 -17.11 46.29 44.31
N ARG K 70 -17.16 45.05 43.83
CA ARG K 70 -18.29 44.60 43.03
C ARG K 70 -19.54 44.33 43.84
N LYS K 71 -19.42 44.06 45.14
CA LYS K 71 -20.58 43.76 45.97
C LYS K 71 -21.06 44.97 46.75
N ASP K 72 -20.23 45.54 47.62
CA ASP K 72 -20.69 46.57 48.55
C ASP K 72 -19.71 47.72 48.55
N VAL K 73 -20.11 48.82 47.90
CA VAL K 73 -19.27 50.02 47.78
C VAL K 73 -19.04 50.65 49.15
N ALA K 74 -20.00 50.47 50.07
CA ALA K 74 -19.86 51.03 51.42
C ALA K 74 -18.74 50.37 52.20
N ARG K 75 -18.84 49.04 52.39
CA ARG K 75 -17.86 48.31 53.19
C ARG K 75 -16.46 48.35 52.58
N TYR K 76 -16.38 48.51 51.25
CA TYR K 76 -15.12 48.77 50.57
C TYR K 76 -14.42 50.00 51.13
N THR K 77 -15.12 51.14 51.12
CA THR K 77 -14.55 52.40 51.60
C THR K 77 -14.28 52.37 53.09
N ARG K 78 -15.03 51.58 53.84
CA ARG K 78 -14.92 51.58 55.30
C ARG K 78 -13.60 51.00 55.78
N LEU K 79 -13.10 49.94 55.13
CA LEU K 79 -11.84 49.37 55.56
C LEU K 79 -10.63 50.07 54.96
N ILE K 80 -10.75 50.63 53.75
CA ILE K 80 -9.65 51.41 53.23
C ILE K 80 -9.57 52.76 53.91
N GLU K 81 -10.64 53.19 54.57
CA GLU K 81 -10.54 54.23 55.59
C GLU K 81 -9.68 53.75 56.75
N ARG K 82 -10.01 52.58 57.30
CA ARG K 82 -9.31 52.05 58.46
C ARG K 82 -7.90 51.59 58.15
N LEU K 83 -7.52 51.48 56.88
CA LEU K 83 -6.18 51.09 56.50
C LEU K 83 -5.42 52.13 55.71
N GLY K 84 -6.09 53.10 55.09
CA GLY K 84 -5.41 54.14 54.34
C GLY K 84 -4.74 53.61 53.08
N LEU K 85 -5.54 53.16 52.13
CA LEU K 85 -5.02 52.41 51.01
C LEU K 85 -5.03 53.26 49.73
N ARG K 86 -4.23 52.81 48.76
CA ARG K 86 -4.11 53.40 47.43
C ARG K 86 -3.75 54.88 47.43
N MET L 1 -42.37 64.67 -15.21
CA MET L 1 -41.59 64.40 -16.41
C MET L 1 -41.33 62.90 -16.41
N VAL L 2 -42.02 62.23 -15.48
CA VAL L 2 -41.95 60.78 -15.40
C VAL L 2 -42.68 60.17 -16.59
N THR L 3 -42.09 59.14 -17.18
CA THR L 3 -42.57 58.59 -18.45
C THR L 3 -42.86 57.10 -18.31
N ILE L 4 -43.53 56.56 -19.33
CA ILE L 4 -44.05 55.20 -19.37
C ILE L 4 -43.52 54.55 -20.66
N ARG L 5 -42.30 54.87 -21.03
CA ARG L 5 -41.72 54.38 -22.28
C ARG L 5 -41.41 52.89 -22.23
N LEU L 6 -40.91 52.36 -23.34
CA LEU L 6 -40.64 50.93 -23.45
C LEU L 6 -39.15 50.68 -23.58
N ALA L 7 -38.68 49.63 -22.90
CA ALA L 7 -37.28 49.23 -22.95
C ALA L 7 -37.05 48.35 -24.17
N ARG L 8 -35.88 47.69 -24.23
CA ARG L 8 -35.59 46.80 -25.34
C ARG L 8 -34.66 45.69 -24.85
N HIS L 9 -35.22 44.54 -24.51
CA HIS L 9 -34.44 43.36 -24.20
C HIS L 9 -34.82 42.33 -25.25
N GLY L 10 -34.22 42.43 -26.43
CA GLY L 10 -34.54 41.49 -27.46
C GLY L 10 -33.32 40.76 -27.95
N ALA L 11 -33.48 39.97 -28.99
CA ALA L 11 -32.36 39.40 -29.69
C ALA L 11 -31.98 40.33 -30.83
N LYS L 12 -31.17 39.82 -31.74
CA LYS L 12 -30.90 40.52 -32.99
C LYS L 12 -32.02 40.24 -33.98
N LYS L 13 -32.64 41.30 -34.50
CA LYS L 13 -33.82 41.27 -35.36
C LYS L 13 -35.04 40.59 -34.73
N ARG L 14 -35.04 40.45 -33.40
CA ARG L 14 -36.16 39.83 -32.68
C ARG L 14 -36.44 40.66 -31.43
N PRO L 15 -37.08 41.82 -31.59
CA PRO L 15 -37.28 42.71 -30.44
C PRO L 15 -38.31 42.16 -29.49
N PHE L 16 -38.16 42.49 -28.20
CA PHE L 16 -39.08 42.10 -27.16
C PHE L 16 -38.98 43.14 -26.06
N TYR L 17 -39.93 44.06 -26.00
CA TYR L 17 -39.75 45.23 -25.19
C TYR L 17 -40.16 44.94 -23.75
N GLN L 18 -40.20 45.98 -22.91
CA GLN L 18 -40.70 45.91 -21.54
C GLN L 18 -41.43 47.22 -21.27
N VAL L 19 -42.59 47.15 -20.65
CA VAL L 19 -43.33 48.38 -20.35
C VAL L 19 -42.77 48.95 -19.06
N VAL L 20 -42.16 50.13 -19.16
CA VAL L 20 -41.22 50.64 -18.18
C VAL L 20 -41.64 52.04 -17.74
N VAL L 21 -42.04 52.15 -16.49
CA VAL L 21 -42.47 53.43 -15.94
C VAL L 21 -41.25 54.04 -15.30
N ALA L 22 -40.62 54.99 -15.99
CA ALA L 22 -39.29 55.43 -15.60
C ALA L 22 -39.21 56.94 -15.71
N ASP L 23 -37.98 57.44 -15.65
CA ASP L 23 -37.69 58.86 -15.75
C ASP L 23 -37.40 59.23 -17.20
N SER L 24 -37.54 60.53 -17.49
CA SER L 24 -37.26 61.06 -18.82
C SER L 24 -35.78 60.93 -19.16
N ARG L 25 -34.94 61.60 -18.40
CA ARG L 25 -33.58 61.87 -18.83
C ARG L 25 -32.65 60.68 -18.70
N ASN L 26 -33.11 59.57 -18.13
CA ASN L 26 -32.25 58.43 -17.90
C ASN L 26 -32.08 57.62 -19.19
N ALA L 27 -31.56 56.41 -19.01
CA ALA L 27 -30.93 55.64 -20.06
C ALA L 27 -31.92 55.18 -21.10
N ARG L 28 -31.34 54.64 -22.18
CA ARG L 28 -32.09 53.91 -23.18
C ARG L 28 -32.90 52.79 -22.54
N ASN L 29 -32.25 51.88 -21.82
CA ASN L 29 -32.93 50.93 -20.95
C ASN L 29 -31.99 50.60 -19.80
N GLY L 30 -32.05 51.41 -18.75
CA GLY L 30 -31.17 51.11 -17.64
C GLY L 30 -31.68 51.48 -16.27
N ARG L 31 -32.93 51.94 -16.18
CA ARG L 31 -33.39 52.57 -14.95
C ARG L 31 -34.90 52.68 -15.00
N PHE L 32 -35.56 52.33 -13.90
CA PHE L 32 -36.99 52.54 -13.79
C PHE L 32 -37.40 52.61 -12.33
N ILE L 33 -38.41 53.47 -12.08
CA ILE L 33 -39.06 53.50 -10.77
C ILE L 33 -39.68 52.15 -10.47
N GLU L 34 -40.47 51.63 -11.41
CA GLU L 34 -40.93 50.25 -11.33
C GLU L 34 -41.27 49.79 -12.74
N ARG L 35 -41.50 48.49 -12.85
CA ARG L 35 -41.75 47.87 -14.14
C ARG L 35 -43.03 47.07 -14.04
N VAL L 36 -43.98 47.35 -14.92
CA VAL L 36 -45.19 46.53 -15.03
C VAL L 36 -45.66 46.59 -16.48
N GLY L 37 -45.96 45.42 -17.03
CA GLY L 37 -46.35 45.26 -18.41
C GLY L 37 -45.20 44.81 -19.29
N PHE L 38 -45.53 44.20 -20.41
CA PHE L 38 -44.52 43.84 -21.40
C PHE L 38 -45.17 43.85 -22.77
N PHE L 39 -44.40 43.53 -23.79
CA PHE L 39 -44.85 43.72 -25.17
C PHE L 39 -44.09 42.74 -26.04
N ASN L 40 -44.60 42.52 -27.27
CA ASN L 40 -43.88 41.77 -28.28
C ASN L 40 -44.47 42.04 -29.65
N PRO L 41 -43.68 42.43 -30.61
CA PRO L 41 -44.16 42.38 -31.99
C PRO L 41 -43.85 41.08 -32.70
N ILE L 42 -43.89 39.94 -32.02
CA ILE L 42 -43.65 38.66 -32.68
C ILE L 42 -44.78 37.73 -32.25
N ALA L 43 -45.97 38.29 -32.01
CA ALA L 43 -47.07 37.49 -31.48
C ALA L 43 -47.54 36.39 -32.43
N SER L 44 -48.22 36.78 -33.51
CA SER L 44 -48.67 35.88 -34.60
C SER L 44 -49.37 34.61 -34.08
N GLU L 45 -50.21 34.78 -33.06
CA GLU L 45 -50.67 33.71 -32.18
C GLU L 45 -49.47 32.91 -31.65
N LYS L 46 -48.66 33.60 -30.86
CA LYS L 46 -47.90 32.90 -29.83
C LYS L 46 -48.79 32.74 -28.60
N GLU L 47 -49.06 33.87 -27.95
CA GLU L 47 -49.97 34.04 -26.83
C GLU L 47 -50.48 35.48 -26.93
N GLU L 48 -51.00 36.00 -25.83
CA GLU L 48 -51.14 37.44 -25.66
C GLU L 48 -49.81 38.12 -25.89
N GLY L 49 -49.76 39.00 -26.89
CA GLY L 49 -48.54 39.73 -27.16
C GLY L 49 -48.53 41.06 -26.43
N THR L 50 -49.42 41.23 -25.46
CA THR L 50 -49.49 42.42 -24.63
C THR L 50 -50.23 42.05 -23.35
N ARG L 51 -49.71 42.52 -22.22
CA ARG L 51 -50.28 42.22 -20.91
C ARG L 51 -49.78 43.28 -19.95
N LEU L 52 -50.67 44.14 -19.46
CA LEU L 52 -50.21 45.44 -18.96
C LEU L 52 -50.50 45.73 -17.49
N ASP L 53 -51.58 45.18 -16.92
CA ASP L 53 -52.09 45.51 -15.59
C ASP L 53 -52.42 47.01 -15.48
N LEU L 54 -53.47 47.38 -16.21
CA LEU L 54 -53.79 48.78 -16.51
C LEU L 54 -54.04 49.64 -15.27
N ASP L 55 -54.35 49.03 -14.13
CA ASP L 55 -54.59 49.79 -12.90
C ASP L 55 -53.34 50.53 -12.45
N ARG L 56 -52.17 49.97 -12.70
CA ARG L 56 -50.95 50.62 -12.24
C ARG L 56 -50.59 51.81 -13.10
N ILE L 57 -50.95 51.77 -14.39
CA ILE L 57 -50.87 52.99 -15.19
C ILE L 57 -51.92 53.99 -14.71
N ALA L 58 -53.10 53.49 -14.36
CA ALA L 58 -54.12 54.34 -13.76
C ALA L 58 -53.71 54.86 -12.39
N HIS L 59 -52.78 54.19 -11.71
CA HIS L 59 -52.12 54.78 -10.55
C HIS L 59 -51.17 55.89 -10.98
N TRP L 60 -50.22 55.59 -11.85
CA TRP L 60 -49.18 56.55 -12.16
C TRP L 60 -49.62 57.65 -13.10
N VAL L 61 -50.80 57.57 -13.71
CA VAL L 61 -51.33 58.78 -14.31
C VAL L 61 -51.80 59.73 -13.23
N GLY L 62 -52.32 59.19 -12.12
CA GLY L 62 -52.77 60.03 -11.03
C GLY L 62 -51.67 60.79 -10.31
N GLN L 63 -50.43 60.29 -10.39
CA GLN L 63 -49.32 61.10 -9.92
C GLN L 63 -49.03 62.24 -10.89
N GLY L 64 -49.16 61.98 -12.19
CA GLY L 64 -48.94 63.02 -13.17
C GLY L 64 -47.94 62.65 -14.25
N ALA L 65 -47.70 61.36 -14.46
CA ALA L 65 -46.68 60.94 -15.41
C ALA L 65 -47.17 61.12 -16.84
N THR L 66 -46.40 61.85 -17.64
CA THR L 66 -46.73 62.03 -19.04
C THR L 66 -46.41 60.75 -19.80
N ILE L 67 -47.30 60.38 -20.72
CA ILE L 67 -47.30 59.05 -21.31
C ILE L 67 -46.75 59.13 -22.73
N SER L 68 -46.23 58.01 -23.22
CA SER L 68 -45.49 58.03 -24.46
C SER L 68 -46.25 57.28 -25.55
N ASP L 69 -45.72 57.34 -26.76
CA ASP L 69 -46.50 57.11 -27.97
C ASP L 69 -46.88 55.65 -28.17
N ARG L 70 -45.93 54.75 -27.98
CA ARG L 70 -46.23 53.37 -28.31
C ARG L 70 -46.99 52.69 -27.19
N VAL L 71 -46.91 53.21 -25.96
CA VAL L 71 -47.90 52.83 -24.96
C VAL L 71 -49.26 53.39 -25.32
N ALA L 72 -49.32 54.64 -25.81
CA ALA L 72 -50.57 55.22 -26.28
C ALA L 72 -51.14 54.47 -27.47
N ALA L 73 -50.31 53.73 -28.21
CA ALA L 73 -50.84 52.71 -29.10
C ALA L 73 -51.53 51.60 -28.33
N LEU L 74 -50.90 51.12 -27.25
CA LEU L 74 -51.36 49.89 -26.59
C LEU L 74 -52.67 50.07 -25.84
N ILE L 75 -52.92 51.25 -25.28
CA ILE L 75 -54.11 51.44 -24.46
C ILE L 75 -55.38 51.38 -25.29
N LYS L 76 -55.28 51.61 -26.59
CA LYS L 76 -56.37 51.25 -27.48
C LYS L 76 -56.10 49.96 -28.25
N GLU L 77 -54.85 49.51 -28.34
CA GLU L 77 -54.65 48.16 -28.85
C GLU L 77 -54.89 47.10 -27.79
N VAL L 78 -55.23 47.50 -26.57
CA VAL L 78 -55.96 46.64 -25.65
C VAL L 78 -57.30 47.34 -25.44
N ASN L 79 -58.29 46.58 -25.00
CA ASN L 79 -59.60 47.16 -24.78
C ASN L 79 -59.74 47.63 -23.34
N LYS M 1 -38.12 58.25 20.13
CA LYS M 1 -38.16 56.79 20.24
C LYS M 1 -37.65 56.16 18.95
N ILE M 2 -36.48 55.53 19.03
CA ILE M 2 -36.00 54.69 17.93
C ILE M 2 -35.88 53.23 18.38
N ARG M 3 -34.92 52.94 19.26
CA ARG M 3 -34.75 51.67 19.92
C ARG M 3 -34.46 52.01 21.37
N THR M 4 -34.19 53.30 21.61
CA THR M 4 -33.64 53.85 22.86
C THR M 4 -32.34 53.11 23.24
N LEU M 5 -31.34 53.34 22.37
CA LEU M 5 -30.05 52.68 22.44
C LEU M 5 -29.33 52.90 23.77
N GLN M 6 -29.18 51.83 24.55
CA GLN M 6 -28.55 51.95 25.85
C GLN M 6 -27.03 51.97 25.73
N GLY M 7 -26.37 52.72 26.58
CA GLY M 7 -24.93 52.81 26.52
C GLY M 7 -24.34 53.28 27.82
N ARG M 8 -23.05 53.63 27.81
CA ARG M 8 -22.39 54.04 29.04
C ARG M 8 -21.85 55.43 28.81
N VAL M 9 -21.07 55.92 29.75
CA VAL M 9 -20.28 57.13 29.57
C VAL M 9 -18.83 56.75 29.74
N VAL M 10 -17.99 57.14 28.79
CA VAL M 10 -16.57 56.87 28.89
C VAL M 10 -15.79 58.05 29.46
N SER M 11 -15.96 59.25 28.91
CA SER M 11 -15.20 60.38 29.42
C SER M 11 -15.95 61.69 29.21
N ASP M 12 -15.80 62.61 30.15
CA ASP M 12 -16.32 63.96 29.97
C ASP M 12 -15.24 64.95 30.36
N LYS M 13 -14.49 65.41 29.37
CA LYS M 13 -13.58 66.54 29.50
C LYS M 13 -13.97 67.63 28.52
N MET M 14 -15.21 67.59 28.03
CA MET M 14 -15.70 68.48 26.99
C MET M 14 -16.83 69.33 27.53
N GLU M 15 -17.11 70.40 26.81
CA GLU M 15 -18.07 71.40 27.23
C GLU M 15 -19.44 71.00 26.70
N LYS M 16 -20.27 70.46 27.59
CA LYS M 16 -21.62 69.97 27.30
C LYS M 16 -21.62 68.90 26.21
N SER M 17 -20.65 67.99 26.27
CA SER M 17 -20.55 66.93 25.29
C SER M 17 -19.89 65.72 25.94
N ILE M 18 -20.44 64.53 25.67
CA ILE M 18 -19.98 63.30 26.31
C ILE M 18 -19.62 62.27 25.25
N VAL M 19 -19.09 61.14 25.71
CA VAL M 19 -18.66 60.03 24.86
C VAL M 19 -19.35 58.77 25.36
N VAL M 20 -20.04 58.07 24.47
CA VAL M 20 -20.84 56.92 24.82
C VAL M 20 -20.36 55.70 24.05
N ALA M 21 -20.05 54.63 24.76
CA ALA M 21 -19.88 53.33 24.14
C ALA M 21 -21.16 52.52 24.29
N ILE M 22 -21.32 51.53 23.42
CA ILE M 22 -22.54 50.73 23.35
C ILE M 22 -22.17 49.26 23.28
N GLU M 23 -22.58 48.49 24.29
CA GLU M 23 -22.44 47.04 24.24
C GLU M 23 -23.30 46.47 23.13
N ARG M 24 -22.78 45.43 22.47
CA ARG M 24 -23.40 44.94 21.23
C ARG M 24 -22.83 43.56 20.92
N PHE M 25 -23.70 42.56 20.83
CA PHE M 25 -23.31 41.23 20.37
C PHE M 25 -23.48 41.09 18.87
N VAL M 26 -22.82 40.08 18.32
CA VAL M 26 -22.88 39.78 16.89
C VAL M 26 -22.41 38.35 16.69
N LYS M 27 -22.92 37.69 15.66
CA LYS M 27 -22.25 36.52 15.12
C LYS M 27 -21.01 36.97 14.38
N HIS M 28 -19.87 36.36 14.68
CA HIS M 28 -18.70 36.61 13.85
C HIS M 28 -18.96 35.94 12.50
N PRO M 29 -18.75 36.64 11.38
CA PRO M 29 -19.39 36.21 10.13
C PRO M 29 -18.85 34.93 9.52
N ILE M 30 -17.66 34.47 9.86
CA ILE M 30 -17.18 33.25 9.21
C ILE M 30 -16.94 32.13 10.22
N TYR M 31 -16.62 32.47 11.47
CA TYR M 31 -16.32 31.44 12.45
C TYR M 31 -17.50 31.01 13.30
N GLY M 32 -18.52 31.85 13.42
CA GLY M 32 -19.60 31.52 14.33
C GLY M 32 -19.17 31.63 15.78
N LYS M 33 -18.83 32.83 16.21
CA LYS M 33 -18.51 33.08 17.60
C LYS M 33 -19.08 34.46 17.96
N PHE M 34 -19.39 34.65 19.24
CA PHE M 34 -20.00 35.88 19.74
C PHE M 34 -18.93 36.76 20.35
N ILE M 35 -18.51 37.78 19.61
CA ILE M 35 -17.57 38.76 20.13
C ILE M 35 -18.34 39.98 20.59
N LYS M 36 -18.19 40.31 21.86
CA LYS M 36 -18.80 41.51 22.42
C LYS M 36 -18.09 42.72 21.84
N ARG M 37 -18.76 43.42 20.96
CA ARG M 37 -18.17 44.55 20.25
C ARG M 37 -18.82 45.85 20.72
N THR M 38 -18.02 46.91 20.80
CA THR M 38 -18.50 48.21 21.25
C THR M 38 -18.09 49.31 20.29
N THR M 39 -18.93 50.33 20.18
CA THR M 39 -18.70 51.49 19.33
C THR M 39 -18.42 52.70 20.22
N LYS M 40 -18.31 53.88 19.62
CA LYS M 40 -17.94 55.10 20.34
C LYS M 40 -18.42 56.33 19.59
N LEU M 41 -19.44 57.00 20.13
CA LEU M 41 -20.07 58.10 19.42
C LEU M 41 -20.40 59.23 20.37
N HIS M 42 -20.11 60.46 19.93
CA HIS M 42 -20.31 61.64 20.75
C HIS M 42 -21.79 61.96 20.85
N VAL M 43 -22.20 62.46 22.02
CA VAL M 43 -23.61 62.65 22.32
C VAL M 43 -23.82 64.01 22.96
N HIS M 44 -24.74 64.80 22.41
CA HIS M 44 -25.05 66.11 22.95
C HIS M 44 -25.90 66.02 24.21
N ASP M 45 -25.54 66.81 25.21
CA ASP M 45 -26.31 66.98 26.44
C ASP M 45 -25.86 68.26 27.13
N GLU M 46 -26.82 68.99 27.70
CA GLU M 46 -26.57 70.34 28.18
C GLU M 46 -26.32 70.41 29.68
N ASN M 47 -27.09 69.68 30.47
CA ASN M 47 -27.16 69.97 31.90
C ASN M 47 -25.98 69.41 32.67
N ASN M 48 -25.11 68.64 32.02
CA ASN M 48 -24.11 67.78 32.69
C ASN M 48 -24.76 66.90 33.74
N GLU M 49 -25.96 66.42 33.42
CA GLU M 49 -26.78 65.69 34.38
C GLU M 49 -26.47 64.20 34.41
N CYS M 50 -25.50 63.76 33.62
CA CYS M 50 -24.96 62.41 33.71
C CYS M 50 -23.45 62.47 33.93
N GLY M 51 -22.97 61.56 34.77
CA GLY M 51 -21.58 61.55 35.17
C GLY M 51 -20.84 60.43 34.48
N ILE M 52 -19.53 60.43 34.67
CA ILE M 52 -18.65 59.50 33.98
C ILE M 52 -18.79 58.10 34.58
N GLY M 53 -19.58 57.26 33.92
CA GLY M 53 -19.77 55.91 34.38
C GLY M 53 -21.21 55.47 34.48
N ASP M 54 -22.13 56.29 33.96
CA ASP M 54 -23.55 56.04 34.10
C ASP M 54 -24.04 55.09 33.01
N VAL M 55 -25.36 54.93 32.91
CA VAL M 55 -26.02 54.21 31.83
C VAL M 55 -27.07 55.13 31.24
N VAL M 56 -27.03 55.30 29.92
CA VAL M 56 -27.66 56.41 29.23
C VAL M 56 -28.60 55.87 28.16
N GLU M 57 -29.78 56.50 28.02
CA GLU M 57 -30.69 56.25 26.92
C GLU M 57 -30.49 57.35 25.88
N ILE M 58 -30.44 56.99 24.59
CA ILE M 58 -30.07 57.92 23.52
C ILE M 58 -30.96 57.69 22.31
N ARG M 59 -31.45 58.77 21.71
CA ARG M 59 -32.06 58.77 20.39
C ARG M 59 -31.25 59.68 19.48
N GLU M 60 -31.55 59.64 18.16
CA GLU M 60 -30.89 60.60 17.27
C GLU M 60 -31.54 61.97 17.34
N CYS M 61 -31.05 62.85 16.49
CA CYS M 61 -31.45 64.25 16.44
C CYS M 61 -30.89 64.85 15.16
N ARG M 62 -31.11 66.14 15.00
CA ARG M 62 -30.44 66.91 13.95
C ARG M 62 -28.94 66.89 14.21
N PRO M 63 -28.11 66.84 13.17
CA PRO M 63 -26.67 66.94 13.39
C PRO M 63 -26.24 68.30 13.87
N LEU M 64 -25.92 68.41 15.17
CA LEU M 64 -25.60 69.70 15.75
C LEU M 64 -24.18 70.13 15.40
N SER M 65 -23.21 69.44 15.91
CA SER M 65 -21.85 69.85 15.73
C SER M 65 -21.24 69.01 14.62
N LYS M 66 -19.93 69.11 14.48
CA LYS M 66 -19.19 68.04 13.85
C LYS M 66 -19.21 66.85 14.81
N THR M 67 -19.16 65.64 14.25
CA THR M 67 -18.86 64.40 14.97
C THR M 67 -19.89 64.06 16.07
N LYS M 68 -21.08 64.67 16.08
CA LYS M 68 -22.00 64.46 17.19
C LYS M 68 -23.44 64.67 16.72
N SER M 69 -24.21 63.58 16.65
CA SER M 69 -25.59 63.68 16.17
C SER M 69 -26.54 62.83 17.03
N TRP M 70 -26.45 62.97 18.34
CA TRP M 70 -27.29 62.20 19.24
C TRP M 70 -27.59 63.04 20.47
N THR M 71 -28.87 63.23 20.80
CA THR M 71 -29.22 63.85 22.07
C THR M 71 -29.53 62.80 23.12
N LEU M 72 -29.13 63.09 24.35
CA LEU M 72 -29.65 62.42 25.53
C LEU M 72 -31.15 62.59 25.65
N VAL M 73 -31.83 61.55 26.12
CA VAL M 73 -33.20 61.67 26.60
C VAL M 73 -33.27 61.59 28.13
N ARG M 74 -32.79 60.50 28.72
CA ARG M 74 -32.77 60.43 30.19
C ARG M 74 -31.69 59.45 30.62
N VAL M 75 -31.46 59.43 31.94
CA VAL M 75 -30.40 58.66 32.57
C VAL M 75 -31.06 57.63 33.48
N VAL M 76 -30.51 56.42 33.53
CA VAL M 76 -31.06 55.36 34.37
C VAL M 76 -30.04 54.87 35.40
N GLU M 77 -29.00 55.64 35.69
CA GLU M 77 -27.94 55.14 36.55
C GLU M 77 -27.10 56.29 37.10
N LYS M 78 -26.83 56.25 38.39
CA LYS M 78 -25.92 57.20 39.01
C LYS M 78 -24.48 56.70 38.89
N ALA M 79 -23.54 57.56 39.25
CA ALA M 79 -22.11 57.23 39.18
C ALA M 79 -21.72 56.15 40.19
N TYR N 1 21.20 12.61 68.95
CA TYR N 1 22.26 13.45 68.41
C TYR N 1 23.32 13.66 69.47
N LYS N 2 22.90 13.67 70.73
CA LYS N 2 23.75 14.05 71.83
C LYS N 2 24.23 12.86 72.65
N ASP N 3 23.77 11.66 72.33
CA ASP N 3 24.01 10.49 73.17
C ASP N 3 25.29 9.79 72.72
N ILE N 4 26.16 9.50 73.68
CA ILE N 4 27.42 8.84 73.37
C ILE N 4 27.21 7.37 73.05
N ALA N 5 26.17 6.76 73.61
CA ALA N 5 25.96 5.33 73.38
C ALA N 5 25.24 5.07 72.06
N THR N 6 24.04 5.63 71.91
CA THR N 6 23.14 5.30 70.82
C THR N 6 23.60 5.90 69.48
N LEU N 7 24.61 6.76 69.49
CA LEU N 7 25.25 7.16 68.25
C LEU N 7 26.53 6.38 67.94
N LYS N 8 27.37 6.10 68.95
CA LYS N 8 28.63 5.41 68.65
C LYS N 8 28.46 3.91 68.43
N ASN N 9 27.34 3.32 68.85
CA ASN N 9 27.09 1.94 68.42
C ASN N 9 26.70 1.88 66.96
N TYR N 10 26.18 3.00 66.43
CA TYR N 10 25.78 3.11 65.03
C TYR N 10 26.69 4.08 64.28
N ILE N 11 27.98 4.02 64.56
CA ILE N 11 29.02 4.48 63.65
C ILE N 11 29.89 3.27 63.34
N THR N 12 30.62 3.35 62.24
CA THR N 12 31.49 2.25 61.84
C THR N 12 32.89 2.45 62.41
N GLU N 13 33.61 1.33 62.52
CA GLU N 13 34.92 1.33 63.17
C GLU N 13 36.02 1.88 62.28
N SER N 14 35.70 2.26 61.05
CA SER N 14 36.56 3.14 60.27
C SER N 14 36.29 4.61 60.56
N GLY N 15 35.49 4.90 61.60
CA GLY N 15 35.18 6.26 61.98
C GLY N 15 33.97 6.85 61.30
N LYS N 16 33.59 6.37 60.12
CA LYS N 16 32.64 7.05 59.27
C LYS N 16 31.21 6.80 59.73
N ILE N 17 30.25 7.28 58.95
CA ILE N 17 28.83 7.14 59.25
C ILE N 17 28.35 5.84 58.65
N VAL N 18 27.51 5.11 59.38
CA VAL N 18 26.92 3.89 58.84
C VAL N 18 25.91 4.28 57.76
N PRO N 19 25.88 3.57 56.64
CA PRO N 19 24.76 3.69 55.72
C PRO N 19 23.58 2.86 56.18
N SER N 20 22.38 3.32 55.82
CA SER N 20 21.17 2.55 56.11
C SER N 20 21.04 1.33 55.24
N ARG N 21 21.72 1.30 54.09
CA ARG N 21 21.67 0.14 53.21
C ARG N 21 22.37 -1.07 53.79
N ILE N 22 23.26 -0.86 54.77
CA ILE N 22 23.84 -1.97 55.53
C ILE N 22 23.21 -2.12 56.91
N THR N 23 22.82 -1.01 57.56
CA THR N 23 22.23 -1.06 58.89
C THR N 23 20.77 -1.54 58.86
N GLY N 24 19.95 -0.96 58.00
CA GLY N 24 18.58 -1.37 57.91
C GLY N 24 17.69 -0.73 58.97
N THR N 25 17.62 0.60 58.95
CA THR N 25 16.76 1.34 59.88
C THR N 25 16.39 2.69 59.29
N TYR N 29 13.85 6.81 60.72
CA TYR N 29 14.64 7.34 61.81
C TYR N 29 16.05 7.67 61.35
N GLN N 30 16.45 7.03 60.24
CA GLN N 30 17.76 7.28 59.67
C GLN N 30 17.91 8.71 59.18
N ARG N 31 16.85 9.28 58.62
CA ARG N 31 16.92 10.65 58.09
C ARG N 31 17.09 11.66 59.21
N GLN N 32 16.60 11.34 60.42
CA GLN N 32 16.96 12.11 61.60
C GLN N 32 18.35 11.74 62.10
N LEU N 33 18.69 10.46 61.98
CA LEU N 33 19.97 9.98 62.51
C LEU N 33 21.13 10.50 61.69
N ALA N 34 20.93 10.67 60.38
CA ALA N 34 21.99 11.16 59.51
C ALA N 34 22.42 12.57 59.90
N ARG N 35 21.45 13.50 59.97
CA ARG N 35 21.75 14.88 60.36
C ARG N 35 22.26 14.95 61.79
N ALA N 36 21.83 14.02 62.64
CA ALA N 36 22.39 13.89 63.98
C ALA N 36 23.87 13.55 63.92
N ILE N 37 24.25 12.71 62.96
CA ILE N 37 25.66 12.33 62.85
C ILE N 37 26.38 13.26 61.87
N LYS N 38 25.62 14.07 61.13
CA LYS N 38 26.23 15.15 60.35
C LYS N 38 26.89 16.18 61.27
N ARG N 39 26.22 16.51 62.37
CA ARG N 39 26.75 17.48 63.33
C ARG N 39 27.57 16.83 64.43
N ALA N 40 27.89 15.54 64.31
CA ALA N 40 28.53 14.78 65.36
C ALA N 40 29.98 15.20 65.65
N ARG N 41 30.58 15.97 64.79
CA ARG N 41 32.02 16.16 64.87
C ARG N 41 32.46 17.13 66.01
N TYR N 42 31.57 17.89 66.64
CA TYR N 42 31.99 18.85 67.66
C TYR N 42 31.72 18.40 69.08
N LEU N 43 31.03 17.26 69.27
CA LEU N 43 30.53 16.92 70.60
C LEU N 43 31.62 16.47 71.56
N SER N 44 32.77 16.06 71.05
CA SER N 44 33.93 15.55 71.80
C SER N 44 33.64 14.27 72.59
N LEU N 45 32.47 13.66 72.38
CA LEU N 45 32.23 12.31 72.86
C LEU N 45 32.66 11.28 71.82
N LEU N 46 33.18 11.77 70.69
CA LEU N 46 33.65 11.02 69.54
C LEU N 46 35.01 11.56 69.10
N PRO N 47 35.78 10.80 68.34
CA PRO N 47 36.97 11.38 67.69
C PRO N 47 36.58 12.08 66.40
N TYR N 48 37.53 12.75 65.75
CA TYR N 48 37.31 13.27 64.41
C TYR N 48 37.01 12.14 63.42
N THR N 49 37.86 11.13 63.40
CA THR N 49 37.58 9.84 62.78
C THR N 49 38.43 8.80 63.46
N ASP N 50 38.30 7.55 63.02
CA ASP N 50 39.03 6.47 63.69
C ASP N 50 40.51 6.49 63.33
N ARG N 51 40.88 7.07 62.19
CA ARG N 51 42.28 7.14 61.80
C ARG N 51 42.93 8.45 62.19
N HIS N 52 42.13 9.46 62.52
CA HIS N 52 42.58 10.69 63.17
C HIS N 52 41.40 11.35 63.87
N ASN O 1 -14.32 76.46 -27.80
CA ASN O 1 -14.24 75.78 -29.09
C ASN O 1 -15.49 76.20 -29.85
N ILE O 2 -15.64 75.72 -31.08
CA ILE O 2 -16.55 76.32 -32.04
C ILE O 2 -17.87 75.56 -32.03
N LYS O 3 -18.94 76.29 -31.72
CA LYS O 3 -20.24 75.72 -31.38
C LYS O 3 -21.23 76.90 -31.43
N SER O 4 -22.45 76.70 -30.92
CA SER O 4 -23.35 77.82 -30.71
C SER O 4 -23.38 78.24 -29.25
N ALA O 5 -22.25 78.19 -28.58
CA ALA O 5 -22.13 78.65 -27.21
C ALA O 5 -21.93 80.14 -27.10
N LYS O 6 -21.53 80.80 -28.19
CA LYS O 6 -21.23 82.23 -28.14
C LYS O 6 -22.50 83.05 -27.93
N LYS O 7 -23.64 82.53 -28.39
CA LYS O 7 -24.93 83.05 -27.99
C LYS O 7 -25.11 82.97 -26.48
N ARG O 8 -24.62 81.89 -25.87
CA ARG O 8 -24.84 81.70 -24.45
C ARG O 8 -23.70 82.28 -23.63
N ALA O 9 -22.46 82.13 -24.09
CA ALA O 9 -21.31 82.48 -23.25
C ALA O 9 -21.13 83.99 -23.13
N ILE O 10 -21.35 84.71 -24.23
CA ILE O 10 -21.25 86.17 -24.18
C ILE O 10 -22.41 86.74 -23.40
N GLN O 11 -23.57 86.08 -23.46
CA GLN O 11 -24.70 86.47 -22.63
C GLN O 11 -24.41 86.26 -21.16
N SER O 12 -23.62 85.22 -20.85
CA SER O 12 -23.18 85.03 -19.47
C SER O 12 -22.18 86.10 -19.06
N GLU O 13 -21.56 86.77 -20.03
CA GLU O 13 -20.76 87.95 -19.72
C GLU O 13 -21.63 89.19 -19.65
N LYS O 14 -22.69 89.24 -20.47
CA LYS O 14 -23.68 90.30 -20.34
C LYS O 14 -24.37 90.24 -19.00
N ALA O 15 -24.71 89.04 -18.56
CA ALA O 15 -25.27 88.82 -17.25
C ALA O 15 -24.21 88.73 -16.16
N ARG O 16 -22.94 88.96 -16.50
CA ARG O 16 -21.93 89.12 -15.48
C ARG O 16 -21.88 90.58 -15.01
N LYS O 17 -21.82 91.52 -15.97
CA LYS O 17 -21.67 92.93 -15.62
C LYS O 17 -22.96 93.49 -15.06
N HIS O 18 -24.05 93.41 -15.83
CA HIS O 18 -25.39 93.86 -15.49
C HIS O 18 -25.89 93.36 -14.13
N ASN O 19 -25.64 92.11 -13.81
CA ASN O 19 -26.15 91.56 -12.57
C ASN O 19 -25.30 91.95 -11.38
N ALA O 20 -23.98 91.78 -11.47
CA ALA O 20 -23.11 92.00 -10.32
C ALA O 20 -23.02 93.48 -9.94
N SER O 21 -23.28 94.37 -10.91
CA SER O 21 -23.33 95.79 -10.60
C SER O 21 -24.53 96.13 -9.74
N ARG O 22 -25.62 95.38 -9.88
CA ARG O 22 -26.77 95.61 -9.02
C ARG O 22 -26.60 94.93 -7.67
N ARG O 23 -25.56 94.10 -7.53
CA ARG O 23 -25.36 93.41 -6.27
C ARG O 23 -24.78 94.35 -5.23
N SER O 24 -23.92 95.27 -5.65
CA SER O 24 -23.37 96.26 -4.73
C SER O 24 -24.43 97.25 -4.29
N MET O 25 -25.43 97.48 -5.15
CA MET O 25 -26.56 98.32 -4.75
C MET O 25 -27.37 97.67 -3.63
N MET O 26 -27.50 96.35 -3.68
CA MET O 26 -28.02 95.62 -2.54
C MET O 26 -27.07 95.73 -1.35
N ARG O 27 -25.77 95.57 -1.60
CA ARG O 27 -24.82 95.55 -0.49
C ARG O 27 -24.58 96.93 0.09
N THR O 28 -24.88 98.00 -0.66
CA THR O 28 -24.79 99.35 -0.11
C THR O 28 -25.82 99.53 1.00
N PHE O 29 -27.04 99.08 0.75
CA PHE O 29 -28.09 99.20 1.77
C PHE O 29 -28.00 98.07 2.79
N ILE O 30 -27.06 97.14 2.60
CA ILE O 30 -26.68 96.25 3.69
C ILE O 30 -25.77 96.98 4.66
N LYS O 31 -24.80 97.73 4.14
CA LYS O 31 -23.73 98.31 4.96
C LYS O 31 -24.26 99.36 5.93
N LYS O 32 -25.07 100.29 5.45
CA LYS O 32 -25.51 101.41 6.28
C LYS O 32 -26.46 100.96 7.37
N VAL O 33 -27.15 99.83 7.17
CA VAL O 33 -27.94 99.26 8.25
C VAL O 33 -27.01 98.69 9.32
N TYR O 34 -25.98 97.97 8.90
CA TYR O 34 -24.99 97.49 9.85
C TYR O 34 -24.18 98.64 10.44
N ALA O 35 -24.02 99.72 9.70
CA ALA O 35 -23.39 100.91 10.27
C ALA O 35 -24.27 101.53 11.34
N ALA O 36 -25.58 101.54 11.11
CA ALA O 36 -26.51 102.13 12.08
C ALA O 36 -26.61 101.29 13.34
N ILE O 37 -26.51 99.96 13.19
CA ILE O 37 -26.40 99.09 14.37
C ILE O 37 -25.10 99.35 15.10
N GLU O 38 -24.03 99.59 14.35
CA GLU O 38 -22.75 99.92 14.95
C GLU O 38 -22.76 101.32 15.54
N ALA O 39 -23.61 102.20 15.00
CA ALA O 39 -23.65 103.59 15.45
C ALA O 39 -24.28 103.68 16.85
N GLY O 40 -25.16 102.76 17.19
CA GLY O 40 -25.82 102.81 18.47
C GLY O 40 -27.18 103.45 18.34
N ASP O 41 -27.46 103.95 17.14
CA ASP O 41 -28.74 104.60 16.86
C ASP O 41 -29.84 103.55 16.79
N LYS O 42 -31.07 104.01 17.00
CA LYS O 42 -32.24 103.16 16.91
C LYS O 42 -33.28 103.67 15.91
N ALA O 43 -33.47 104.98 15.82
CA ALA O 43 -34.54 105.52 14.98
C ALA O 43 -34.15 105.44 13.50
N ALA O 44 -32.90 105.79 13.17
CA ALA O 44 -32.49 105.73 11.77
C ALA O 44 -32.19 104.29 11.35
N ALA O 45 -31.94 103.41 12.32
CA ALA O 45 -31.83 101.99 12.01
C ALA O 45 -33.17 101.42 11.59
N GLN O 46 -34.27 102.04 12.02
CA GLN O 46 -35.57 101.69 11.48
C GLN O 46 -35.75 102.26 10.08
N LYS O 47 -35.09 103.37 9.77
CA LYS O 47 -35.30 104.03 8.48
C LYS O 47 -34.74 103.22 7.32
N ALA O 48 -33.44 102.93 7.35
CA ALA O 48 -32.80 102.19 6.25
C ALA O 48 -33.27 100.75 6.17
N PHE O 49 -33.65 100.15 7.30
CA PHE O 49 -34.23 98.82 7.27
C PHE O 49 -35.58 98.82 6.57
N ASN O 50 -36.44 99.77 6.94
CA ASN O 50 -37.73 99.87 6.25
C ASN O 50 -37.53 100.40 4.83
N GLU O 51 -36.41 101.06 4.56
CA GLU O 51 -36.05 101.39 3.20
C GLU O 51 -35.65 100.16 2.41
N MET O 52 -34.85 99.27 2.97
CA MET O 52 -34.29 98.17 2.22
C MET O 52 -35.23 96.98 2.09
N GLN O 53 -36.31 96.95 2.86
CA GLN O 53 -37.26 95.85 2.77
C GLN O 53 -37.93 95.70 1.40
N PRO O 54 -38.29 96.77 0.65
CA PRO O 54 -38.59 96.55 -0.77
C PRO O 54 -37.35 96.30 -1.61
N ILE O 55 -36.21 96.90 -1.23
CA ILE O 55 -34.98 96.75 -2.00
C ILE O 55 -34.47 95.31 -1.96
N VAL O 56 -34.73 94.60 -0.85
CA VAL O 56 -34.42 93.18 -0.76
C VAL O 56 -35.23 92.40 -1.79
N ASP O 57 -36.56 92.45 -1.70
CA ASP O 57 -37.37 91.57 -2.51
C ASP O 57 -37.46 91.98 -3.97
N ARG O 58 -37.11 93.24 -4.28
CA ARG O 58 -37.04 93.65 -5.68
C ARG O 58 -35.93 92.91 -6.42
N GLN O 59 -34.88 92.53 -5.72
CA GLN O 59 -33.84 91.69 -6.27
C GLN O 59 -33.77 90.35 -5.54
N ALA O 60 -34.93 89.84 -5.11
CA ALA O 60 -34.97 88.51 -4.51
C ALA O 60 -36.04 87.65 -5.15
N ALA O 61 -37.17 88.24 -5.53
CA ALA O 61 -38.18 87.46 -6.25
C ALA O 61 -37.68 87.13 -7.65
N LYS O 62 -37.45 88.15 -8.46
CA LYS O 62 -36.90 87.97 -9.81
C LYS O 62 -35.84 89.04 -10.01
N GLY O 63 -34.65 88.61 -10.45
CA GLY O 63 -33.48 89.45 -10.43
C GLY O 63 -32.22 88.64 -10.13
N LEU O 64 -31.45 89.09 -9.13
CA LEU O 64 -30.14 88.50 -8.86
C LEU O 64 -30.18 87.23 -8.03
N ILE O 65 -30.50 87.36 -6.74
CA ILE O 65 -30.14 86.35 -5.75
C ILE O 65 -31.37 86.08 -4.89
N HIS O 66 -31.72 84.81 -4.77
CA HIS O 66 -33.10 84.44 -4.49
C HIS O 66 -33.16 83.41 -3.38
N LYS O 67 -34.35 82.83 -3.21
CA LYS O 67 -34.60 81.58 -2.49
C LYS O 67 -34.26 81.72 -1.00
N ASN O 68 -34.91 82.71 -0.38
CA ASN O 68 -35.01 82.90 1.06
C ASN O 68 -33.69 83.17 1.76
N LYS O 69 -32.58 83.33 1.05
CA LYS O 69 -31.40 83.88 1.70
C LYS O 69 -31.61 85.35 1.98
N ALA O 70 -32.17 86.06 1.03
CA ALA O 70 -32.61 87.42 1.22
C ALA O 70 -33.74 87.51 2.24
N ALA O 71 -34.68 86.58 2.21
CA ALA O 71 -35.83 86.62 3.09
C ALA O 71 -35.54 86.24 4.53
N ARG O 72 -34.36 85.70 4.82
CA ARG O 72 -34.00 85.47 6.21
C ARG O 72 -33.17 86.62 6.77
N HIS O 73 -32.79 87.58 5.94
CA HIS O 73 -32.19 88.81 6.46
C HIS O 73 -33.21 89.61 7.25
N LYS O 74 -34.49 89.47 6.92
CA LYS O 74 -35.55 90.13 7.66
C LYS O 74 -35.69 89.58 9.07
N ALA O 75 -35.16 88.38 9.34
CA ALA O 75 -35.24 87.82 10.67
C ALA O 75 -34.12 88.30 11.57
N ASN O 76 -32.87 88.06 11.16
CA ASN O 76 -31.75 88.25 12.07
C ASN O 76 -31.42 89.73 12.26
N LEU O 77 -31.68 90.55 11.24
CA LEU O 77 -31.50 91.99 11.41
C LEU O 77 -32.54 92.56 12.36
N THR O 78 -33.79 92.11 12.23
CA THR O 78 -34.83 92.51 13.17
C THR O 78 -34.53 91.99 14.57
N ALA O 79 -33.89 90.83 14.67
CA ALA O 79 -33.58 90.28 15.98
C ALA O 79 -32.46 91.04 16.67
N GLN O 80 -31.59 91.70 15.92
CA GLN O 80 -30.54 92.47 16.57
C GLN O 80 -31.04 93.84 17.03
N ILE O 81 -31.81 94.52 16.18
CA ILE O 81 -32.17 95.91 16.44
C ILE O 81 -33.16 96.01 17.60
N ASN O 82 -33.88 94.92 17.89
CA ASN O 82 -34.68 94.91 19.10
C ASN O 82 -33.85 94.68 20.34
N LYS O 83 -32.68 94.04 20.21
CA LYS O 83 -31.81 93.83 21.35
C LYS O 83 -30.93 95.03 21.65
N LEU O 84 -30.89 96.03 20.78
CA LEU O 84 -29.99 97.16 20.97
C LEU O 84 -30.66 98.28 21.76
N ALA O 85 -31.73 98.84 21.22
CA ALA O 85 -32.44 99.93 21.87
C ALA O 85 -33.91 99.92 21.47
N LEU P 1 -23.60 -27.01 45.86
CA LEU P 1 -23.56 -28.39 45.40
C LEU P 1 -22.48 -29.18 46.15
N LYS P 2 -21.53 -29.72 45.39
CA LYS P 2 -20.45 -30.52 45.95
C LYS P 2 -19.23 -29.64 46.23
N ALA P 3 -19.40 -28.32 46.08
CA ALA P 3 -18.26 -27.41 46.13
C ALA P 3 -17.95 -26.93 47.54
N GLY P 4 -18.45 -27.62 48.56
CA GLY P 4 -17.90 -27.48 49.88
C GLY P 4 -16.50 -28.06 49.88
N VAL P 5 -16.32 -29.10 49.05
CA VAL P 5 -15.02 -29.72 48.79
C VAL P 5 -14.10 -28.73 48.08
N HIS P 6 -14.51 -28.27 46.89
CA HIS P 6 -13.63 -27.43 46.10
C HIS P 6 -14.06 -25.97 46.12
N PHE P 7 -13.19 -25.13 46.70
CA PHE P 7 -13.50 -23.70 46.77
C PHE P 7 -12.39 -22.78 46.28
N GLY P 8 -11.12 -23.09 46.51
CA GLY P 8 -10.12 -22.07 46.28
C GLY P 8 -8.69 -22.54 46.05
N HIS P 9 -7.98 -21.76 45.23
CA HIS P 9 -6.58 -21.95 44.86
C HIS P 9 -6.16 -20.61 44.24
N GLN P 10 -4.99 -20.56 43.58
CA GLN P 10 -4.59 -19.46 42.70
C GLN P 10 -4.47 -18.11 43.40
N THR P 11 -3.40 -17.92 44.17
CA THR P 11 -3.23 -16.80 45.09
C THR P 11 -3.20 -15.44 44.37
N ARG P 12 -3.07 -14.38 45.20
CA ARG P 12 -3.52 -12.99 45.06
C ARG P 12 -3.25 -12.34 43.70
N TYR P 13 -2.11 -12.58 43.03
CA TYR P 13 -1.78 -11.91 41.75
C TYR P 13 -2.81 -12.30 40.69
N TRP P 14 -3.52 -11.29 40.19
CA TRP P 14 -4.81 -11.49 39.55
C TRP P 14 -4.97 -10.57 38.34
N ASN P 15 -5.97 -10.87 37.54
CA ASN P 15 -6.39 -10.04 36.43
C ASN P 15 -7.74 -9.41 36.78
N PRO P 16 -7.88 -8.09 36.67
CA PRO P 16 -9.19 -7.47 36.94
C PRO P 16 -10.15 -7.47 35.76
N LYS P 17 -9.95 -8.34 34.77
CA LYS P 17 -11.06 -8.68 33.88
C LYS P 17 -12.06 -9.63 34.53
N MET P 18 -11.66 -10.30 35.61
CA MET P 18 -12.53 -11.23 36.34
C MET P 18 -13.18 -10.53 37.53
N LYS P 19 -13.90 -9.46 37.25
CA LYS P 19 -14.61 -8.77 38.31
C LYS P 19 -15.95 -9.41 38.74
N PRO P 20 -16.87 -9.80 37.84
CA PRO P 20 -18.18 -10.26 38.35
C PRO P 20 -18.14 -11.63 39.01
N PHE P 21 -17.39 -12.57 38.43
CA PHE P 21 -17.49 -13.95 38.87
C PHE P 21 -16.81 -14.20 40.21
N ILE P 22 -15.95 -13.29 40.67
CA ILE P 22 -15.36 -13.41 41.99
C ILE P 22 -16.38 -12.97 43.03
N PHE P 23 -16.61 -13.82 44.04
CA PHE P 23 -17.46 -13.45 45.17
C PHE P 23 -16.77 -12.40 46.04
N GLY P 24 -15.55 -12.68 46.48
CA GLY P 24 -14.83 -11.76 47.32
C GLY P 24 -13.58 -12.41 47.88
N ALA P 25 -12.62 -11.56 48.22
CA ALA P 25 -11.35 -12.04 48.76
C ALA P 25 -11.53 -12.53 50.20
N ARG P 26 -10.67 -13.46 50.59
CA ARG P 26 -10.68 -13.99 51.96
C ARG P 26 -9.26 -14.48 52.27
N ASN P 27 -8.51 -13.67 53.04
CA ASN P 27 -7.15 -13.97 53.50
C ASN P 27 -6.20 -14.22 52.32
N LYS P 28 -5.99 -13.16 51.53
CA LYS P 28 -5.03 -13.10 50.43
C LYS P 28 -5.36 -14.07 49.29
N VAL P 29 -6.64 -14.46 49.19
CA VAL P 29 -7.11 -15.28 48.08
C VAL P 29 -8.61 -15.05 47.96
N HIS P 30 -9.15 -15.26 46.76
CA HIS P 30 -10.56 -15.08 46.50
C HIS P 30 -11.26 -16.42 46.55
N ILE P 31 -12.58 -16.39 46.75
CA ILE P 31 -13.40 -17.60 46.84
C ILE P 31 -14.27 -17.71 45.59
N ILE P 32 -14.25 -18.88 44.97
CA ILE P 32 -15.18 -19.19 43.88
C ILE P 32 -16.54 -19.51 44.51
N ASN P 33 -17.56 -18.73 44.12
CA ASN P 33 -18.89 -18.84 44.70
C ASN P 33 -19.66 -19.99 44.04
N LEU P 34 -20.96 -20.03 44.33
CA LEU P 34 -21.89 -20.95 43.71
C LEU P 34 -22.96 -20.26 42.88
N GLU P 35 -23.29 -19.00 43.19
CA GLU P 35 -24.53 -18.40 42.72
C GLU P 35 -24.52 -18.14 41.22
N LYS P 36 -23.36 -17.82 40.65
CA LYS P 36 -23.26 -17.60 39.22
C LYS P 36 -22.77 -18.83 38.47
N THR P 37 -22.60 -19.95 39.15
CA THR P 37 -21.95 -21.07 38.49
C THR P 37 -22.76 -22.37 38.54
N VAL P 38 -23.45 -22.61 39.65
CA VAL P 38 -24.47 -23.67 39.78
C VAL P 38 -25.54 -23.59 38.69
N PRO P 39 -26.00 -22.36 38.22
CA PRO P 39 -26.71 -22.33 36.93
C PRO P 39 -25.90 -22.89 35.77
N MET P 40 -24.66 -22.44 35.59
CA MET P 40 -23.88 -22.93 34.48
C MET P 40 -23.31 -24.34 34.69
N PHE P 41 -23.51 -24.95 35.86
CA PHE P 41 -23.24 -26.38 35.96
C PHE P 41 -24.37 -27.23 35.37
N ASN P 42 -25.53 -26.65 35.13
CA ASN P 42 -26.57 -27.37 34.40
C ASN P 42 -27.27 -26.54 33.33
N GLU P 43 -26.89 -25.27 33.14
CA GLU P 43 -27.18 -24.62 31.87
C GLU P 43 -26.38 -25.27 30.75
N ALA P 44 -25.17 -25.75 31.09
CA ALA P 44 -24.35 -26.50 30.15
C ALA P 44 -25.04 -27.76 29.66
N LEU P 45 -25.66 -28.52 30.57
CA LEU P 45 -26.36 -29.74 30.19
C LEU P 45 -27.64 -29.47 29.41
N ALA P 46 -28.10 -28.23 29.32
CA ALA P 46 -29.11 -27.89 28.34
C ALA P 46 -28.53 -27.78 26.93
N GLU P 47 -27.20 -27.65 26.82
CA GLU P 47 -26.54 -27.57 25.52
C GLU P 47 -25.66 -28.77 25.21
N LEU P 48 -25.38 -29.64 26.20
CA LEU P 48 -24.59 -30.84 25.92
C LEU P 48 -25.32 -31.78 24.96
N ASN P 49 -26.54 -32.19 25.30
CA ASN P 49 -27.20 -33.28 24.59
C ASN P 49 -27.70 -32.87 23.20
N LYS P 50 -28.15 -31.63 23.04
CA LYS P 50 -28.66 -31.20 21.74
C LYS P 50 -27.54 -31.00 20.73
N ILE P 51 -26.38 -30.55 21.19
CA ILE P 51 -25.17 -30.64 20.37
C ILE P 51 -24.77 -32.10 20.18
N ALA P 52 -24.94 -32.93 21.20
CA ALA P 52 -24.60 -34.35 21.08
C ALA P 52 -25.60 -35.09 20.20
N SER P 53 -26.86 -34.60 20.13
CA SER P 53 -27.84 -35.23 19.25
C SER P 53 -27.61 -34.92 17.78
N ARG P 54 -26.60 -34.11 17.45
CA ARG P 54 -26.08 -33.95 16.11
C ARG P 54 -24.99 -34.98 15.78
N LYS P 55 -24.91 -36.07 16.55
CA LYS P 55 -23.83 -37.07 16.50
C LYS P 55 -22.48 -36.40 16.71
N GLY P 56 -22.30 -35.86 17.92
CA GLY P 56 -21.28 -34.88 18.17
C GLY P 56 -19.87 -35.42 18.26
N LYS P 57 -18.95 -34.46 18.44
CA LYS P 57 -17.53 -34.71 18.64
C LYS P 57 -17.03 -33.65 19.61
N ILE P 58 -16.61 -34.07 20.79
CA ILE P 58 -16.23 -33.14 21.86
C ILE P 58 -14.77 -33.41 22.21
N LEU P 59 -13.88 -32.56 21.70
CA LEU P 59 -12.44 -32.68 21.96
C LEU P 59 -12.14 -32.20 23.36
N PHE P 60 -11.80 -33.14 24.25
CA PHE P 60 -11.34 -32.77 25.58
C PHE P 60 -9.91 -32.26 25.50
N VAL P 61 -9.75 -30.96 25.27
CA VAL P 61 -8.42 -30.36 25.20
C VAL P 61 -7.88 -30.24 26.62
N GLY P 62 -6.93 -31.10 26.98
CA GLY P 62 -6.54 -31.28 28.36
C GLY P 62 -5.06 -31.27 28.65
N THR P 63 -4.30 -30.35 28.06
CA THR P 63 -2.84 -30.45 28.08
C THR P 63 -2.19 -30.09 29.53
N LYS P 64 -2.99 -30.04 30.60
CA LYS P 64 -2.43 -30.05 31.95
C LYS P 64 -1.85 -31.43 32.28
N ARG P 65 -1.13 -31.48 33.40
CA ARG P 65 -0.49 -32.72 33.84
C ARG P 65 -1.42 -33.57 34.69
N ALA P 66 -2.19 -32.93 35.59
CA ALA P 66 -3.09 -33.64 36.47
C ALA P 66 -4.24 -34.29 35.71
N ALA P 67 -4.55 -33.78 34.53
CA ALA P 67 -5.58 -34.32 33.66
C ALA P 67 -5.04 -35.41 32.72
N SER P 68 -3.97 -36.10 33.11
CA SER P 68 -3.43 -37.19 32.31
C SER P 68 -4.44 -38.33 32.17
N GLU P 69 -4.81 -38.94 33.28
CA GLU P 69 -5.93 -39.87 33.29
C GLU P 69 -7.25 -39.17 33.59
N ALA P 70 -7.22 -38.03 34.26
CA ALA P 70 -8.40 -37.39 34.82
C ALA P 70 -9.31 -36.76 33.76
N VAL P 71 -8.94 -36.83 32.49
CA VAL P 71 -9.81 -36.39 31.41
C VAL P 71 -10.23 -37.54 30.50
N LYS P 72 -9.53 -38.67 30.53
CA LYS P 72 -9.99 -39.88 29.86
C LYS P 72 -10.72 -40.83 30.80
N ASP P 73 -11.26 -40.31 31.90
CA ASP P 73 -11.90 -41.12 32.93
C ASP P 73 -13.12 -41.86 32.37
N ALA P 74 -14.08 -41.11 31.82
CA ALA P 74 -15.24 -41.69 31.15
C ALA P 74 -15.44 -40.94 29.83
N ALA P 75 -14.35 -40.73 29.10
CA ALA P 75 -14.39 -39.93 27.88
C ALA P 75 -14.72 -40.73 26.64
N LEU P 76 -13.96 -41.78 26.34
CA LEU P 76 -14.20 -42.58 25.16
C LEU P 76 -15.04 -43.82 25.44
N SER P 77 -15.17 -44.22 26.70
CA SER P 77 -16.18 -45.23 27.06
C SER P 77 -17.59 -44.69 26.91
N CYS P 78 -17.75 -43.37 27.00
CA CYS P 78 -18.98 -42.67 26.66
C CYS P 78 -19.00 -42.26 25.19
N ASP P 79 -17.98 -42.69 24.43
CA ASP P 79 -17.82 -42.46 22.98
C ASP P 79 -17.72 -40.96 22.67
N GLN P 80 -16.69 -40.34 23.21
CA GLN P 80 -16.27 -39.01 22.80
C GLN P 80 -14.76 -39.04 22.64
N PHE P 81 -14.17 -37.87 22.43
CA PHE P 81 -12.77 -37.75 22.06
C PHE P 81 -12.01 -37.03 23.16
N PHE P 82 -10.69 -37.19 23.16
CA PHE P 82 -9.85 -36.54 24.16
C PHE P 82 -8.42 -36.49 23.66
N VAL P 83 -7.69 -35.48 24.12
CA VAL P 83 -6.24 -35.39 23.99
C VAL P 83 -5.72 -34.98 25.36
N ASN P 84 -5.13 -35.92 26.08
CA ASN P 84 -4.62 -35.65 27.42
C ASN P 84 -3.13 -35.33 27.42
N HIS P 85 -2.60 -34.84 26.31
CA HIS P 85 -1.17 -34.56 26.20
C HIS P 85 -1.02 -33.35 25.26
N ARG P 86 0.20 -33.21 24.71
CA ARG P 86 0.65 -32.08 23.91
C ARG P 86 -0.27 -31.75 22.74
N TRP P 87 -0.20 -30.51 22.28
CA TRP P 87 -1.25 -29.93 21.45
C TRP P 87 -0.68 -29.50 20.11
N LEU P 88 -1.37 -29.86 19.03
CA LEU P 88 -0.97 -29.42 17.70
C LEU P 88 -1.60 -28.07 17.44
N GLY P 89 -0.82 -27.17 16.83
CA GLY P 89 -1.33 -25.86 16.48
C GLY P 89 -2.44 -25.96 15.46
N GLY P 90 -3.67 -25.74 15.92
CA GLY P 90 -4.81 -25.85 15.03
C GLY P 90 -5.46 -27.20 14.98
N MET P 91 -5.92 -27.75 16.10
CA MET P 91 -6.57 -29.06 16.02
C MET P 91 -7.99 -28.93 15.49
N LEU P 92 -8.49 -27.69 15.36
CA LEU P 92 -9.66 -27.40 14.54
C LEU P 92 -9.27 -26.74 13.22
N THR P 93 -8.63 -25.56 13.32
CA THR P 93 -8.43 -24.71 12.15
C THR P 93 -7.35 -25.23 11.22
N ASN P 94 -6.61 -26.25 11.62
CA ASN P 94 -5.55 -26.81 10.80
C ASN P 94 -5.71 -28.33 10.76
N TRP P 95 -6.89 -28.81 11.17
CA TRP P 95 -7.19 -30.23 11.30
C TRP P 95 -7.12 -30.99 9.98
N LYS P 96 -7.49 -30.33 8.88
CA LYS P 96 -7.57 -31.03 7.60
C LYS P 96 -6.19 -31.47 7.11
N THR P 97 -5.14 -30.73 7.43
CA THR P 97 -3.80 -31.21 7.15
C THR P 97 -3.19 -31.96 8.34
N VAL P 98 -3.89 -32.02 9.47
CA VAL P 98 -3.53 -33.02 10.49
C VAL P 98 -3.97 -34.40 10.01
N ARG P 99 -5.08 -34.46 9.27
CA ARG P 99 -5.47 -35.68 8.59
C ARG P 99 -4.45 -36.08 7.52
N GLN P 100 -3.82 -35.09 6.87
CA GLN P 100 -2.65 -35.37 6.04
C GLN P 100 -1.50 -35.94 6.85
N SER P 101 -1.37 -35.56 8.11
CA SER P 101 -0.39 -36.19 8.99
C SER P 101 -0.89 -37.51 9.57
N ILE P 102 -2.10 -37.94 9.22
CA ILE P 102 -2.53 -39.32 9.42
C ILE P 102 -2.38 -40.10 8.13
N LYS P 103 -2.30 -39.43 6.98
CA LYS P 103 -1.97 -40.09 5.71
C LYS P 103 -0.55 -40.65 5.74
N ARG P 104 0.34 -40.06 6.54
CA ARG P 104 1.61 -40.67 6.87
C ARG P 104 1.42 -41.92 7.74
N LEU P 105 0.35 -41.96 8.52
CA LEU P 105 0.24 -42.87 9.65
C LEU P 105 -0.48 -44.18 9.33
N LYS P 106 -1.71 -44.09 8.80
CA LYS P 106 -2.53 -45.29 8.72
C LYS P 106 -2.12 -46.26 7.63
N ASP P 107 -1.26 -45.85 6.68
CA ASP P 107 -0.63 -46.82 5.81
C ASP P 107 0.57 -47.48 6.47
N LEU P 108 1.15 -46.83 7.48
CA LEU P 108 2.18 -47.45 8.32
C LEU P 108 1.55 -48.23 9.47
N GLU P 109 0.25 -48.04 9.73
CA GLU P 109 -0.49 -48.96 10.60
C GLU P 109 -0.57 -50.35 10.00
N THR P 110 -0.49 -50.46 8.67
CA THR P 110 -0.47 -51.75 8.00
C THR P 110 0.73 -52.61 8.37
N GLN P 111 1.83 -51.99 8.80
CA GLN P 111 2.97 -52.75 9.33
C GLN P 111 2.60 -53.44 10.64
N SER P 112 1.70 -52.85 11.42
CA SER P 112 1.34 -53.35 12.74
C SER P 112 0.18 -54.33 12.71
N GLN P 113 -0.90 -54.00 11.99
CA GLN P 113 -2.04 -54.90 11.91
C GLN P 113 -1.76 -56.13 11.07
N ASP P 114 -0.75 -56.07 10.19
CA ASP P 114 -0.22 -57.26 9.56
C ASP P 114 1.13 -57.61 10.20
N GLY P 115 1.78 -58.64 9.67
CA GLY P 115 3.09 -59.02 10.16
C GLY P 115 4.20 -58.52 9.26
N THR P 116 3.90 -57.50 8.46
CA THR P 116 4.84 -56.97 7.48
C THR P 116 5.73 -55.88 8.05
N PHE P 117 5.89 -55.81 9.38
CA PHE P 117 6.87 -54.92 9.98
C PHE P 117 8.27 -55.52 10.02
N ASP P 118 8.40 -56.81 9.68
CA ASP P 118 9.69 -57.49 9.68
C ASP P 118 10.63 -56.96 8.59
N LYS P 119 10.08 -56.36 7.53
CA LYS P 119 10.87 -55.76 6.47
C LYS P 119 11.65 -54.55 7.00
N LEU P 120 12.59 -54.07 6.15
CA LEU P 120 13.50 -52.97 6.46
C LEU P 120 14.30 -53.28 7.72
N THR P 121 15.29 -54.18 7.55
CA THR P 121 16.08 -54.88 8.55
C THR P 121 16.53 -54.03 9.74
N LYS P 122 16.62 -54.67 10.92
CA LYS P 122 16.32 -54.06 12.21
C LYS P 122 17.18 -52.87 12.59
N LYS P 123 18.32 -52.64 11.92
CA LYS P 123 19.01 -51.36 12.11
C LYS P 123 18.17 -50.21 11.58
N GLU P 124 17.44 -50.44 10.48
CA GLU P 124 16.43 -49.49 10.07
C GLU P 124 15.26 -49.46 11.05
N ALA P 125 14.83 -50.63 11.52
CA ALA P 125 13.71 -50.71 12.44
C ALA P 125 14.06 -50.29 13.87
N LEU P 126 15.33 -49.95 14.14
CA LEU P 126 15.67 -49.29 15.40
C LEU P 126 14.96 -47.94 15.50
N MET P 127 15.21 -47.07 14.53
CA MET P 127 14.67 -45.72 14.57
C MET P 127 13.19 -45.66 14.26
N ARG P 128 12.64 -46.68 13.60
CA ARG P 128 11.25 -46.61 13.15
C ARG P 128 10.25 -46.74 14.28
N THR P 129 10.66 -47.22 15.45
CA THR P 129 9.78 -47.25 16.60
C THR P 129 9.60 -45.89 17.25
N ARG P 130 10.43 -44.90 16.87
CA ARG P 130 10.43 -43.61 17.55
C ARG P 130 9.26 -42.74 17.11
N GLU P 131 8.81 -42.87 15.86
CA GLU P 131 7.50 -42.32 15.52
C GLU P 131 6.39 -43.14 16.17
N LEU P 132 6.56 -44.46 16.21
CA LEU P 132 5.56 -45.35 16.82
C LEU P 132 5.44 -45.15 18.32
N GLU P 133 6.47 -44.61 18.98
CA GLU P 133 6.29 -44.07 20.31
C GLU P 133 5.41 -42.83 20.30
N LYS P 134 5.65 -41.92 19.34
CA LYS P 134 5.23 -40.54 19.47
C LYS P 134 4.08 -40.13 18.57
N LEU P 135 3.81 -40.87 17.48
CA LEU P 135 2.67 -40.54 16.64
C LEU P 135 1.36 -40.79 17.36
N GLU P 136 1.27 -41.86 18.15
CA GLU P 136 0.06 -42.17 18.89
C GLU P 136 -0.03 -41.45 20.24
N ASN P 137 0.85 -40.48 20.49
CA ASN P 137 0.76 -39.68 21.71
C ASN P 137 -0.26 -38.54 21.52
N SER P 138 0.02 -37.64 20.58
CA SER P 138 -0.83 -36.48 20.37
C SER P 138 -2.00 -36.76 19.46
N LEU P 139 -2.06 -37.95 18.85
CA LEU P 139 -3.13 -38.30 17.93
C LEU P 139 -4.07 -39.34 18.54
N GLY P 140 -4.37 -39.22 19.84
CA GLY P 140 -5.16 -40.20 20.54
C GLY P 140 -6.60 -40.32 20.11
N GLY P 141 -7.40 -39.29 20.36
CA GLY P 141 -8.81 -39.34 20.02
C GLY P 141 -9.11 -38.76 18.65
N ILE P 142 -8.27 -39.05 17.66
CA ILE P 142 -8.42 -38.46 16.33
C ILE P 142 -8.34 -39.54 15.27
N LYS P 143 -7.87 -40.74 15.65
CA LYS P 143 -7.84 -41.85 14.69
C LYS P 143 -9.25 -42.40 14.46
N ASP P 144 -10.06 -42.43 15.50
CA ASP P 144 -11.48 -42.76 15.40
C ASP P 144 -12.33 -41.63 14.85
N MET P 145 -11.74 -40.45 14.67
CA MET P 145 -12.46 -39.27 14.21
C MET P 145 -12.65 -39.35 12.70
N GLY P 146 -13.75 -38.79 12.20
CA GLY P 146 -13.94 -38.70 10.78
C GLY P 146 -14.37 -37.33 10.29
N GLY P 147 -14.41 -36.36 11.21
CA GLY P 147 -14.93 -35.05 10.87
C GLY P 147 -14.41 -33.97 11.78
N LEU P 148 -14.86 -32.76 11.52
CA LEU P 148 -14.54 -31.62 12.36
C LEU P 148 -15.17 -31.80 13.74
N PRO P 149 -14.54 -31.32 14.82
CA PRO P 149 -15.15 -31.43 16.15
C PRO P 149 -16.44 -30.62 16.25
N ASP P 150 -17.53 -31.36 16.50
CA ASP P 150 -18.87 -30.79 16.52
C ASP P 150 -19.13 -29.90 17.73
N ALA P 151 -18.25 -29.93 18.72
CA ALA P 151 -18.26 -28.99 19.82
C ALA P 151 -16.80 -28.73 20.21
N LEU P 152 -16.60 -28.09 21.36
CA LEU P 152 -15.25 -27.79 21.80
C LEU P 152 -15.26 -27.68 23.31
N PHE P 153 -14.22 -28.23 23.94
CA PHE P 153 -14.15 -28.32 25.40
C PHE P 153 -12.70 -28.14 25.83
N VAL P 154 -12.33 -26.92 26.17
CA VAL P 154 -11.07 -26.71 26.89
C VAL P 154 -11.35 -26.81 28.38
N ILE P 155 -10.46 -27.49 29.10
CA ILE P 155 -10.70 -27.70 30.53
C ILE P 155 -10.14 -26.55 31.37
N ASP P 156 -9.09 -25.87 30.91
CA ASP P 156 -8.45 -24.85 31.72
C ASP P 156 -7.98 -23.74 30.81
N ALA P 157 -8.14 -22.51 31.29
CA ALA P 157 -7.94 -21.33 30.46
C ALA P 157 -6.66 -20.56 30.82
N ASP P 158 -5.72 -21.19 31.51
CA ASP P 158 -4.42 -20.56 31.70
C ASP P 158 -3.28 -21.34 31.06
N HIS P 159 -3.43 -22.64 30.88
CA HIS P 159 -2.42 -23.39 30.15
C HIS P 159 -2.64 -23.30 28.64
N GLU P 160 -3.77 -23.82 28.16
CA GLU P 160 -4.05 -23.79 26.73
C GLU P 160 -4.90 -22.59 26.33
N HIS P 161 -4.48 -21.39 26.73
CA HIS P 161 -5.09 -20.20 26.15
C HIS P 161 -4.48 -19.90 24.79
N ILE P 162 -3.32 -20.51 24.48
CA ILE P 162 -2.87 -20.61 23.10
C ILE P 162 -3.92 -21.31 22.25
N ALA P 163 -4.50 -22.39 22.80
CA ALA P 163 -5.52 -23.14 22.07
C ALA P 163 -6.82 -22.37 21.97
N ILE P 164 -7.24 -21.71 23.06
CA ILE P 164 -8.48 -20.94 23.08
C ILE P 164 -8.40 -19.79 22.09
N LYS P 165 -7.23 -19.15 22.00
CA LYS P 165 -6.98 -18.10 21.01
C LYS P 165 -7.14 -18.61 19.59
N GLU P 166 -6.88 -19.89 19.35
CA GLU P 166 -7.20 -20.46 18.06
C GLU P 166 -8.61 -21.05 18.04
N ALA P 167 -9.16 -21.36 19.22
CA ALA P 167 -10.49 -21.98 19.27
C ALA P 167 -11.59 -20.96 19.03
N ASN P 168 -11.48 -19.78 19.64
CA ASN P 168 -12.47 -18.74 19.40
C ASN P 168 -12.34 -18.12 18.02
N ASN P 169 -11.23 -18.40 17.34
CA ASN P 169 -10.91 -17.78 16.06
C ASN P 169 -11.84 -18.25 14.95
N LEU P 170 -12.47 -19.42 15.10
CA LEU P 170 -13.28 -20.00 14.02
C LEU P 170 -14.68 -20.40 14.47
N GLY P 171 -15.14 -19.90 15.62
CA GLY P 171 -16.56 -19.95 15.97
C GLY P 171 -17.17 -21.31 16.26
N ILE P 172 -16.66 -22.01 17.27
CA ILE P 172 -17.26 -23.24 17.77
C ILE P 172 -17.57 -23.00 19.25
N PRO P 173 -18.73 -23.43 19.75
CA PRO P 173 -19.05 -23.20 21.17
C PRO P 173 -18.14 -23.99 22.09
N VAL P 174 -17.79 -23.37 23.21
CA VAL P 174 -16.75 -23.87 24.13
C VAL P 174 -17.36 -23.96 25.52
N PHE P 175 -17.30 -25.15 26.12
CA PHE P 175 -17.78 -25.40 27.48
C PHE P 175 -16.57 -25.34 28.41
N ALA P 176 -16.01 -24.14 28.59
CA ALA P 176 -14.75 -24.03 29.30
C ALA P 176 -14.96 -24.06 30.80
N ILE P 177 -13.85 -24.12 31.54
CA ILE P 177 -13.83 -23.87 32.98
C ILE P 177 -12.68 -22.89 33.21
N VAL P 178 -13.02 -21.61 33.41
CA VAL P 178 -12.00 -20.57 33.46
C VAL P 178 -11.53 -20.38 34.89
N ASP P 179 -10.39 -19.72 35.03
CA ASP P 179 -9.72 -19.48 36.29
C ASP P 179 -9.99 -18.03 36.75
N THR P 180 -9.68 -17.78 38.02
CA THR P 180 -9.88 -16.49 38.66
C THR P 180 -9.00 -15.37 38.08
N ASN P 181 -7.97 -15.71 37.31
CA ASN P 181 -7.01 -14.74 36.82
C ASN P 181 -6.82 -14.83 35.31
N SER P 182 -7.93 -14.86 34.58
CA SER P 182 -7.94 -15.23 33.17
C SER P 182 -8.16 -14.02 32.27
N ASP P 183 -8.10 -14.29 30.96
CA ASP P 183 -8.61 -13.39 29.94
C ASP P 183 -9.89 -14.02 29.41
N PRO P 184 -11.01 -13.82 30.09
CA PRO P 184 -12.17 -14.70 29.90
C PRO P 184 -13.01 -14.40 28.68
N ASP P 185 -12.77 -13.29 27.97
CA ASP P 185 -13.73 -12.79 27.00
C ASP P 185 -13.63 -13.45 25.63
N GLY P 186 -13.06 -14.66 25.55
CA GLY P 186 -13.09 -15.40 24.31
C GLY P 186 -14.15 -16.49 24.33
N VAL P 187 -14.22 -17.24 25.43
CA VAL P 187 -15.22 -18.29 25.59
C VAL P 187 -16.54 -17.61 25.95
N ASP P 188 -17.49 -17.63 25.03
CA ASP P 188 -18.80 -17.02 25.25
C ASP P 188 -19.79 -17.93 25.94
N PHE P 189 -19.32 -19.04 26.53
CA PHE P 189 -20.14 -19.91 27.38
C PHE P 189 -19.23 -20.35 28.52
N VAL P 190 -19.22 -19.58 29.60
CA VAL P 190 -18.08 -19.49 30.48
C VAL P 190 -18.46 -19.97 31.89
N ILE P 191 -17.53 -20.68 32.53
CA ILE P 191 -17.71 -21.22 33.86
C ILE P 191 -16.47 -20.91 34.69
N PRO P 192 -16.57 -20.16 35.76
CA PRO P 192 -15.41 -19.91 36.64
C PRO P 192 -15.25 -20.96 37.73
N GLY P 193 -15.38 -22.23 37.36
CA GLY P 193 -15.22 -23.31 38.31
C GLY P 193 -13.77 -23.52 38.70
N ASN P 194 -13.57 -24.44 39.63
CA ASN P 194 -12.24 -24.76 40.13
C ASN P 194 -11.54 -25.61 39.08
N ASP P 195 -10.68 -24.97 38.27
CA ASP P 195 -9.90 -25.66 37.25
C ASP P 195 -8.48 -25.95 37.72
N ASP P 196 -8.31 -26.19 39.01
CA ASP P 196 -7.09 -26.70 39.61
C ASP P 196 -7.54 -27.91 40.42
N ALA P 197 -6.67 -28.45 41.30
CA ALA P 197 -7.07 -29.39 42.36
C ALA P 197 -7.67 -30.70 41.83
N ILE P 198 -6.82 -31.60 41.34
CA ILE P 198 -7.11 -32.86 40.62
C ILE P 198 -8.31 -33.66 41.15
N ARG P 199 -8.59 -33.55 42.45
CA ARG P 199 -9.82 -34.07 43.02
C ARG P 199 -11.06 -33.43 42.39
N ALA P 200 -10.97 -32.14 42.06
CA ALA P 200 -12.15 -31.43 41.56
C ALA P 200 -12.32 -31.53 40.05
N VAL P 201 -11.24 -31.79 39.31
CA VAL P 201 -11.36 -31.82 37.85
C VAL P 201 -12.07 -33.08 37.38
N THR P 202 -12.06 -34.14 38.20
CA THR P 202 -12.88 -35.31 37.93
C THR P 202 -14.35 -35.03 38.18
N LEU P 203 -14.66 -34.08 39.06
CA LEU P 203 -16.03 -33.83 39.48
C LEU P 203 -16.85 -33.05 38.45
N TYR P 204 -16.24 -32.63 37.34
CA TYR P 204 -17.01 -32.08 36.22
C TYR P 204 -17.00 -33.00 35.02
N LEU P 205 -15.86 -33.66 34.77
CA LEU P 205 -15.73 -34.51 33.60
C LEU P 205 -16.55 -35.78 33.75
N GLY P 206 -16.57 -36.35 34.96
CA GLY P 206 -17.47 -37.46 35.22
C GLY P 206 -18.91 -37.01 35.35
N ALA P 207 -19.13 -35.75 35.72
CA ALA P 207 -20.49 -35.23 35.83
C ALA P 207 -21.14 -35.08 34.47
N VAL P 208 -20.37 -34.70 33.45
CA VAL P 208 -20.92 -34.61 32.10
C VAL P 208 -21.14 -36.00 31.52
N ALA P 209 -20.18 -36.91 31.75
CA ALA P 209 -20.10 -38.16 30.99
C ALA P 209 -21.16 -39.19 31.37
N ALA P 210 -22.00 -38.91 32.37
CA ALA P 210 -23.07 -39.85 32.69
C ALA P 210 -24.25 -39.75 31.75
N THR P 211 -24.27 -38.75 30.85
CA THR P 211 -25.44 -38.48 30.03
C THR P 211 -25.19 -38.45 28.53
N VAL P 212 -23.94 -38.31 28.08
CA VAL P 212 -23.70 -37.99 26.68
C VAL P 212 -23.87 -39.23 25.79
N ARG P 213 -23.83 -40.44 26.37
CA ARG P 213 -24.28 -41.63 25.64
C ARG P 213 -25.73 -41.50 25.22
N GLU P 214 -26.57 -40.98 26.11
CA GLU P 214 -27.94 -40.62 25.75
C GLU P 214 -28.01 -39.29 25.01
N GLY P 215 -26.89 -38.56 24.92
CA GLY P 215 -26.88 -37.29 24.22
C GLY P 215 -27.15 -37.42 22.73
N ARG P 216 -26.54 -38.42 22.09
CA ARG P 216 -26.83 -38.75 20.69
C ARG P 216 -28.25 -39.26 20.47
N SER P 217 -28.91 -39.74 21.53
CA SER P 217 -30.30 -40.21 21.53
C SER P 217 -30.57 -41.33 20.52
#